data_9FVT
#
_entry.id   9FVT
#
_cell.length_a   115.268
_cell.length_b   115.268
_cell.length_c   169.831
_cell.angle_alpha   90.00
_cell.angle_beta   90.00
_cell.angle_gamma   90.00
#
_symmetry.space_group_name_H-M   'P 43'
#
loop_
_entity.id
_entity.type
_entity.pdbx_description
1 polymer Sulfatase
2 non-polymer 'MAGNESIUM ION'
3 water water
#
_entity_poly.entity_id   1
_entity_poly.type   'polypeptide(L)'
_entity_poly.pdbx_seq_one_letter_code
;NKKPNIVFILTDDQSSIPINKPHSAGESRPFGFNGDKYVHTPIIDELAKNGMIFSNATVSTPVCSASRYSILTGRYAGRS
KGSVFMKLHPKGKMTRVENNVELEEDQDNLAKLLQKAGYKTGFVGKSHIIDHNLLHKQEKQLPPFKSYDKKANPKDPEVN
KAIHHNHEIWCKRIQDFGFDYANGVYAANLRELFNDSINVHNVEWKNKAALDFIDQVDKEEPFFLYYSETIPHGPAPWIR
RGGKYPYGLDSNPSFNGEGYDNNDYSYLPSRDKIKEEVKRLNKDVDHAWLTWFDYAVGAVVKKLKEKGVYENTLIVITSD
HGNFDYEKATLYEGGLEVPLAMHWPNGIKPNSTYDGMVQNIDFTPTFLELAGVTKVKDSIDGLSLTNVLAGKEKKEIRDY
LFFEIGLARGVRTKDWKYIAVRYDEASQRIVDSGKMFKGYKGHDHKLPHYVRNGHLGYYGAKDHPLYFDKNQLFNRVTDP
EETKNLYNINSKKADEMKKKLLEKLVTFPDRPFGEFINK
;
_entity_poly.pdbx_strand_id   A,B,C,D
#
loop_
_chem_comp.id
_chem_comp.type
_chem_comp.name
_chem_comp.formula
MG non-polymer 'MAGNESIUM ION' 'Mg 2'
#
# COMPACT_ATOMS: atom_id res chain seq x y z
N ASN A 1 44.41 19.56 40.11
CA ASN A 1 44.01 20.81 40.82
C ASN A 1 43.69 21.90 39.78
N LYS A 2 44.65 22.23 38.89
CA LYS A 2 44.43 23.22 37.84
C LYS A 2 43.66 22.71 36.62
N LYS A 3 43.85 21.45 36.27
CA LYS A 3 43.24 20.87 35.09
C LYS A 3 42.06 20.01 35.57
N PRO A 4 40.86 20.20 35.01
CA PRO A 4 39.69 19.39 35.43
C PRO A 4 39.75 17.98 34.88
N ASN A 5 39.21 17.03 35.64
CA ASN A 5 39.07 15.66 35.16
C ASN A 5 37.90 15.64 34.17
N ILE A 6 37.92 14.64 33.27
CA ILE A 6 36.86 14.47 32.28
C ILE A 6 36.41 13.01 32.28
N VAL A 7 35.10 12.80 32.50
CA VAL A 7 34.48 11.50 32.40
C VAL A 7 33.42 11.59 31.32
N PHE A 8 33.69 10.86 30.22
CA PHE A 8 32.86 10.90 29.02
C PHE A 8 32.10 9.60 28.96
N ILE A 9 30.76 9.68 29.15
CA ILE A 9 29.94 8.48 29.23
C ILE A 9 29.00 8.45 28.04
N LEU A 10 29.15 7.41 27.22
CA LEU A 10 28.51 7.33 25.90
C LEU A 10 27.66 6.07 25.82
N THR A 11 26.38 6.22 25.51
CA THR A 11 25.54 5.10 25.12
C THR A 11 25.60 4.86 23.60
N ASP A 12 24.91 3.80 23.12
CA ASP A 12 25.09 3.25 21.77
C ASP A 12 23.72 3.12 21.10
N ASP A 13 23.46 3.95 20.09
CA ASP A 13 22.20 3.88 19.32
C ASP A 13 21.00 4.40 20.12
N GLN A 14 21.19 5.49 20.87
CA GLN A 14 20.15 6.07 21.69
C GLN A 14 19.83 7.48 21.21
N SER A 15 18.71 7.62 20.49
CA SER A 15 18.16 8.93 20.13
C SER A 15 17.77 9.76 21.34
N SER A 16 17.72 11.10 21.19
CA SER A 16 17.12 12.01 22.15
C SER A 16 15.58 12.08 22.02
N ILE A 17 14.98 11.46 21.01
CA ILE A 17 13.54 11.64 20.72
C ILE A 17 12.69 10.85 21.71
N PRO A 18 11.86 11.52 22.53
CA PRO A 18 11.04 10.80 23.50
C PRO A 18 9.89 10.09 22.84
N ILE A 19 9.45 8.99 23.49
CA ILE A 19 8.38 8.15 22.96
C ILE A 19 7.15 8.43 23.79
N ASN A 20 6.16 9.10 23.19
CA ASN A 20 5.08 9.68 24.00
C ASN A 20 3.89 8.71 24.11
N LYS A 21 4.15 7.49 24.55
CA LYS A 21 3.12 6.47 24.72
C LYS A 21 3.72 5.41 25.64
N PRO A 22 2.90 4.62 26.39
CA PRO A 22 3.46 3.67 27.34
C PRO A 22 4.15 2.46 26.76
N HIS A 23 3.81 2.03 25.53
CA HIS A 23 4.47 0.92 24.86
C HIS A 23 5.37 1.53 23.79
N SER A 24 6.67 1.31 23.90
CA SER A 24 7.59 2.03 23.01
C SER A 24 7.66 1.43 21.61
N ALA A 25 7.06 0.24 21.40
CA ALA A 25 6.88 -0.37 20.11
C ALA A 25 8.22 -0.47 19.34
N GLY A 26 9.21 -1.01 20.05
CA GLY A 26 10.46 -1.43 19.44
C GLY A 26 11.49 -0.31 19.31
N GLU A 27 11.24 0.80 20.01
CA GLU A 27 12.15 1.95 20.02
C GLU A 27 12.84 2.08 21.38
N SER A 28 14.09 2.58 21.34
CA SER A 28 14.80 3.08 22.50
C SER A 28 14.02 4.22 23.13
N ARG A 29 14.28 4.47 24.41
CA ARG A 29 13.83 5.67 25.06
C ARG A 29 15.04 6.49 25.48
N PRO A 30 14.92 7.84 25.51
CA PRO A 30 16.01 8.70 25.99
C PRO A 30 15.94 8.85 27.50
N PHE A 31 16.77 9.69 28.08
CA PHE A 31 16.74 9.91 29.51
C PHE A 31 15.56 10.79 29.92
N GLY A 32 15.34 10.85 31.22
CA GLY A 32 14.27 11.68 31.75
C GLY A 32 14.47 13.15 31.41
N PHE A 33 15.72 13.59 31.40
CA PHE A 33 16.00 14.99 31.12
C PHE A 33 15.75 15.38 29.66
N ASN A 34 15.57 14.40 28.76
CA ASN A 34 15.21 14.60 27.39
C ASN A 34 13.70 14.68 27.17
N GLY A 35 12.94 14.47 28.26
CA GLY A 35 11.49 14.64 28.19
C GLY A 35 10.73 13.33 28.08
N ASP A 36 11.39 12.18 28.30
CA ASP A 36 10.64 10.93 28.32
C ASP A 36 10.03 10.75 29.70
N LYS A 37 8.69 10.63 29.72
CA LYS A 37 7.95 10.53 30.98
C LYS A 37 7.86 9.09 31.49
N TYR A 38 8.44 8.12 30.79
CA TYR A 38 8.20 6.71 31.13
C TYR A 38 9.45 6.05 31.71
N VAL A 39 10.49 6.83 32.00
CA VAL A 39 11.75 6.27 32.44
C VAL A 39 12.06 6.75 33.85
N HIS A 40 12.98 6.03 34.50
CA HIS A 40 13.45 6.38 35.81
C HIS A 40 14.98 6.46 35.80
N THR A 41 15.48 7.71 35.61
CA THR A 41 16.91 7.98 35.53
C THR A 41 17.23 9.13 36.44
N PRO A 42 17.02 8.98 37.78
CA PRO A 42 17.19 10.11 38.66
C PRO A 42 18.60 10.67 38.82
N ILE A 43 19.63 9.82 38.87
CA ILE A 43 20.99 10.32 39.03
C ILE A 43 21.35 11.15 37.78
N ILE A 44 21.07 10.57 36.63
CA ILE A 44 21.46 11.24 35.40
C ILE A 44 20.64 12.51 35.22
N ASP A 45 19.36 12.49 35.58
CA ASP A 45 18.55 13.69 35.48
C ASP A 45 19.03 14.81 36.40
N GLU A 46 19.47 14.44 37.59
CA GLU A 46 19.96 15.43 38.55
C GLU A 46 21.29 16.03 38.06
N LEU A 47 22.16 15.19 37.45
CA LEU A 47 23.41 15.71 36.90
C LEU A 47 23.06 16.73 35.81
N ALA A 48 22.08 16.40 34.97
CA ALA A 48 21.71 17.28 33.89
C ALA A 48 21.12 18.58 34.42
N LYS A 49 20.17 18.47 35.34
CA LYS A 49 19.52 19.63 35.91
C LYS A 49 20.53 20.55 36.60
N ASN A 50 21.56 19.97 37.23
CA ASN A 50 22.59 20.76 37.93
C ASN A 50 23.80 21.08 37.04
N GLY A 51 23.54 21.03 35.74
CA GLY A 51 24.57 21.37 34.74
C GLY A 51 23.92 21.96 33.50
N MET A 52 24.39 21.58 32.33
CA MET A 52 23.91 22.16 31.06
C MET A 52 23.31 21.09 30.15
N ILE A 53 22.07 21.31 29.72
CA ILE A 53 21.42 20.39 28.75
C ILE A 53 21.49 21.03 27.36
N PHE A 54 22.01 20.28 26.39
CA PHE A 54 22.06 20.72 25.02
C PHE A 54 20.91 20.11 24.25
N SER A 55 20.01 20.96 23.74
CA SER A 55 18.80 20.45 23.08
C SER A 55 18.94 20.22 21.57
N ASN A 56 20.06 20.64 20.96
CA ASN A 56 20.28 20.45 19.53
C ASN A 56 21.71 19.91 19.30
N ALA A 57 22.02 18.81 19.98
CA ALA A 57 23.25 18.05 19.77
C ALA A 57 23.04 17.03 18.65
N THR A 58 24.01 17.02 17.75
CA THR A 58 23.99 16.15 16.57
C THR A 58 25.34 15.44 16.43
N VAL A 59 25.39 14.53 15.45
CA VAL A 59 26.62 13.87 15.06
C VAL A 59 26.84 14.11 13.58
N SER A 60 28.10 14.14 13.16
CA SER A 60 28.37 14.35 11.75
C SER A 60 28.13 13.10 10.91
N THR A 61 28.32 11.90 11.46
CA THR A 61 28.01 10.67 10.77
C THR A 61 27.26 9.76 11.71
N PRO A 62 25.99 9.43 11.42
CA PRO A 62 25.16 8.64 12.34
C PRO A 62 25.33 7.14 12.24
N VAL A 63 26.57 6.70 12.42
CA VAL A 63 26.83 5.25 12.50
C VAL A 63 28.03 5.11 13.43
N CYS A 64 28.01 4.07 14.22
CA CYS A 64 28.99 3.86 15.28
C CYS A 64 30.48 4.21 15.05
N SER A 65 31.20 3.52 14.17
CA SER A 65 32.66 3.77 14.06
C SER A 65 32.91 5.24 13.72
N ALA A 66 32.11 5.79 12.80
CA ALA A 66 32.34 7.15 12.32
C ALA A 66 32.05 8.20 13.40
N SER A 67 30.98 7.99 14.16
CA SER A 67 30.68 8.91 15.25
C SER A 67 31.79 8.89 16.31
N ARG A 68 32.19 7.71 16.70
CA ARG A 68 33.23 7.52 17.70
C ARG A 68 34.55 8.11 17.26
N TYR A 69 34.86 7.90 16.00
CA TYR A 69 36.07 8.51 15.43
C TYR A 69 36.06 10.02 15.63
N SER A 70 34.95 10.67 15.24
CA SER A 70 34.85 12.11 15.37
C SER A 70 34.88 12.56 16.83
N ILE A 71 34.20 11.82 17.69
CA ILE A 71 34.22 12.17 19.12
C ILE A 71 35.67 12.27 19.62
N LEU A 72 36.48 11.28 19.28
CA LEU A 72 37.81 11.15 19.87
C LEU A 72 38.87 11.89 19.05
N THR A 73 38.50 12.63 18.01
CA THR A 73 39.47 13.39 17.23
C THR A 73 39.14 14.84 16.96
N GLY A 74 37.85 15.23 16.93
CA GLY A 74 37.49 16.57 16.53
C GLY A 74 37.43 16.73 15.02
N ARG A 75 37.60 15.63 14.31
CA ARG A 75 37.57 15.73 12.86
C ARG A 75 36.42 14.93 12.26
N TYR A 76 35.93 15.38 11.12
CA TYR A 76 34.97 14.62 10.33
C TYR A 76 35.54 13.25 9.96
N ALA A 77 34.71 12.23 10.06
CA ALA A 77 35.06 10.85 9.77
C ALA A 77 35.56 10.68 8.34
N GLY A 78 35.09 11.52 7.42
CA GLY A 78 35.53 11.47 6.04
C GLY A 78 36.99 11.85 5.83
N ARG A 79 37.66 12.32 6.90
CA ARG A 79 39.10 12.61 6.86
C ARG A 79 39.97 11.43 7.27
N SER A 80 39.38 10.32 7.69
CA SER A 80 40.16 9.21 8.22
C SER A 80 41.21 8.77 7.20
N LYS A 81 42.40 8.44 7.72
CA LYS A 81 43.43 7.77 6.93
C LYS A 81 43.65 6.36 7.45
N GLY A 82 42.63 5.78 8.07
CA GLY A 82 42.70 4.41 8.54
C GLY A 82 43.03 3.41 7.43
N SER A 83 43.70 2.29 7.81
CA SER A 83 44.17 1.34 6.82
C SER A 83 43.03 0.78 5.97
N VAL A 84 41.95 0.34 6.61
CA VAL A 84 40.83 -0.23 5.88
C VAL A 84 40.18 0.83 5.01
N PHE A 85 39.98 2.00 5.59
CA PHE A 85 39.31 3.10 4.90
C PHE A 85 40.05 3.50 3.63
N MET A 86 41.39 3.54 3.69
CA MET A 86 42.16 3.99 2.53
C MET A 86 42.18 2.89 1.46
N LYS A 87 42.09 1.63 1.89
CA LYS A 87 42.02 0.54 0.92
C LYS A 87 40.68 0.59 0.18
N LEU A 88 39.60 0.92 0.90
CA LEU A 88 38.30 1.09 0.25
C LEU A 88 38.22 2.35 -0.60
N HIS A 89 38.93 3.43 -0.23
CA HIS A 89 38.78 4.74 -0.81
C HIS A 89 40.15 5.35 -1.11
N PRO A 90 40.83 4.87 -2.17
CA PRO A 90 42.09 5.46 -2.61
C PRO A 90 41.93 6.94 -2.94
N LYS A 91 43.00 7.70 -2.86
CA LYS A 91 42.97 9.11 -3.20
C LYS A 91 42.35 9.26 -4.58
N GLY A 92 41.46 10.23 -4.70
CA GLY A 92 40.81 10.58 -5.95
C GLY A 92 39.44 9.93 -6.10
N LYS A 93 39.06 9.04 -5.16
CA LYS A 93 37.74 8.41 -5.23
C LYS A 93 36.85 8.95 -4.10
N MET A 94 35.53 8.99 -4.32
CA MET A 94 34.62 9.51 -3.29
C MET A 94 34.66 8.56 -2.09
N THR A 95 34.38 9.13 -0.91
CA THR A 95 34.31 8.31 0.30
C THR A 95 32.87 7.83 0.53
N ARG A 96 32.78 6.65 1.15
CA ARG A 96 31.53 6.02 1.57
C ARG A 96 31.70 5.58 3.02
N VAL A 97 31.56 6.57 3.96
CA VAL A 97 31.84 6.34 5.37
C VAL A 97 30.75 5.52 6.02
N GLU A 98 31.15 4.47 6.74
CA GLU A 98 30.24 3.69 7.54
C GLU A 98 31.04 3.16 8.72
N ASN A 99 30.90 1.88 9.05
CA ASN A 99 31.69 1.33 10.15
C ASN A 99 33.06 0.90 9.64
N ASN A 100 33.82 1.84 9.12
CA ASN A 100 35.00 1.46 8.37
C ASN A 100 36.13 2.47 8.60
N VAL A 101 35.95 3.34 9.62
CA VAL A 101 36.97 4.31 10.00
C VAL A 101 37.56 3.91 11.34
N GLU A 102 38.82 4.32 11.52
CA GLU A 102 39.54 3.98 12.74
C GLU A 102 40.54 5.09 13.06
N LEU A 103 40.97 5.12 14.32
CA LEU A 103 42.02 6.00 14.79
C LEU A 103 43.31 5.57 14.13
N GLU A 104 44.10 6.56 13.72
CA GLU A 104 45.35 6.30 13.02
C GLU A 104 46.48 6.32 14.05
N GLU A 105 47.39 5.35 13.91
CA GLU A 105 48.37 5.16 14.98
C GLU A 105 49.39 6.30 15.02
N ASP A 106 49.59 7.02 13.92
CA ASP A 106 50.55 8.13 13.93
C ASP A 106 49.91 9.50 13.80
N GLN A 107 48.60 9.63 14.13
CA GLN A 107 47.94 10.93 14.11
C GLN A 107 47.37 11.23 15.49
N ASP A 108 47.10 12.52 15.70
CA ASP A 108 46.52 12.98 16.94
C ASP A 108 45.20 12.28 17.21
N ASN A 109 44.91 12.09 18.49
CA ASN A 109 43.53 11.91 18.96
C ASN A 109 43.45 12.56 20.34
N LEU A 110 42.24 12.70 20.91
CA LEU A 110 42.05 13.35 22.19
C LEU A 110 42.87 12.69 23.31
N ALA A 111 42.89 11.37 23.34
CA ALA A 111 43.60 10.68 24.41
C ALA A 111 45.11 10.93 24.34
N LYS A 112 45.68 10.82 23.15
CA LYS A 112 47.10 11.10 22.99
C LYS A 112 47.42 12.52 23.42
N LEU A 113 46.59 13.47 23.01
CA LEU A 113 46.84 14.87 23.35
C LEU A 113 46.69 15.15 24.83
N LEU A 114 45.72 14.53 25.48
CA LEU A 114 45.54 14.73 26.89
C LEU A 114 46.72 14.09 27.65
N GLN A 115 47.26 12.98 27.19
CA GLN A 115 48.44 12.37 27.84
C GLN A 115 49.60 13.32 27.80
N LYS A 116 49.79 13.99 26.67
CA LYS A 116 50.87 14.97 26.55
C LYS A 116 50.66 16.17 27.46
N ALA A 117 49.41 16.47 27.81
CA ALA A 117 49.09 17.53 28.74
C ALA A 117 49.18 17.07 30.19
N GLY A 118 49.53 15.82 30.46
CA GLY A 118 49.70 15.32 31.82
C GLY A 118 48.52 14.53 32.39
N TYR A 119 47.52 14.20 31.55
CA TYR A 119 46.42 13.40 32.03
C TYR A 119 46.72 11.92 32.00
N LYS A 120 46.22 11.21 33.03
CA LYS A 120 46.11 9.78 32.96
C LYS A 120 44.83 9.43 32.18
N THR A 121 44.96 8.57 31.21
CA THR A 121 43.83 8.27 30.33
C THR A 121 43.39 6.81 30.47
N GLY A 122 42.06 6.59 30.49
CA GLY A 122 41.44 5.29 30.66
C GLY A 122 40.31 5.06 29.65
N PHE A 123 40.20 3.81 29.24
CA PHE A 123 39.25 3.35 28.23
C PHE A 123 38.47 2.18 28.81
N VAL A 124 37.15 2.24 28.82
CA VAL A 124 36.33 1.10 29.18
C VAL A 124 35.24 0.94 28.11
N GLY A 125 34.93 -0.30 27.73
CA GLY A 125 33.71 -0.59 26.96
C GLY A 125 33.96 -0.78 25.47
N LYS A 126 32.96 -0.33 24.67
CA LYS A 126 32.97 -0.59 23.26
C LYS A 126 33.93 0.32 22.51
N SER A 127 34.77 -0.27 21.66
CA SER A 127 35.70 0.46 20.80
C SER A 127 35.14 0.77 19.41
N HIS A 128 35.19 -0.20 18.50
CA HIS A 128 34.76 -0.07 17.11
C HIS A 128 35.61 0.88 16.28
N ILE A 129 36.71 1.43 16.82
CA ILE A 129 37.51 2.43 16.15
C ILE A 129 39.00 2.11 16.22
N ILE A 130 39.35 0.90 16.68
CA ILE A 130 40.76 0.53 16.77
C ILE A 130 41.03 -0.69 15.91
N ASP A 131 42.00 -0.56 15.02
CA ASP A 131 42.63 -1.65 14.27
C ASP A 131 41.62 -2.58 13.58
N HIS A 132 40.98 -2.04 12.54
CA HIS A 132 39.99 -2.78 11.80
C HIS A 132 40.57 -4.01 11.10
N ASN A 133 41.88 -3.99 10.76
CA ASN A 133 42.47 -5.23 10.24
C ASN A 133 42.46 -6.32 11.31
N LEU A 134 42.76 -5.96 12.57
CA LEU A 134 42.73 -6.88 13.69
C LEU A 134 41.29 -7.30 14.01
N LEU A 135 40.33 -6.38 13.85
CA LEU A 135 38.92 -6.73 13.99
C LEU A 135 38.51 -7.87 13.06
N HIS A 136 38.96 -7.82 11.81
CA HIS A 136 38.69 -8.90 10.84
C HIS A 136 39.23 -10.24 11.38
N LYS A 137 40.42 -10.21 11.95
CA LYS A 137 40.99 -11.43 12.54
C LYS A 137 40.18 -11.87 13.76
N GLN A 138 39.65 -10.91 14.56
CA GLN A 138 38.76 -11.29 15.66
C GLN A 138 37.51 -12.00 15.13
N GLU A 139 36.86 -11.42 14.09
CA GLU A 139 35.60 -11.94 13.62
C GLU A 139 35.78 -13.37 13.11
N LYS A 140 36.91 -13.60 12.44
CA LYS A 140 37.26 -14.90 11.87
C LYS A 140 38.02 -15.79 12.85
N GLN A 141 38.31 -15.30 14.05
CA GLN A 141 39.03 -16.01 15.10
C GLN A 141 40.32 -16.60 14.53
N LEU A 142 41.08 -15.72 13.86
CA LEU A 142 42.38 -16.06 13.28
C LEU A 142 43.46 -15.60 14.25
N PRO A 143 44.66 -16.22 14.23
CA PRO A 143 45.76 -15.71 15.05
C PRO A 143 45.88 -14.18 14.90
N PRO A 144 46.14 -13.42 15.97
CA PRO A 144 46.53 -13.95 17.27
C PRO A 144 45.44 -14.46 18.21
N PHE A 145 44.19 -14.43 17.74
CA PHE A 145 43.04 -14.80 18.56
C PHE A 145 42.93 -16.33 18.65
N LYS A 146 42.22 -16.80 19.69
CA LYS A 146 41.84 -18.19 19.87
C LYS A 146 40.35 -18.36 19.54
N SER A 147 40.01 -19.53 19.02
CA SER A 147 38.69 -19.81 18.50
C SER A 147 37.85 -20.64 19.48
N TYR A 148 36.53 -20.57 19.31
CA TYR A 148 35.52 -21.33 20.05
C TYR A 148 34.26 -21.37 19.20
N ASP A 149 33.42 -22.37 19.48
CA ASP A 149 32.16 -22.52 18.77
C ASP A 149 31.17 -21.44 19.22
N LYS A 150 30.28 -21.03 18.32
CA LYS A 150 29.23 -20.06 18.62
C LYS A 150 28.32 -20.58 19.72
N LYS A 151 28.12 -21.91 19.83
CA LYS A 151 27.26 -22.44 20.88
C LYS A 151 28.06 -22.91 22.10
N ALA A 152 29.36 -22.62 22.13
CA ALA A 152 30.23 -23.05 23.22
C ALA A 152 29.75 -22.46 24.55
N ASN A 153 29.99 -23.22 25.60
CA ASN A 153 29.66 -22.79 26.94
C ASN A 153 30.88 -22.07 27.52
N PRO A 154 30.78 -20.76 27.87
CA PRO A 154 31.92 -20.02 28.40
C PRO A 154 32.41 -20.43 29.79
N LYS A 155 31.64 -21.23 30.52
CA LYS A 155 32.16 -21.82 31.75
C LYS A 155 33.20 -22.91 31.49
N ASP A 156 33.17 -23.53 30.31
CA ASP A 156 34.13 -24.56 29.91
C ASP A 156 35.53 -23.97 29.98
N PRO A 157 36.46 -24.57 30.78
CA PRO A 157 37.75 -23.93 31.01
C PRO A 157 38.51 -23.51 29.76
N GLU A 158 38.51 -24.35 28.71
CA GLU A 158 39.30 -24.04 27.53
C GLU A 158 38.62 -22.91 26.74
N VAL A 159 37.28 -22.87 26.79
CA VAL A 159 36.53 -21.82 26.11
C VAL A 159 36.73 -20.51 26.86
N ASN A 160 36.56 -20.51 28.19
CA ASN A 160 36.77 -19.32 29.01
C ASN A 160 38.16 -18.73 28.77
N LYS A 161 39.20 -19.59 28.71
CA LYS A 161 40.54 -19.11 28.41
C LYS A 161 40.66 -18.40 27.06
N ALA A 162 40.03 -18.95 26.03
CA ALA A 162 40.08 -18.39 24.68
C ALA A 162 39.45 -16.99 24.69
N ILE A 163 38.30 -16.88 25.34
CA ILE A 163 37.57 -15.60 25.27
C ILE A 163 38.34 -14.57 26.09
N HIS A 164 38.88 -14.97 27.25
CA HIS A 164 39.69 -14.07 28.06
C HIS A 164 40.93 -13.60 27.28
N HIS A 165 41.62 -14.54 26.62
CA HIS A 165 42.81 -14.26 25.85
C HIS A 165 42.49 -13.18 24.81
N ASN A 166 41.35 -13.34 24.11
CA ASN A 166 40.95 -12.42 23.01
C ASN A 166 40.67 -11.03 23.58
N HIS A 167 40.01 -10.98 24.72
CA HIS A 167 39.76 -9.71 25.43
C HIS A 167 41.06 -9.00 25.83
N GLU A 168 42.07 -9.74 26.33
CA GLU A 168 43.38 -9.14 26.74
C GLU A 168 44.11 -8.55 25.50
N ILE A 169 44.02 -9.16 24.33
CA ILE A 169 44.63 -8.62 23.12
C ILE A 169 44.08 -7.20 22.83
N TRP A 170 42.74 -7.05 22.94
CA TRP A 170 42.15 -5.74 22.70
C TRP A 170 42.51 -4.73 23.75
N CYS A 171 42.57 -5.13 25.01
CA CYS A 171 43.00 -4.20 26.05
C CYS A 171 44.38 -3.65 25.69
N LYS A 172 45.26 -4.52 25.24
CA LYS A 172 46.65 -4.10 24.94
C LYS A 172 46.66 -3.22 23.69
N ARG A 173 45.88 -3.59 22.68
CA ARG A 173 45.92 -2.85 21.45
C ARG A 173 45.32 -1.44 21.60
N ILE A 174 44.24 -1.32 22.39
CA ILE A 174 43.63 -0.03 22.59
C ILE A 174 44.63 0.94 23.22
N GLN A 175 45.52 0.43 24.11
CA GLN A 175 46.49 1.29 24.78
C GLN A 175 47.68 1.69 23.89
N ASP A 176 47.75 1.24 22.65
CA ASP A 176 48.67 1.76 21.65
C ASP A 176 48.21 3.09 21.04
N PHE A 177 47.00 3.56 21.45
CA PHE A 177 46.40 4.74 20.84
C PHE A 177 46.12 5.83 21.86
N GLY A 178 46.90 5.89 22.97
CA GLY A 178 46.86 7.00 23.88
C GLY A 178 46.20 6.72 25.22
N PHE A 179 46.04 5.46 25.63
CA PHE A 179 45.40 5.11 26.88
C PHE A 179 46.44 4.43 27.80
N ASP A 180 46.35 4.81 29.07
CA ASP A 180 47.16 4.20 30.12
C ASP A 180 46.52 2.97 30.73
N TYR A 181 45.22 2.72 30.45
CA TYR A 181 44.44 1.66 31.04
C TYR A 181 43.34 1.29 30.04
N ALA A 182 43.04 0.03 29.93
CA ALA A 182 41.86 -0.38 29.13
C ALA A 182 41.34 -1.69 29.72
N ASN A 183 40.04 -1.77 29.96
CA ASN A 183 39.44 -2.99 30.55
C ASN A 183 37.94 -2.94 30.29
N GLY A 184 37.25 -4.08 30.40
CA GLY A 184 35.81 -4.15 30.08
C GLY A 184 35.60 -3.79 28.63
N VAL A 185 36.49 -4.18 27.74
CA VAL A 185 36.45 -3.76 26.31
C VAL A 185 35.62 -4.66 25.38
N TYR A 186 35.12 -4.09 24.30
CA TYR A 186 34.45 -4.84 23.22
C TYR A 186 35.12 -4.29 21.95
N ALA A 187 35.69 -5.15 21.13
CA ALA A 187 36.33 -4.77 19.88
C ALA A 187 35.35 -3.95 19.01
N ALA A 188 34.12 -4.45 18.99
CA ALA A 188 33.02 -3.84 18.23
C ALA A 188 31.73 -4.00 19.01
N ASN A 189 30.78 -4.80 18.50
CA ASN A 189 29.51 -5.04 19.13
C ASN A 189 29.48 -6.43 19.77
N LEU A 190 28.39 -6.76 20.43
CA LEU A 190 28.26 -8.11 20.97
C LEU A 190 28.31 -9.17 19.87
N ARG A 191 27.79 -8.85 18.69
CA ARG A 191 27.83 -9.76 17.56
C ARG A 191 29.20 -10.37 17.32
N GLU A 192 30.25 -9.56 17.37
CA GLU A 192 31.57 -9.95 16.90
C GLU A 192 32.28 -10.91 17.87
N LEU A 193 31.67 -11.19 19.02
CA LEU A 193 32.17 -12.25 19.90
C LEU A 193 31.76 -13.62 19.34
N PHE A 194 30.77 -13.67 18.46
CA PHE A 194 30.22 -14.93 17.93
C PHE A 194 30.06 -16.00 19.02
N ASN A 195 29.35 -15.69 20.09
CA ASN A 195 29.04 -16.66 21.13
C ASN A 195 27.69 -16.32 21.75
N ASP A 196 26.76 -17.27 21.73
CA ASP A 196 25.39 -17.03 22.11
C ASP A 196 25.28 -16.67 23.57
N SER A 197 26.02 -17.36 24.46
CA SER A 197 25.89 -17.15 25.89
C SER A 197 26.33 -15.74 26.28
N ILE A 198 27.36 -15.22 25.61
CA ILE A 198 27.89 -13.92 26.01
C ILE A 198 27.34 -12.79 25.11
N ASN A 199 26.31 -13.08 24.35
CA ASN A 199 25.63 -12.12 23.49
C ASN A 199 24.57 -11.39 24.32
N VAL A 200 25.01 -10.73 25.41
CA VAL A 200 24.18 -10.11 26.41
C VAL A 200 24.91 -8.85 26.87
N HIS A 201 24.15 -7.81 27.23
CA HIS A 201 24.76 -6.59 27.76
C HIS A 201 25.12 -6.83 29.23
N ASN A 202 26.20 -6.17 29.69
CA ASN A 202 26.60 -6.28 31.09
C ASN A 202 27.08 -4.93 31.61
N VAL A 203 26.17 -4.17 32.23
CA VAL A 203 26.47 -2.85 32.74
C VAL A 203 27.53 -2.90 33.84
N GLU A 204 27.35 -3.86 34.74
CA GLU A 204 28.16 -3.99 35.95
C GLU A 204 29.60 -4.24 35.59
N TRP A 205 29.85 -5.12 34.63
CA TRP A 205 31.22 -5.48 34.30
C TRP A 205 32.06 -4.28 33.89
N LYS A 206 31.48 -3.43 33.01
CA LYS A 206 32.19 -2.26 32.57
C LYS A 206 32.24 -1.22 33.65
N ASN A 207 31.21 -1.12 34.48
CA ASN A 207 31.21 -0.12 35.54
C ASN A 207 32.34 -0.39 36.55
N LYS A 208 32.55 -1.67 36.86
CA LYS A 208 33.60 -2.03 37.82
C LYS A 208 34.96 -1.71 37.19
N ALA A 209 35.12 -1.91 35.88
CA ALA A 209 36.32 -1.53 35.18
C ALA A 209 36.58 -0.03 35.25
N ALA A 210 35.51 0.78 35.15
CA ALA A 210 35.60 2.23 35.26
C ALA A 210 36.03 2.64 36.67
N LEU A 211 35.40 2.02 37.68
CA LEU A 211 35.68 2.40 39.07
C LEU A 211 37.12 2.03 39.44
N ASP A 212 37.58 0.90 38.93
CA ASP A 212 38.96 0.46 39.15
C ASP A 212 39.95 1.46 38.54
N PHE A 213 39.63 2.03 37.36
CA PHE A 213 40.48 3.08 36.82
C PHE A 213 40.56 4.28 37.75
N ILE A 214 39.42 4.78 38.18
CA ILE A 214 39.36 5.96 39.02
C ILE A 214 40.14 5.72 40.32
N ASP A 215 40.03 4.50 40.86
CA ASP A 215 40.73 4.17 42.10
C ASP A 215 42.25 4.32 41.94
N GLN A 216 42.77 4.05 40.75
CA GLN A 216 44.24 4.00 40.57
C GLN A 216 44.81 5.33 40.12
N VAL A 217 43.97 6.35 40.05
CA VAL A 217 44.48 7.67 39.72
C VAL A 217 45.02 8.29 41.02
N ASP A 218 46.20 8.91 40.95
CA ASP A 218 46.68 9.69 42.09
C ASP A 218 45.84 10.96 42.26
N LYS A 219 45.56 11.37 43.50
CA LYS A 219 44.52 12.37 43.72
C LYS A 219 44.87 13.71 43.07
N GLU A 220 46.17 14.01 42.91
CA GLU A 220 46.54 15.29 42.34
C GLU A 220 46.79 15.19 40.84
N GLU A 221 46.54 14.03 40.21
CA GLU A 221 46.76 13.98 38.78
C GLU A 221 45.40 14.02 38.07
N PRO A 222 45.35 14.80 36.98
CA PRO A 222 44.13 14.87 36.19
C PRO A 222 43.96 13.57 35.43
N PHE A 223 42.67 13.24 35.14
CA PHE A 223 42.40 12.04 34.38
C PHE A 223 41.24 12.29 33.38
N PHE A 224 41.29 11.44 32.36
CA PHE A 224 40.24 11.35 31.35
C PHE A 224 39.81 9.89 31.28
N LEU A 225 38.51 9.64 31.41
CA LEU A 225 37.93 8.32 31.27
C LEU A 225 36.91 8.36 30.14
N TYR A 226 37.14 7.49 29.18
CA TYR A 226 36.21 7.24 28.08
C TYR A 226 35.42 5.98 28.45
N TYR A 227 34.14 6.13 28.78
CA TYR A 227 33.32 5.06 29.33
C TYR A 227 32.22 4.78 28.30
N SER A 228 32.44 3.75 27.50
CA SER A 228 31.63 3.46 26.32
C SER A 228 30.72 2.25 26.53
N GLU A 229 29.42 2.47 26.66
CA GLU A 229 28.45 1.38 26.84
C GLU A 229 28.18 0.63 25.54
N THR A 230 27.66 -0.59 25.69
CA THR A 230 27.03 -1.31 24.58
C THR A 230 25.53 -1.00 24.54
N ILE A 231 24.92 -0.64 25.66
CA ILE A 231 23.47 -0.46 25.71
C ILE A 231 23.11 0.82 24.98
N PRO A 232 21.91 0.92 24.33
CA PRO A 232 20.95 -0.17 24.07
C PRO A 232 21.07 -0.80 22.68
N HIS A 233 22.27 -0.91 22.15
CA HIS A 233 22.50 -1.49 20.83
C HIS A 233 21.98 -2.93 20.76
N GLY A 234 21.67 -3.33 19.52
CA GLY A 234 21.25 -4.71 19.28
C GLY A 234 22.27 -5.70 19.82
N PRO A 235 21.87 -6.81 20.46
CA PRO A 235 20.48 -7.13 20.73
C PRO A 235 19.91 -6.30 21.85
N ALA A 236 18.83 -5.58 21.57
CA ALA A 236 18.44 -4.49 22.44
C ALA A 236 18.02 -5.01 23.80
N PRO A 237 18.41 -4.33 24.90
CA PRO A 237 18.12 -4.86 26.24
C PRO A 237 16.63 -4.85 26.57
N TRP A 238 15.84 -4.07 25.84
CA TRP A 238 14.41 -3.93 26.15
C TRP A 238 13.61 -5.08 25.56
N ILE A 239 14.20 -5.99 24.81
CA ILE A 239 13.44 -7.05 24.16
C ILE A 239 12.87 -8.01 25.20
N ARG A 240 11.54 -8.14 25.23
CA ARG A 240 10.87 -9.04 26.15
C ARG A 240 10.56 -10.34 25.41
N ARG A 241 10.94 -11.44 26.04
CA ARG A 241 10.77 -12.77 25.47
C ARG A 241 10.45 -13.71 26.63
N GLY A 242 9.26 -14.37 26.58
CA GLY A 242 8.86 -15.26 27.65
C GLY A 242 8.84 -14.62 29.04
N GLY A 243 8.41 -13.35 29.12
CA GLY A 243 8.23 -12.62 30.36
C GLY A 243 9.54 -12.10 30.93
N LYS A 244 10.63 -12.21 30.15
CA LYS A 244 11.97 -11.88 30.62
C LYS A 244 12.68 -10.99 29.57
N TYR A 245 13.82 -10.45 29.98
CA TYR A 245 14.63 -9.57 29.16
C TYR A 245 16.00 -10.21 28.99
N PRO A 246 16.13 -11.19 28.09
CA PRO A 246 17.30 -12.05 28.08
C PRO A 246 18.59 -11.38 27.65
N TYR A 247 18.50 -10.20 27.01
CA TYR A 247 19.70 -9.48 26.50
C TYR A 247 20.14 -8.41 27.49
N GLY A 248 19.43 -8.26 28.59
CA GLY A 248 19.67 -7.21 29.56
C GLY A 248 19.48 -7.74 30.98
N LEU A 249 18.48 -7.20 31.66
CA LEU A 249 18.33 -7.41 33.08
C LEU A 249 18.15 -8.88 33.47
N ASP A 250 17.62 -9.74 32.59
CA ASP A 250 17.48 -11.14 32.99
C ASP A 250 18.63 -12.02 32.49
N SER A 251 19.69 -11.44 31.92
CA SER A 251 20.87 -12.21 31.54
C SER A 251 21.67 -12.52 32.81
N ASN A 252 22.60 -13.44 32.65
CA ASN A 252 23.49 -13.87 33.73
C ASN A 252 24.59 -12.81 33.87
N PRO A 253 24.71 -12.16 35.05
CA PRO A 253 25.78 -11.20 35.28
C PRO A 253 27.21 -11.73 35.25
N SER A 254 27.37 -13.08 35.25
CA SER A 254 28.64 -13.75 35.06
C SER A 254 29.13 -13.79 33.65
N PHE A 255 28.26 -13.52 32.65
CA PHE A 255 28.65 -13.49 31.27
C PHE A 255 28.99 -12.05 30.88
N ASN A 256 30.11 -11.90 30.20
CA ASN A 256 30.63 -10.58 29.83
C ASN A 256 31.55 -10.71 28.64
N GLY A 257 32.15 -9.59 28.20
CA GLY A 257 32.95 -9.60 27.00
C GLY A 257 34.27 -10.36 27.11
N GLU A 258 34.63 -10.79 28.32
CA GLU A 258 35.84 -11.58 28.50
C GLU A 258 35.53 -13.05 28.82
N GLY A 259 34.25 -13.41 28.86
CA GLY A 259 33.81 -14.78 29.02
C GLY A 259 32.91 -14.92 30.24
N TYR A 260 33.39 -15.72 31.19
CA TYR A 260 32.62 -16.02 32.41
C TYR A 260 33.41 -15.67 33.65
N ASP A 261 32.79 -14.96 34.58
CA ASP A 261 33.44 -14.71 35.89
C ASP A 261 32.41 -14.25 36.91
N ASN A 262 32.44 -14.84 38.11
CA ASN A 262 31.54 -14.44 39.21
C ASN A 262 32.20 -13.28 39.94
N ASN A 263 31.96 -12.07 39.47
CA ASN A 263 32.54 -10.86 40.08
C ASN A 263 31.52 -10.36 41.08
N ASP A 264 31.98 -9.61 42.08
CA ASP A 264 31.07 -9.06 43.12
C ASP A 264 30.55 -7.72 42.64
N TYR A 265 29.26 -7.65 42.30
CA TYR A 265 28.68 -6.36 41.98
C TYR A 265 27.67 -5.89 43.03
N SER A 266 27.91 -6.24 44.33
CA SER A 266 26.92 -5.98 45.36
C SER A 266 26.80 -4.50 45.73
N TYR A 267 27.69 -3.65 45.19
CA TYR A 267 27.59 -2.21 45.39
C TYR A 267 26.56 -1.55 44.48
N LEU A 268 26.00 -2.33 43.54
CA LEU A 268 24.86 -1.95 42.74
C LEU A 268 23.65 -2.80 43.17
N PRO A 269 22.41 -2.32 42.96
CA PRO A 269 21.23 -3.18 43.18
C PRO A 269 21.35 -4.44 42.35
N SER A 270 20.70 -5.52 42.81
CA SER A 270 20.53 -6.67 41.96
C SER A 270 19.68 -6.29 40.73
N ARG A 271 19.82 -7.08 39.69
CA ARG A 271 19.03 -6.90 38.48
C ARG A 271 17.54 -7.03 38.77
N ASP A 272 17.14 -7.98 39.63
CA ASP A 272 15.75 -8.09 40.03
C ASP A 272 15.25 -6.86 40.74
N LYS A 273 16.02 -6.27 41.65
CA LYS A 273 15.63 -5.07 42.37
C LYS A 273 15.45 -3.89 41.42
N ILE A 274 16.28 -3.81 40.38
CA ILE A 274 16.14 -2.73 39.39
C ILE A 274 14.74 -2.83 38.77
N LYS A 275 14.40 -4.02 38.24
CA LYS A 275 13.09 -4.24 37.63
C LYS A 275 11.96 -3.94 38.63
N GLU A 276 12.16 -4.35 39.89
CA GLU A 276 11.13 -4.17 40.91
C GLU A 276 10.87 -2.70 41.17
N GLU A 277 11.95 -1.91 41.23
CA GLU A 277 11.83 -0.49 41.46
C GLU A 277 11.09 0.20 40.31
N VAL A 278 11.42 -0.13 39.06
CA VAL A 278 10.74 0.51 37.95
C VAL A 278 9.23 0.20 37.96
N LYS A 279 8.89 -1.04 38.28
CA LYS A 279 7.46 -1.48 38.31
C LYS A 279 6.73 -0.77 39.46
N ARG A 280 7.39 -0.61 40.60
CA ARG A 280 6.79 0.08 41.76
C ARG A 280 6.48 1.54 41.43
N LEU A 281 7.34 2.21 40.65
CA LEU A 281 7.17 3.63 40.27
C LEU A 281 6.24 3.77 39.05
N ASN A 282 5.63 2.68 38.60
CA ASN A 282 4.72 2.73 37.46
C ASN A 282 5.42 3.34 36.26
N LYS A 283 6.68 2.94 36.06
CA LYS A 283 7.42 3.29 34.86
C LYS A 283 7.52 2.08 33.95
N ASP A 284 8.10 2.29 32.76
CA ASP A 284 8.04 1.30 31.72
C ASP A 284 9.03 0.18 32.00
N VAL A 285 8.53 -1.02 32.33
CA VAL A 285 9.45 -2.10 32.64
C VAL A 285 10.33 -2.52 31.45
N ASP A 286 9.91 -2.33 30.19
CA ASP A 286 10.74 -2.66 29.04
C ASP A 286 12.04 -1.86 29.10
N HIS A 287 11.98 -0.66 29.72
CA HIS A 287 13.15 0.22 29.67
C HIS A 287 13.79 0.37 31.04
N ALA A 288 13.66 -0.65 31.89
CA ALA A 288 14.33 -0.69 33.17
C ALA A 288 15.86 -0.71 32.98
N TRP A 289 16.36 -1.08 31.77
CA TRP A 289 17.79 -1.03 31.48
C TRP A 289 18.32 0.39 31.71
N LEU A 290 17.49 1.43 31.57
CA LEU A 290 17.93 2.80 31.84
C LEU A 290 18.18 3.07 33.31
N THR A 291 17.37 2.45 34.19
CA THR A 291 17.60 2.56 35.62
C THR A 291 18.83 1.75 36.03
N TRP A 292 19.05 0.56 35.41
CA TRP A 292 20.26 -0.24 35.57
C TRP A 292 21.51 0.62 35.31
N PHE A 293 21.48 1.35 34.20
CA PHE A 293 22.54 2.27 33.86
C PHE A 293 22.63 3.45 34.84
N ASP A 294 21.50 4.03 35.23
CA ASP A 294 21.48 5.16 36.16
C ASP A 294 22.27 4.83 37.43
N TYR A 295 22.06 3.61 37.94
CA TYR A 295 22.75 3.23 39.17
C TYR A 295 24.26 3.13 38.96
N ALA A 296 24.67 2.67 37.77
CA ALA A 296 26.06 2.58 37.43
C ALA A 296 26.66 3.98 37.39
N VAL A 297 25.96 4.95 36.79
CA VAL A 297 26.46 6.33 36.80
C VAL A 297 26.53 6.85 38.26
N GLY A 298 25.52 6.51 39.08
CA GLY A 298 25.51 6.88 40.48
C GLY A 298 26.76 6.36 41.21
N ALA A 299 27.25 5.17 40.87
CA ALA A 299 28.43 4.64 41.54
C ALA A 299 29.68 5.43 41.15
N VAL A 300 29.72 5.90 39.88
CA VAL A 300 30.82 6.73 39.43
C VAL A 300 30.82 8.01 40.24
N VAL A 301 29.68 8.67 40.38
CA VAL A 301 29.59 9.95 41.11
C VAL A 301 30.00 9.73 42.57
N LYS A 302 29.58 8.61 43.15
CA LYS A 302 29.91 8.29 44.56
C LYS A 302 31.43 8.17 44.69
N LYS A 303 32.08 7.48 43.77
CA LYS A 303 33.54 7.30 43.79
C LYS A 303 34.26 8.65 43.63
N LEU A 304 33.79 9.49 42.72
CA LEU A 304 34.41 10.81 42.49
C LEU A 304 34.32 11.63 43.79
N LYS A 305 33.20 11.54 44.49
CA LYS A 305 33.02 12.28 45.72
C LYS A 305 33.97 11.77 46.79
N GLU A 306 34.11 10.46 46.86
CA GLU A 306 34.91 9.82 47.90
C GLU A 306 36.38 10.18 47.72
N LYS A 307 36.80 10.33 46.47
CA LYS A 307 38.15 10.69 46.14
C LYS A 307 38.40 12.19 46.27
N GLY A 308 37.37 13.02 46.47
CA GLY A 308 37.48 14.47 46.61
C GLY A 308 37.76 15.18 45.29
N VAL A 309 37.33 14.59 44.15
CA VAL A 309 37.60 15.17 42.84
C VAL A 309 36.31 15.53 42.09
N TYR A 310 35.13 15.27 42.67
CA TYR A 310 33.85 15.45 41.99
C TYR A 310 33.62 16.88 41.53
N GLU A 311 33.95 17.89 42.35
CA GLU A 311 33.63 19.24 42.00
C GLU A 311 34.47 19.73 40.82
N ASN A 312 35.67 19.15 40.68
CA ASN A 312 36.52 19.52 39.56
C ASN A 312 36.55 18.46 38.47
N THR A 313 35.42 17.76 38.29
CA THR A 313 35.28 16.79 37.19
C THR A 313 34.13 17.24 36.28
N LEU A 314 34.43 17.22 34.98
CA LEU A 314 33.41 17.41 33.95
C LEU A 314 32.90 16.04 33.50
N ILE A 315 31.62 15.77 33.77
CA ILE A 315 30.92 14.54 33.36
C ILE A 315 30.07 14.90 32.15
N VAL A 316 30.25 14.12 31.10
CA VAL A 316 29.47 14.27 29.87
C VAL A 316 28.65 12.99 29.73
N ILE A 317 27.33 13.13 29.41
CA ILE A 317 26.46 12.00 29.08
C ILE A 317 25.85 12.22 27.71
N THR A 318 26.11 11.26 26.82
CA THR A 318 25.66 11.39 25.44
C THR A 318 25.52 10.03 24.79
N SER A 319 25.14 9.99 23.51
CA SER A 319 25.08 8.76 22.74
C SER A 319 25.85 8.96 21.43
N ASP A 320 26.23 7.87 20.75
CA ASP A 320 27.02 7.99 19.54
C ASP A 320 26.15 8.45 18.36
N HIS A 321 24.86 8.10 18.33
CA HIS A 321 23.93 8.54 17.30
C HIS A 321 22.58 7.92 17.65
N GLY A 322 21.54 8.38 16.97
CA GLY A 322 20.22 7.82 17.14
C GLY A 322 19.95 6.60 16.29
N ASN A 323 18.88 5.91 16.70
CA ASN A 323 18.27 4.87 15.89
C ASN A 323 16.76 4.90 16.10
N PHE A 324 16.16 6.06 15.95
CA PHE A 324 14.70 6.18 16.04
C PHE A 324 14.13 5.96 14.64
N ASP A 325 13.09 5.10 14.55
CA ASP A 325 12.42 4.80 13.28
C ASP A 325 13.38 4.24 12.24
N TYR A 326 14.37 3.46 12.71
CA TYR A 326 15.39 2.85 11.86
C TYR A 326 16.20 3.91 11.10
N GLU A 327 16.37 5.11 11.65
CA GLU A 327 17.08 6.17 10.97
C GLU A 327 18.59 6.21 11.25
N LYS A 328 19.09 5.22 11.98
CA LYS A 328 20.52 5.00 11.98
C LYS A 328 21.07 4.90 10.55
N ALA A 329 22.24 5.48 10.30
CA ALA A 329 22.90 5.48 8.99
C ALA A 329 22.03 6.14 7.91
N THR A 330 21.23 7.09 8.33
CA THR A 330 20.56 8.02 7.43
C THR A 330 20.84 9.42 7.90
N LEU A 331 20.43 10.41 7.08
CA LEU A 331 20.60 11.80 7.49
C LEU A 331 19.26 12.37 7.98
N TYR A 332 18.37 11.50 8.40
CA TYR A 332 17.14 11.93 9.03
C TYR A 332 17.33 12.14 10.52
N GLU A 333 16.39 12.79 11.19
CA GLU A 333 16.58 13.25 12.56
C GLU A 333 16.72 12.11 13.57
N GLY A 334 16.17 10.93 13.27
CA GLY A 334 16.25 9.79 14.13
C GLY A 334 17.61 9.12 14.12
N GLY A 335 18.49 9.58 13.22
CA GLY A 335 19.90 9.22 13.26
C GLY A 335 20.77 10.32 13.83
N LEU A 336 20.52 11.57 13.49
CA LEU A 336 21.42 12.67 13.78
C LEU A 336 21.35 13.12 15.23
N GLU A 337 20.18 13.14 15.85
CA GLU A 337 19.96 13.81 17.12
C GLU A 337 20.27 12.94 18.33
N VAL A 338 21.10 13.46 19.27
CA VAL A 338 21.51 12.67 20.44
C VAL A 338 21.30 13.45 21.73
N PRO A 339 21.11 12.75 22.84
CA PRO A 339 21.06 13.38 24.16
C PRO A 339 22.44 13.98 24.41
N LEU A 340 22.50 15.09 25.14
CA LEU A 340 23.76 15.63 25.60
C LEU A 340 23.54 16.47 26.84
N ALA A 341 24.17 16.05 27.94
CA ALA A 341 24.28 16.90 29.11
C ALA A 341 25.71 16.93 29.64
N MET A 342 26.07 18.06 30.25
CA MET A 342 27.40 18.22 30.83
C MET A 342 27.25 18.76 32.25
N HIS A 343 27.99 18.15 33.17
CA HIS A 343 27.91 18.49 34.59
C HIS A 343 29.33 18.72 35.14
N TRP A 344 29.55 19.88 35.79
CA TRP A 344 30.89 20.23 36.25
C TRP A 344 30.75 21.34 37.30
N PRO A 345 30.69 20.99 38.60
CA PRO A 345 30.25 22.00 39.57
C PRO A 345 31.08 23.28 39.55
N ASN A 346 32.38 23.15 39.30
CA ASN A 346 33.24 24.32 39.32
C ASN A 346 33.40 25.00 37.95
N GLY A 347 32.69 24.55 36.93
CA GLY A 347 32.79 25.21 35.63
C GLY A 347 31.49 25.47 34.87
N ILE A 348 30.35 24.84 35.26
CA ILE A 348 29.06 25.00 34.61
C ILE A 348 28.04 25.36 35.69
N LYS A 349 27.31 26.47 35.50
CA LYS A 349 26.25 26.84 36.43
C LYS A 349 25.08 25.86 36.28
N PRO A 350 24.37 25.55 37.38
CA PRO A 350 23.22 24.65 37.28
C PRO A 350 22.02 25.27 36.60
N ASN A 351 21.08 24.40 36.17
CA ASN A 351 19.83 24.79 35.57
C ASN A 351 20.07 25.50 34.23
N SER A 352 21.19 25.10 33.56
CA SER A 352 21.55 25.76 32.29
C SER A 352 21.08 24.98 31.08
N THR A 353 20.80 25.70 29.99
CA THR A 353 20.43 25.08 28.75
C THR A 353 21.08 25.82 27.58
N TYR A 354 21.31 25.10 26.49
CA TYR A 354 21.81 25.69 25.26
C TYR A 354 21.11 25.01 24.11
N ASP A 355 20.48 25.82 23.25
CA ASP A 355 19.69 25.30 22.11
C ASP A 355 20.38 25.53 20.77
N GLY A 356 21.59 26.05 20.74
CA GLY A 356 22.28 26.16 19.48
C GLY A 356 22.75 24.82 18.95
N MET A 357 23.09 24.79 17.69
CA MET A 357 23.57 23.60 16.99
C MET A 357 24.96 23.28 17.50
N VAL A 358 25.09 22.08 18.07
CA VAL A 358 26.38 21.55 18.49
C VAL A 358 26.54 20.18 17.86
N GLN A 359 27.77 19.67 17.82
CA GLN A 359 28.07 18.45 17.09
C GLN A 359 29.18 17.66 17.81
N ASN A 360 29.26 16.37 17.50
CA ASN A 360 30.21 15.51 18.19
C ASN A 360 31.66 15.97 17.93
N ILE A 361 31.94 16.59 16.78
CA ILE A 361 33.24 17.15 16.50
C ILE A 361 33.68 18.20 17.51
N ASP A 362 32.77 18.75 18.32
CA ASP A 362 33.05 19.81 19.27
C ASP A 362 33.67 19.31 20.57
N PHE A 363 33.55 18.01 20.88
CA PHE A 363 33.99 17.55 22.19
C PHE A 363 35.51 17.69 22.36
N THR A 364 36.29 17.32 21.37
CA THR A 364 37.77 17.33 21.46
C THR A 364 38.27 18.76 21.60
N PRO A 365 37.97 19.77 20.75
CA PRO A 365 38.46 21.12 21.01
C PRO A 365 38.03 21.68 22.35
N THR A 366 36.87 21.30 22.87
CA THR A 366 36.40 21.77 24.18
C THR A 366 37.34 21.22 25.25
N PHE A 367 37.55 19.92 25.27
CA PHE A 367 38.36 19.28 26.34
C PHE A 367 39.81 19.72 26.22
N LEU A 368 40.27 19.88 24.99
CA LEU A 368 41.65 20.35 24.82
C LEU A 368 41.84 21.73 25.46
N GLU A 369 40.89 22.63 25.28
CA GLU A 369 40.96 23.94 25.88
C GLU A 369 40.97 23.84 27.40
N LEU A 370 40.09 23.01 27.96
CA LEU A 370 40.01 22.87 29.40
C LEU A 370 41.30 22.27 29.94
N ALA A 371 42.02 21.47 29.16
CA ALA A 371 43.27 20.84 29.58
C ALA A 371 44.48 21.75 29.32
N GLY A 372 44.28 22.91 28.73
CA GLY A 372 45.33 23.87 28.42
C GLY A 372 46.20 23.48 27.24
N VAL A 373 45.70 22.64 26.33
CA VAL A 373 46.41 22.27 25.14
C VAL A 373 46.22 23.34 24.08
N THR A 374 47.32 23.86 23.52
CA THR A 374 47.19 24.92 22.54
C THR A 374 47.88 24.51 21.24
N LYS A 375 48.57 23.39 21.22
CA LYS A 375 49.32 22.99 20.04
C LYS A 375 48.83 21.62 19.60
N VAL A 376 48.32 21.53 18.37
CA VAL A 376 47.92 20.26 17.80
C VAL A 376 48.52 20.15 16.40
N LYS A 377 48.68 18.92 15.93
CA LYS A 377 49.17 18.64 14.60
C LYS A 377 47.99 18.60 13.63
N ASP A 378 47.03 17.71 13.88
CA ASP A 378 45.94 17.45 12.93
C ASP A 378 44.89 18.56 13.10
N SER A 379 44.42 19.15 12.00
CA SER A 379 43.42 20.18 12.10
C SER A 379 42.11 19.63 12.71
N ILE A 380 41.47 20.48 13.47
CA ILE A 380 40.20 20.15 14.14
C ILE A 380 39.07 20.88 13.41
N ASP A 381 37.98 20.15 13.17
CA ASP A 381 36.80 20.68 12.52
C ASP A 381 35.82 21.30 13.51
N GLY A 382 35.75 20.76 14.71
CA GLY A 382 34.82 21.25 15.69
C GLY A 382 35.22 22.56 16.35
N LEU A 383 34.35 23.03 17.21
CA LEU A 383 34.45 24.31 17.90
C LEU A 383 34.48 24.06 19.38
N SER A 384 35.29 24.82 20.13
CA SER A 384 35.25 24.74 21.57
C SER A 384 33.93 25.28 22.09
N LEU A 385 33.30 24.53 22.97
CA LEU A 385 32.08 24.90 23.63
C LEU A 385 32.30 25.64 24.95
N THR A 386 33.55 25.98 25.29
CA THR A 386 33.74 26.54 26.64
C THR A 386 33.00 27.86 26.89
N ASN A 387 32.81 28.74 25.91
CA ASN A 387 32.06 29.99 26.12
C ASN A 387 30.58 29.66 26.34
N VAL A 388 30.07 28.60 25.69
CA VAL A 388 28.72 28.15 25.96
C VAL A 388 28.61 27.59 27.37
N LEU A 389 29.56 26.75 27.79
CA LEU A 389 29.56 26.10 29.08
C LEU A 389 29.61 27.11 30.25
N ALA A 390 30.34 28.19 30.04
CA ALA A 390 30.52 29.25 31.04
C ALA A 390 29.34 30.21 31.05
N GLY A 391 28.38 30.05 30.12
CA GLY A 391 27.23 30.93 30.08
C GLY A 391 27.51 32.29 29.46
N LYS A 392 28.58 32.43 28.69
CA LYS A 392 28.92 33.68 28.05
C LYS A 392 28.23 33.73 26.70
N GLU A 393 28.15 32.60 26.02
CA GLU A 393 27.61 32.56 24.67
C GLU A 393 26.23 31.93 24.66
N LYS A 394 25.22 32.70 24.23
CA LYS A 394 23.88 32.18 24.13
C LYS A 394 23.41 32.16 22.68
N LYS A 395 24.19 32.71 21.73
CA LYS A 395 23.89 32.65 20.31
C LYS A 395 24.41 31.36 19.68
N GLU A 396 24.06 31.17 18.42
CA GLU A 396 24.62 30.07 17.61
C GLU A 396 26.12 30.31 17.42
N ILE A 397 26.90 29.23 17.38
CA ILE A 397 28.38 29.31 17.17
C ILE A 397 28.71 28.88 15.72
N ARG A 398 27.72 28.42 14.95
CA ARG A 398 27.94 28.11 13.53
C ARG A 398 26.67 28.46 12.72
N ASP A 399 26.83 28.62 11.42
CA ASP A 399 25.69 28.97 10.53
C ASP A 399 24.98 27.69 10.09
N TYR A 400 25.73 26.60 10.04
CA TYR A 400 25.16 25.33 9.58
C TYR A 400 26.03 24.14 10.00
N LEU A 401 25.42 22.98 10.01
CA LEU A 401 26.06 21.69 10.32
C LEU A 401 26.25 20.92 9.04
N PHE A 402 27.34 20.16 8.96
CA PHE A 402 27.63 19.24 7.91
C PHE A 402 27.49 17.81 8.37
N PHE A 403 27.07 16.94 7.46
CA PHE A 403 26.83 15.53 7.70
C PHE A 403 27.30 14.69 6.53
N GLU A 404 27.66 13.44 6.82
CA GLU A 404 28.08 12.51 5.77
C GLU A 404 27.74 11.10 6.23
N ILE A 405 27.20 10.25 5.35
CA ILE A 405 26.98 8.84 5.64
C ILE A 405 26.96 8.11 4.32
N GLY A 406 27.90 7.21 4.12
CA GLY A 406 27.94 6.50 2.87
C GLY A 406 27.87 7.42 1.67
N LEU A 407 26.94 7.12 0.74
CA LEU A 407 26.83 7.89 -0.50
C LEU A 407 26.16 9.23 -0.32
N ALA A 408 25.71 9.55 0.90
CA ALA A 408 24.96 10.76 1.22
C ALA A 408 25.84 11.83 1.89
N ARG A 409 25.60 13.10 1.56
CA ARG A 409 26.17 14.26 2.22
C ARG A 409 25.01 15.17 2.60
N GLY A 410 25.15 16.01 3.59
CA GLY A 410 24.05 16.90 3.92
C GLY A 410 24.51 18.12 4.69
N VAL A 411 23.67 19.14 4.73
CA VAL A 411 23.88 20.30 5.59
C VAL A 411 22.55 20.66 6.21
N ARG A 412 22.58 21.24 7.38
CA ARG A 412 21.37 21.85 7.91
C ARG A 412 21.68 23.17 8.60
N THR A 413 20.70 24.07 8.45
CA THR A 413 20.57 25.26 9.25
C THR A 413 19.52 25.04 10.32
N LYS A 414 19.16 26.11 11.04
CA LYS A 414 18.04 26.04 11.97
C LYS A 414 16.77 25.62 11.26
N ASP A 415 16.55 26.14 10.04
CA ASP A 415 15.25 26.00 9.40
C ASP A 415 15.20 25.09 8.17
N TRP A 416 16.37 24.67 7.63
CA TRP A 416 16.37 23.85 6.44
C TRP A 416 17.39 22.73 6.54
N LYS A 417 17.08 21.61 5.85
CA LYS A 417 18.01 20.50 5.70
C LYS A 417 18.07 20.17 4.21
N TYR A 418 19.28 19.95 3.71
CA TYR A 418 19.53 19.48 2.36
C TYR A 418 20.41 18.23 2.40
N ILE A 419 20.00 17.23 1.63
CA ILE A 419 20.69 15.98 1.47
C ILE A 419 20.96 15.74 0.00
N ALA A 420 22.18 15.33 -0.35
CA ALA A 420 22.56 14.91 -1.69
C ALA A 420 23.10 13.50 -1.60
N VAL A 421 22.65 12.62 -2.47
CA VAL A 421 23.14 11.29 -2.63
C VAL A 421 23.78 11.15 -4.01
N ARG A 422 25.02 10.67 -4.10
CA ARG A 422 25.69 10.47 -5.39
C ARG A 422 26.42 9.15 -5.37
N TYR A 423 26.42 8.46 -6.51
CA TYR A 423 26.78 7.06 -6.51
C TYR A 423 28.27 6.86 -6.81
N ASP A 424 28.85 5.86 -6.14
CA ASP A 424 30.16 5.37 -6.43
C ASP A 424 30.13 4.65 -7.79
N GLU A 425 31.33 4.42 -8.35
CA GLU A 425 31.44 3.76 -9.65
C GLU A 425 30.85 2.34 -9.65
N ALA A 426 31.04 1.55 -8.58
CA ALA A 426 30.55 0.18 -8.61
C ALA A 426 29.02 0.16 -8.60
N SER A 427 28.39 0.97 -7.75
CA SER A 427 26.91 1.05 -7.66
C SER A 427 26.34 1.52 -9.00
N GLN A 428 27.02 2.50 -9.61
CA GLN A 428 26.51 3.13 -10.84
C GLN A 428 26.52 2.09 -11.95
N ARG A 429 27.54 1.26 -12.01
CA ARG A 429 27.63 0.19 -13.03
C ARG A 429 26.48 -0.84 -12.87
N ILE A 430 26.13 -1.21 -11.64
CA ILE A 430 25.05 -2.19 -11.37
C ILE A 430 23.74 -1.52 -11.79
N VAL A 431 23.60 -0.21 -11.51
CA VAL A 431 22.39 0.54 -11.90
C VAL A 431 22.33 0.53 -13.43
N ASP A 432 23.44 0.76 -14.11
CA ASP A 432 23.48 0.84 -15.60
C ASP A 432 23.11 -0.52 -16.18
N SER A 433 23.43 -1.60 -15.47
CA SER A 433 23.22 -2.95 -15.95
C SER A 433 21.73 -3.31 -15.93
N GLY A 434 20.92 -2.59 -15.16
CA GLY A 434 19.52 -2.94 -15.00
C GLY A 434 19.29 -4.11 -14.05
N LYS A 435 20.36 -4.74 -13.56
CA LYS A 435 20.25 -5.78 -12.55
C LYS A 435 19.95 -5.14 -11.19
N MET A 436 19.20 -5.85 -10.33
CA MET A 436 18.93 -5.38 -8.98
C MET A 436 20.10 -5.69 -8.07
N PHE A 437 20.22 -4.94 -6.97
CA PHE A 437 21.18 -5.22 -5.92
C PHE A 437 20.71 -6.42 -5.10
N LYS A 438 21.61 -7.38 -4.86
CA LYS A 438 21.34 -8.47 -3.93
C LYS A 438 21.14 -7.89 -2.52
N GLY A 439 19.94 -8.07 -1.96
CA GLY A 439 19.57 -7.45 -0.70
C GLY A 439 19.54 -8.42 0.48
N TYR A 440 19.37 -7.84 1.68
CA TYR A 440 19.25 -8.54 2.94
C TYR A 440 18.01 -9.42 2.92
N LYS A 441 18.18 -10.68 3.34
CA LYS A 441 17.14 -11.69 3.37
C LYS A 441 16.34 -11.66 2.08
N GLY A 442 17.02 -11.52 0.94
CA GLY A 442 16.36 -11.60 -0.35
C GLY A 442 15.56 -10.35 -0.74
N HIS A 443 15.64 -9.25 0.03
CA HIS A 443 14.99 -8.01 -0.37
C HIS A 443 15.86 -7.21 -1.36
N ASP A 444 15.88 -7.67 -2.60
CA ASP A 444 16.63 -7.04 -3.67
C ASP A 444 16.07 -5.65 -3.91
N HIS A 445 16.93 -4.76 -4.42
CA HIS A 445 16.54 -3.36 -4.61
C HIS A 445 17.22 -2.79 -5.85
N LYS A 446 16.55 -1.81 -6.48
CA LYS A 446 16.98 -1.26 -7.76
C LYS A 446 18.14 -0.28 -7.58
N LEU A 447 18.07 0.53 -6.51
CA LEU A 447 19.03 1.59 -6.33
C LEU A 447 19.83 1.36 -5.06
N PRO A 448 21.09 1.87 -4.97
CA PRO A 448 21.95 1.54 -3.82
C PRO A 448 21.45 2.20 -2.54
N HIS A 449 21.76 1.55 -1.43
CA HIS A 449 21.60 2.18 -0.12
C HIS A 449 22.78 3.11 0.08
N TYR A 450 22.68 3.97 1.11
CA TYR A 450 23.79 4.88 1.35
C TYR A 450 25.02 4.07 1.73
N VAL A 451 24.78 3.00 2.50
CA VAL A 451 25.85 2.19 3.05
C VAL A 451 25.87 0.81 2.38
N ARG A 452 27.04 0.20 2.44
CA ARG A 452 27.17 -1.17 1.94
C ARG A 452 26.43 -2.19 2.79
N ASN A 453 26.31 -1.93 4.10
CA ASN A 453 25.63 -2.83 5.02
C ASN A 453 24.16 -2.97 4.63
N GLY A 454 23.82 -4.17 4.14
CA GLY A 454 22.48 -4.39 3.62
C GLY A 454 21.41 -4.46 4.70
N HIS A 455 21.76 -4.92 5.89
CA HIS A 455 20.85 -4.92 7.04
C HIS A 455 20.44 -3.48 7.38
N LEU A 456 21.41 -2.58 7.54
CA LEU A 456 21.08 -1.19 7.85
C LEU A 456 20.30 -0.53 6.72
N GLY A 457 20.72 -0.73 5.46
CA GLY A 457 20.02 -0.16 4.32
C GLY A 457 18.59 -0.63 4.21
N TYR A 458 18.35 -1.93 4.37
CA TYR A 458 17.01 -2.48 4.30
C TYR A 458 16.12 -1.78 5.32
N TYR A 459 16.58 -1.69 6.57
CA TYR A 459 15.72 -1.18 7.62
C TYR A 459 15.55 0.32 7.47
N GLY A 460 16.59 1.01 7.01
CA GLY A 460 16.48 2.45 6.86
C GLY A 460 15.55 2.87 5.72
N ALA A 461 15.47 2.06 4.65
CA ALA A 461 14.65 2.40 3.49
C ALA A 461 13.21 1.89 3.65
N LYS A 462 12.95 0.91 4.50
CA LYS A 462 11.70 0.14 4.45
C LYS A 462 10.46 1.02 4.57
N ASP A 463 10.47 1.98 5.52
CA ASP A 463 9.31 2.82 5.74
C ASP A 463 9.68 4.29 5.49
N HIS A 464 10.61 4.54 4.59
CA HIS A 464 11.03 5.89 4.24
C HIS A 464 10.92 6.08 2.74
N PRO A 465 9.75 6.50 2.26
CA PRO A 465 9.56 6.68 0.83
C PRO A 465 10.54 7.60 0.12
N LEU A 466 11.21 8.53 0.86
CA LEU A 466 12.11 9.49 0.25
C LEU A 466 13.58 9.03 0.31
N TYR A 467 13.82 7.86 0.93
CA TYR A 467 15.19 7.42 1.18
C TYR A 467 16.07 7.56 -0.04
N PHE A 468 15.60 7.08 -1.22
CA PHE A 468 16.45 7.00 -2.40
C PHE A 468 16.46 8.28 -3.24
N ASP A 469 15.73 9.30 -2.84
CA ASP A 469 15.73 10.56 -3.57
C ASP A 469 17.15 11.14 -3.54
N LYS A 470 17.71 11.44 -4.71
CA LYS A 470 19.09 11.89 -4.79
C LYS A 470 19.29 13.30 -4.30
N ASN A 471 18.24 14.13 -4.25
CA ASN A 471 18.31 15.48 -3.73
C ASN A 471 17.06 15.67 -2.88
N GLN A 472 17.27 16.01 -1.58
CA GLN A 472 16.21 16.14 -0.63
C GLN A 472 16.35 17.47 0.09
N LEU A 473 15.24 18.24 0.18
CA LEU A 473 15.23 19.50 0.83
C LEU A 473 14.02 19.51 1.76
N PHE A 474 14.23 19.80 3.03
CA PHE A 474 13.18 19.82 4.03
C PHE A 474 13.19 21.15 4.73
N ASN A 475 11.98 21.68 4.91
CA ASN A 475 11.75 22.83 5.76
C ASN A 475 11.40 22.34 7.15
N ARG A 476 12.24 22.71 8.15
CA ARG A 476 12.18 22.13 9.48
C ARG A 476 11.07 22.78 10.31
N VAL A 477 10.45 23.86 9.81
CA VAL A 477 9.33 24.51 10.49
C VAL A 477 7.99 23.97 10.00
N THR A 478 7.81 23.77 8.68
CA THR A 478 6.56 23.28 8.13
C THR A 478 6.54 21.74 8.08
N ASP A 479 7.69 21.07 8.27
CA ASP A 479 7.76 19.65 8.08
C ASP A 479 8.80 19.03 9.02
N PRO A 480 8.58 19.07 10.34
CA PRO A 480 9.51 18.47 11.28
C PRO A 480 9.74 16.98 11.12
N GLU A 481 8.79 16.26 10.52
CA GLU A 481 8.91 14.78 10.33
C GLU A 481 9.62 14.46 9.00
N GLU A 482 9.97 15.46 8.21
CA GLU A 482 10.73 15.26 6.95
C GLU A 482 10.00 14.27 6.03
N THR A 483 8.76 14.59 5.67
CA THR A 483 7.93 13.75 4.80
C THR A 483 7.69 14.42 3.46
N LYS A 484 8.11 15.66 3.30
CA LYS A 484 7.83 16.44 2.06
C LYS A 484 9.12 16.98 1.43
N ASN A 485 9.51 16.39 0.30
CA ASN A 485 10.73 16.80 -0.44
C ASN A 485 10.39 18.10 -1.19
N LEU A 486 11.06 19.18 -0.82
CA LEU A 486 10.85 20.49 -1.45
C LEU A 486 11.93 20.83 -2.48
N TYR A 487 12.77 19.86 -2.86
CA TYR A 487 13.86 20.12 -3.77
C TYR A 487 13.37 20.77 -5.09
N ASN A 488 12.30 20.26 -5.62
CA ASN A 488 11.77 20.81 -6.88
C ASN A 488 10.81 21.97 -6.67
N ILE A 489 10.40 22.25 -5.45
CA ILE A 489 9.41 23.30 -5.11
C ILE A 489 10.13 24.59 -4.69
N ASN A 490 11.36 24.50 -4.22
CA ASN A 490 12.11 25.66 -3.65
C ASN A 490 13.50 25.62 -4.25
N SER A 491 13.64 25.74 -5.57
CA SER A 491 14.94 25.59 -6.25
C SER A 491 15.98 26.64 -5.81
N LYS A 492 15.59 27.88 -5.55
CA LYS A 492 16.53 28.93 -5.10
C LYS A 492 17.11 28.52 -3.74
N LYS A 493 16.26 28.01 -2.87
CA LYS A 493 16.73 27.63 -1.54
C LYS A 493 17.65 26.42 -1.67
N ALA A 494 17.27 25.46 -2.51
CA ALA A 494 18.14 24.31 -2.75
C ALA A 494 19.54 24.75 -3.19
N ASP A 495 19.59 25.72 -4.12
CA ASP A 495 20.87 26.24 -4.59
C ASP A 495 21.71 26.89 -3.47
N GLU A 496 21.06 27.59 -2.54
CA GLU A 496 21.70 28.22 -1.39
C GLU A 496 22.29 27.14 -0.49
N MET A 497 21.54 26.05 -0.28
CA MET A 497 22.01 24.97 0.56
C MET A 497 23.16 24.22 -0.11
N LYS A 498 23.10 24.04 -1.43
CA LYS A 498 24.19 23.42 -2.15
C LYS A 498 25.49 24.20 -1.99
N LYS A 499 25.45 25.54 -1.94
CA LYS A 499 26.63 26.36 -1.68
C LYS A 499 27.27 26.02 -0.32
N LYS A 500 26.44 25.80 0.70
CA LYS A 500 26.94 25.50 2.02
C LYS A 500 27.58 24.13 1.98
N LEU A 501 26.92 23.18 1.31
CA LEU A 501 27.50 21.85 1.19
C LEU A 501 28.87 21.89 0.49
N LEU A 502 28.94 22.60 -0.65
CA LEU A 502 30.18 22.72 -1.41
C LEU A 502 31.28 23.31 -0.53
N GLU A 503 31.00 24.31 0.28
CA GLU A 503 32.02 24.90 1.12
C GLU A 503 32.68 23.86 2.03
N LYS A 504 31.90 22.87 2.47
CA LYS A 504 32.46 21.78 3.32
C LYS A 504 33.14 20.72 2.42
N LEU A 505 32.56 20.34 1.31
CA LEU A 505 33.14 19.31 0.47
C LEU A 505 34.53 19.70 -0.02
N VAL A 506 34.75 20.98 -0.31
CA VAL A 506 36.03 21.38 -0.93
C VAL A 506 37.15 21.34 0.10
N THR A 507 36.84 21.13 1.39
CA THR A 507 37.88 21.03 2.42
C THR A 507 38.46 19.63 2.57
N PHE A 508 37.94 18.62 1.82
CA PHE A 508 38.46 17.26 1.79
C PHE A 508 39.31 17.09 0.52
N PRO A 509 40.64 17.25 0.64
CA PRO A 509 41.49 17.06 -0.55
C PRO A 509 41.31 15.71 -1.21
N ASP A 510 41.26 15.70 -2.55
CA ASP A 510 41.30 14.51 -3.37
C ASP A 510 40.08 13.63 -3.16
N ARG A 511 38.94 14.28 -2.83
CA ARG A 511 37.71 13.59 -2.56
C ARG A 511 36.61 14.23 -3.43
N PRO A 512 36.30 13.65 -4.60
CA PRO A 512 35.20 14.19 -5.40
C PRO A 512 33.85 13.78 -4.84
N PHE A 513 32.81 14.45 -5.34
CA PHE A 513 31.44 14.12 -4.98
C PHE A 513 30.50 14.65 -6.09
N GLY A 514 29.93 13.70 -6.84
CA GLY A 514 29.06 13.99 -7.98
C GLY A 514 29.57 15.17 -8.80
N GLU A 515 28.65 16.08 -9.13
CA GLU A 515 28.93 17.29 -9.91
C GLU A 515 29.42 18.44 -9.01
N PHE A 516 29.41 18.27 -7.66
CA PHE A 516 29.91 19.33 -6.79
C PHE A 516 31.42 19.51 -6.96
N ILE A 517 32.10 18.37 -6.97
CA ILE A 517 33.55 18.27 -7.15
C ILE A 517 33.79 17.12 -8.11
N ASN A 518 34.22 17.41 -9.36
CA ASN A 518 34.35 16.35 -10.35
C ASN A 518 35.59 15.49 -10.06
N LYS A 519 35.50 14.19 -10.34
CA LYS A 519 36.62 13.25 -10.31
C LYS A 519 37.85 13.79 -11.08
N ASN B 1 6.83 47.10 7.07
CA ASN B 1 7.68 47.24 5.86
C ASN B 1 7.10 48.32 4.95
N LYS B 2 7.99 49.00 4.21
CA LYS B 2 7.59 49.95 3.20
C LYS B 2 6.91 49.27 2.00
N LYS B 3 7.25 48.02 1.70
CA LYS B 3 6.69 47.34 0.54
C LYS B 3 5.53 46.48 1.06
N PRO B 4 4.25 46.71 0.67
CA PRO B 4 3.15 45.85 1.13
C PRO B 4 3.19 44.46 0.52
N ASN B 5 2.65 43.47 1.27
CA ASN B 5 2.52 42.13 0.73
C ASN B 5 1.31 42.10 -0.21
N ILE B 6 1.36 41.19 -1.20
CA ILE B 6 0.24 41.00 -2.11
C ILE B 6 -0.14 39.52 -2.18
N VAL B 7 -1.40 39.23 -1.85
CA VAL B 7 -1.97 37.90 -2.01
C VAL B 7 -3.10 38.00 -3.03
N PHE B 8 -2.87 37.36 -4.17
CA PHE B 8 -3.81 37.40 -5.30
C PHE B 8 -4.50 36.04 -5.42
N ILE B 9 -5.81 36.05 -5.13
CA ILE B 9 -6.63 34.84 -5.06
C ILE B 9 -7.59 34.85 -6.24
N LEU B 10 -7.42 33.82 -7.11
CA LEU B 10 -8.10 33.74 -8.40
C LEU B 10 -8.88 32.45 -8.51
N THR B 11 -10.20 32.59 -8.73
CA THR B 11 -11.02 31.43 -9.12
C THR B 11 -11.04 31.27 -10.64
N ASP B 12 -11.72 30.22 -11.13
CA ASP B 12 -11.63 29.77 -12.50
C ASP B 12 -13.04 29.64 -13.08
N ASP B 13 -13.40 30.48 -14.06
CA ASP B 13 -14.68 30.36 -14.79
C ASP B 13 -15.85 30.82 -13.93
N GLN B 14 -15.64 31.82 -13.07
CA GLN B 14 -16.67 32.29 -12.16
C GLN B 14 -17.09 33.73 -12.51
N SER B 15 -18.24 33.87 -13.18
CA SER B 15 -18.86 35.15 -13.45
C SER B 15 -19.26 35.90 -12.17
N SER B 16 -19.32 37.25 -12.30
CA SER B 16 -19.92 38.05 -11.22
C SER B 16 -21.45 38.09 -11.23
N ILE B 17 -22.08 37.49 -12.23
CA ILE B 17 -23.54 37.63 -12.41
C ILE B 17 -24.28 36.76 -11.41
N PRO B 18 -25.11 37.35 -10.53
CA PRO B 18 -25.80 36.57 -9.51
C PRO B 18 -26.98 35.85 -10.15
N ILE B 19 -27.33 34.77 -9.50
CA ILE B 19 -28.46 33.95 -9.95
C ILE B 19 -29.59 34.17 -8.92
N ASN B 20 -30.65 34.87 -9.34
CA ASN B 20 -31.63 35.39 -8.39
C ASN B 20 -32.80 34.42 -8.26
N LYS B 21 -32.47 33.18 -7.92
CA LYS B 21 -33.46 32.13 -7.76
C LYS B 21 -32.76 30.95 -7.14
N PRO B 22 -33.48 30.01 -6.49
CA PRO B 22 -32.84 29.01 -5.64
C PRO B 22 -32.13 27.88 -6.36
N HIS B 23 -32.59 27.55 -7.57
CA HIS B 23 -32.02 26.53 -8.41
C HIS B 23 -31.19 27.22 -9.50
N SER B 24 -29.86 26.99 -9.42
CA SER B 24 -28.96 27.71 -10.30
C SER B 24 -28.96 27.18 -11.72
N ALA B 25 -29.60 26.04 -11.95
CA ALA B 25 -29.75 25.54 -13.31
C ALA B 25 -28.41 25.46 -14.06
N GLY B 26 -27.43 24.81 -13.42
CA GLY B 26 -26.19 24.45 -14.09
C GLY B 26 -25.17 25.60 -14.18
N GLU B 27 -25.40 26.69 -13.47
CA GLU B 27 -24.52 27.86 -13.52
C GLU B 27 -23.75 27.97 -12.21
N SER B 28 -22.55 28.55 -12.27
CA SER B 28 -21.83 29.05 -11.10
C SER B 28 -22.60 30.13 -10.39
N ARG B 29 -22.33 30.32 -9.09
CA ARG B 29 -22.75 31.47 -8.34
C ARG B 29 -21.52 32.32 -7.99
N PRO B 30 -21.69 33.64 -7.94
CA PRO B 30 -20.62 34.49 -7.42
C PRO B 30 -20.61 34.57 -5.91
N PHE B 31 -19.80 35.44 -5.33
CA PHE B 31 -19.73 35.56 -3.89
C PHE B 31 -20.89 36.37 -3.37
N GLY B 32 -21.08 36.29 -2.06
CA GLY B 32 -22.16 37.05 -1.45
C GLY B 32 -22.08 38.56 -1.73
N PHE B 33 -20.84 39.08 -1.78
CA PHE B 33 -20.63 40.51 -1.97
C PHE B 33 -20.98 40.97 -3.37
N ASN B 34 -21.10 40.03 -4.32
CA ASN B 34 -21.59 40.26 -5.66
C ASN B 34 -23.12 40.32 -5.77
N GLY B 35 -23.81 40.00 -4.66
CA GLY B 35 -25.26 40.12 -4.63
C GLY B 35 -25.97 38.78 -4.75
N ASP B 36 -25.27 37.66 -4.62
CA ASP B 36 -25.95 36.37 -4.63
C ASP B 36 -26.39 36.05 -3.20
N LYS B 37 -27.70 35.79 -3.05
CA LYS B 37 -28.30 35.60 -1.73
C LYS B 37 -28.33 34.13 -1.32
N TYR B 38 -27.80 33.23 -2.14
CA TYR B 38 -27.93 31.80 -1.89
C TYR B 38 -26.62 31.13 -1.45
N VAL B 39 -25.60 31.96 -1.24
CA VAL B 39 -24.29 31.46 -0.89
C VAL B 39 -23.91 31.91 0.52
N HIS B 40 -22.88 31.21 1.04
CA HIS B 40 -22.34 31.51 2.35
C HIS B 40 -20.82 31.67 2.24
N THR B 41 -20.40 32.93 2.14
CA THR B 41 -18.99 33.24 1.98
C THR B 41 -18.61 34.35 2.95
N PRO B 42 -18.73 34.12 4.27
CA PRO B 42 -18.57 35.20 5.22
C PRO B 42 -17.19 35.87 5.25
N ILE B 43 -16.12 35.07 5.22
CA ILE B 43 -14.77 35.65 5.29
C ILE B 43 -14.56 36.56 4.09
N ILE B 44 -14.87 36.05 2.91
CA ILE B 44 -14.67 36.80 1.66
C ILE B 44 -15.55 38.05 1.68
N ASP B 45 -16.78 37.91 2.12
CA ASP B 45 -17.70 39.06 2.10
C ASP B 45 -17.20 40.12 3.09
N GLU B 46 -16.59 39.69 4.18
CA GLU B 46 -16.07 40.62 5.21
C GLU B 46 -14.83 41.34 4.67
N LEU B 47 -13.97 40.65 3.93
CA LEU B 47 -12.80 41.30 3.30
C LEU B 47 -13.30 42.37 2.33
N ALA B 48 -14.33 42.04 1.55
CA ALA B 48 -14.86 42.96 0.56
C ALA B 48 -15.51 44.15 1.25
N LYS B 49 -16.30 43.87 2.29
CA LYS B 49 -16.98 44.95 2.98
C LYS B 49 -15.96 45.90 3.57
N ASN B 50 -14.84 45.36 4.05
CA ASN B 50 -13.80 46.14 4.75
C ASN B 50 -12.70 46.60 3.80
N GLY B 51 -12.99 46.53 2.50
CA GLY B 51 -12.11 47.02 1.47
C GLY B 51 -12.92 47.69 0.37
N MET B 52 -12.53 47.44 -0.88
CA MET B 52 -13.13 48.06 -2.05
C MET B 52 -13.69 47.00 -3.01
N ILE B 53 -14.96 47.17 -3.39
CA ILE B 53 -15.64 46.29 -4.34
C ILE B 53 -15.69 46.99 -5.68
N PHE B 54 -15.23 46.34 -6.73
CA PHE B 54 -15.27 46.85 -8.09
C PHE B 54 -16.47 46.21 -8.82
N SER B 55 -17.44 47.03 -9.24
CA SER B 55 -18.68 46.48 -9.80
C SER B 55 -18.61 46.37 -11.32
N ASN B 56 -17.55 46.88 -12.00
CA ASN B 56 -17.41 46.77 -13.43
C ASN B 56 -15.99 46.33 -13.79
N ALA B 57 -15.59 45.22 -13.15
CA ALA B 57 -14.34 44.57 -13.51
C ALA B 57 -14.51 43.62 -14.67
N THR B 58 -13.60 43.68 -15.62
CA THR B 58 -13.69 42.89 -16.82
C THR B 58 -12.36 42.24 -17.17
N VAL B 59 -12.35 41.39 -18.17
CA VAL B 59 -11.12 40.84 -18.69
C VAL B 59 -11.00 41.06 -20.19
N SER B 60 -9.78 41.24 -20.67
CA SER B 60 -9.58 41.57 -22.08
C SER B 60 -9.79 40.38 -23.01
N THR B 61 -9.54 39.14 -22.53
CA THR B 61 -9.84 37.95 -23.28
C THR B 61 -10.50 36.96 -22.34
N PRO B 62 -11.75 36.53 -22.58
CA PRO B 62 -12.48 35.65 -21.65
C PRO B 62 -12.22 34.17 -21.86
N VAL B 63 -10.96 33.79 -21.78
CA VAL B 63 -10.65 32.35 -21.77
C VAL B 63 -9.38 32.20 -20.92
N CYS B 64 -9.28 31.12 -20.20
CA CYS B 64 -8.22 30.88 -19.22
C CYS B 64 -6.79 31.36 -19.54
N SER B 65 -6.09 30.76 -20.48
CA SER B 65 -4.65 31.10 -20.69
C SER B 65 -4.49 32.59 -20.99
N ALA B 66 -5.36 33.13 -21.83
CA ALA B 66 -5.25 34.52 -22.24
C ALA B 66 -5.49 35.48 -21.08
N SER B 67 -6.50 35.19 -20.24
CA SER B 67 -6.78 36.07 -19.13
C SER B 67 -5.62 36.07 -18.13
N ARG B 68 -5.12 34.85 -17.82
CA ARG B 68 -4.05 34.71 -16.86
C ARG B 68 -2.75 35.38 -17.38
N TYR B 69 -2.47 35.27 -18.68
CA TYR B 69 -1.35 35.99 -19.30
C TYR B 69 -1.46 37.47 -19.00
N SER B 70 -2.63 38.04 -19.26
CA SER B 70 -2.82 39.47 -19.04
C SER B 70 -2.69 39.84 -17.56
N ILE B 71 -3.31 39.02 -16.66
CA ILE B 71 -3.15 39.28 -15.24
C ILE B 71 -1.66 39.41 -14.88
N LEU B 72 -0.86 38.44 -15.32
CA LEU B 72 0.52 38.38 -14.83
C LEU B 72 1.45 39.27 -15.63
N THR B 73 0.96 40.00 -16.65
CA THR B 73 1.87 40.84 -17.44
C THR B 73 1.46 42.30 -17.52
N GLY B 74 0.15 42.59 -17.45
CA GLY B 74 -0.35 43.92 -17.75
C GLY B 74 -0.52 44.16 -19.26
N ARG B 75 -0.32 43.15 -20.09
CA ARG B 75 -0.40 43.28 -21.55
C ARG B 75 -1.59 42.49 -22.07
N TYR B 76 -2.21 43.04 -23.15
CA TYR B 76 -3.21 42.29 -23.88
C TYR B 76 -2.63 40.97 -24.38
N ALA B 77 -3.42 39.92 -24.33
CA ALA B 77 -2.96 38.60 -24.74
C ALA B 77 -2.54 38.53 -26.21
N GLY B 78 -3.17 39.34 -27.08
CA GLY B 78 -2.74 39.41 -28.47
C GLY B 78 -1.31 39.91 -28.71
N ARG B 79 -0.62 40.34 -27.64
CA ARG B 79 0.79 40.72 -27.71
C ARG B 79 1.71 39.52 -27.48
N SER B 80 1.19 38.37 -27.06
CA SER B 80 2.02 37.25 -26.65
C SER B 80 2.97 36.85 -27.79
N LYS B 81 4.21 36.48 -27.39
CA LYS B 81 5.25 35.99 -28.29
C LYS B 81 5.58 34.55 -27.93
N GLY B 82 4.67 33.90 -27.22
CA GLY B 82 4.82 32.51 -26.86
C GLY B 82 5.14 31.65 -28.08
N SER B 83 5.87 30.59 -27.81
CA SER B 83 6.34 29.74 -28.86
C SER B 83 5.21 29.11 -29.69
N VAL B 84 4.19 28.59 -28.99
CA VAL B 84 3.02 28.03 -29.68
C VAL B 84 2.25 29.12 -30.43
N PHE B 85 2.10 30.26 -29.78
CA PHE B 85 1.31 31.32 -30.40
C PHE B 85 1.93 31.81 -31.71
N MET B 86 3.27 31.95 -31.73
CA MET B 86 3.94 32.49 -32.91
C MET B 86 3.94 31.48 -34.04
N LYS B 87 3.98 30.18 -33.72
CA LYS B 87 3.84 29.14 -34.74
C LYS B 87 2.46 29.18 -35.40
N LEU B 88 1.41 29.43 -34.61
CA LEU B 88 0.07 29.58 -35.16
C LEU B 88 -0.15 30.90 -35.89
N HIS B 89 0.50 31.98 -35.45
CA HIS B 89 0.22 33.32 -35.96
C HIS B 89 1.53 34.03 -36.31
N PRO B 90 2.17 33.67 -37.46
CA PRO B 90 3.38 34.38 -37.87
C PRO B 90 3.09 35.87 -38.07
N LYS B 91 4.12 36.70 -37.93
CA LYS B 91 3.96 38.11 -38.19
C LYS B 91 3.32 38.28 -39.58
N GLY B 92 2.40 39.23 -39.61
CA GLY B 92 1.68 39.62 -40.80
C GLY B 92 0.33 38.91 -40.89
N LYS B 93 0.05 37.96 -39.98
CA LYS B 93 -1.23 37.28 -39.98
C LYS B 93 -2.06 37.73 -38.77
N MET B 94 -3.39 37.73 -38.90
CA MET B 94 -4.22 38.04 -37.74
C MET B 94 -4.02 36.99 -36.65
N THR B 95 -4.27 37.48 -35.42
CA THR B 95 -4.26 36.60 -34.26
C THR B 95 -5.66 36.02 -33.98
N ARG B 96 -5.63 34.83 -33.41
CA ARG B 96 -6.79 34.08 -32.96
C ARG B 96 -6.45 33.53 -31.59
N VAL B 97 -6.62 34.40 -30.60
CA VAL B 97 -6.25 34.13 -29.20
C VAL B 97 -7.24 33.17 -28.57
N GLU B 98 -6.74 32.15 -27.89
CA GLU B 98 -7.54 31.26 -27.07
C GLU B 98 -6.62 30.71 -25.98
N ASN B 99 -6.69 29.40 -25.72
CA ASN B 99 -5.83 28.84 -24.69
C ASN B 99 -4.48 28.49 -25.33
N ASN B 100 -3.83 29.48 -25.94
CA ASN B 100 -2.66 29.26 -26.76
C ASN B 100 -1.60 30.32 -26.48
N VAL B 101 -1.75 31.08 -25.38
CA VAL B 101 -0.75 32.07 -25.04
C VAL B 101 -0.08 31.64 -23.74
N GLU B 102 1.13 32.14 -23.60
CA GLU B 102 2.02 31.70 -22.55
C GLU B 102 2.99 32.82 -22.23
N LEU B 103 3.50 32.79 -21.00
CA LEU B 103 4.55 33.71 -20.61
C LEU B 103 5.83 33.42 -21.40
N GLU B 104 6.51 34.48 -21.75
CA GLU B 104 7.77 34.37 -22.53
C GLU B 104 8.94 34.31 -21.53
N GLU B 105 9.91 33.47 -21.83
CA GLU B 105 11.12 33.33 -20.98
C GLU B 105 11.94 34.61 -20.96
N ASP B 106 11.90 35.40 -22.03
CA ASP B 106 12.79 36.57 -22.19
C ASP B 106 12.05 37.90 -22.05
N GLN B 107 10.85 37.92 -21.46
CA GLN B 107 10.13 39.17 -21.23
C GLN B 107 9.71 39.30 -19.76
N ASP B 108 9.47 40.54 -19.36
CA ASP B 108 8.96 40.88 -18.04
C ASP B 108 7.67 40.12 -17.77
N ASN B 109 7.45 39.85 -16.49
CA ASN B 109 6.12 39.58 -15.96
C ASN B 109 6.10 40.11 -14.54
N LEU B 110 4.94 40.16 -13.88
CA LEU B 110 4.81 40.70 -12.55
C LEU B 110 5.78 40.00 -11.60
N ALA B 111 5.79 38.65 -11.63
CA ALA B 111 6.59 37.88 -10.67
C ALA B 111 8.07 38.20 -10.78
N LYS B 112 8.56 38.23 -12.00
CA LYS B 112 9.95 38.57 -12.21
C LYS B 112 10.25 39.97 -11.71
N LEU B 113 9.37 40.95 -11.99
CA LEU B 113 9.59 42.30 -11.56
C LEU B 113 9.53 42.47 -10.05
N LEU B 114 8.63 41.77 -9.37
CA LEU B 114 8.54 41.86 -7.95
C LEU B 114 9.77 41.18 -7.32
N GLN B 115 10.26 40.12 -7.94
CA GLN B 115 11.43 39.45 -7.38
C GLN B 115 12.59 40.44 -7.39
N LYS B 116 12.70 41.22 -8.47
CA LYS B 116 13.80 42.20 -8.59
C LYS B 116 13.61 43.34 -7.60
N ALA B 117 12.38 43.65 -7.19
CA ALA B 117 12.09 44.63 -6.16
C ALA B 117 12.27 44.07 -4.74
N GLY B 118 12.69 42.80 -4.63
CA GLY B 118 13.04 42.21 -3.34
C GLY B 118 11.93 41.36 -2.72
N TYR B 119 10.83 41.12 -3.46
CA TYR B 119 9.77 40.27 -2.95
C TYR B 119 10.12 38.80 -3.10
N LYS B 120 9.74 38.03 -2.08
CA LYS B 120 9.70 36.59 -2.19
C LYS B 120 8.38 36.25 -2.90
N THR B 121 8.52 35.49 -3.98
CA THR B 121 7.37 35.20 -4.84
C THR B 121 7.00 33.73 -4.78
N GLY B 122 5.69 33.48 -4.69
CA GLY B 122 5.19 32.14 -4.56
C GLY B 122 4.00 31.90 -5.47
N PHE B 123 3.95 30.70 -6.00
CA PHE B 123 2.89 30.26 -6.91
C PHE B 123 2.24 29.01 -6.36
N VAL B 124 0.90 28.98 -6.36
CA VAL B 124 0.14 27.77 -6.04
C VAL B 124 -0.99 27.61 -7.03
N GLY B 125 -1.26 26.39 -7.46
CA GLY B 125 -2.48 26.06 -8.18
C GLY B 125 -2.33 26.02 -9.69
N LYS B 126 -3.40 26.48 -10.39
CA LYS B 126 -3.50 26.30 -11.82
C LYS B 126 -2.62 27.30 -12.57
N SER B 127 -1.82 26.79 -13.48
CA SER B 127 -0.98 27.59 -14.36
C SER B 127 -1.67 27.93 -15.69
N HIS B 128 -1.61 27.02 -16.65
CA HIS B 128 -2.16 27.22 -17.98
C HIS B 128 -1.42 28.25 -18.83
N ILE B 129 -0.38 28.89 -18.30
CA ILE B 129 0.35 29.96 -19.05
C ILE B 129 1.85 29.69 -19.06
N ILE B 130 2.28 28.48 -18.73
CA ILE B 130 3.74 28.17 -18.66
C ILE B 130 4.08 27.02 -19.61
N ASP B 131 5.01 27.24 -20.53
CA ASP B 131 5.56 26.19 -21.41
C ASP B 131 4.48 25.32 -22.04
N HIS B 132 3.84 25.81 -23.10
CA HIS B 132 2.80 25.02 -23.75
C HIS B 132 3.38 23.86 -24.56
N ASN B 133 4.67 23.98 -24.94
CA ASN B 133 5.34 22.84 -25.60
C ASN B 133 5.44 21.71 -24.58
N LEU B 134 5.81 22.06 -23.33
CA LEU B 134 5.88 21.09 -22.25
C LEU B 134 4.49 20.57 -21.89
N LEU B 135 3.46 21.43 -21.98
CA LEU B 135 2.10 20.97 -21.73
C LEU B 135 1.64 19.88 -22.71
N HIS B 136 2.04 19.99 -23.98
CA HIS B 136 1.74 18.95 -24.95
C HIS B 136 2.37 17.63 -24.52
N LYS B 137 3.62 17.68 -24.03
CA LYS B 137 4.27 16.47 -23.53
C LYS B 137 3.52 15.88 -22.34
N GLN B 138 3.04 16.74 -21.44
CA GLN B 138 2.25 16.27 -20.32
C GLN B 138 0.99 15.58 -20.83
N GLU B 139 0.24 16.20 -21.75
CA GLU B 139 -1.02 15.63 -22.19
C GLU B 139 -0.79 14.26 -22.83
N LYS B 140 0.33 14.09 -23.54
CA LYS B 140 0.57 12.86 -24.28
C LYS B 140 1.42 11.89 -23.46
N GLN B 141 1.81 12.34 -22.25
CA GLN B 141 2.65 11.60 -21.31
C GLN B 141 3.94 11.11 -21.98
N LEU B 142 4.63 12.04 -22.62
CA LEU B 142 5.93 11.79 -23.24
C LEU B 142 7.04 12.24 -22.31
N PRO B 143 8.26 11.70 -22.46
CA PRO B 143 9.41 12.25 -21.73
C PRO B 143 9.48 13.78 -21.80
N PRO B 144 9.75 14.51 -20.69
CA PRO B 144 10.24 13.93 -19.42
C PRO B 144 9.21 13.33 -18.45
N PHE B 145 7.94 13.29 -18.84
CA PHE B 145 6.88 12.81 -17.96
C PHE B 145 6.84 11.28 -17.99
N LYS B 146 6.16 10.73 -16.99
CA LYS B 146 5.87 9.32 -16.82
C LYS B 146 4.38 9.05 -17.08
N SER B 147 4.07 7.87 -17.61
CA SER B 147 2.72 7.55 -18.06
C SER B 147 1.97 6.69 -17.05
N TYR B 148 0.64 6.66 -17.22
CA TYR B 148 -0.27 5.85 -16.43
C TYR B 148 -1.61 5.79 -17.16
N ASP B 149 -2.44 4.80 -16.80
CA ASP B 149 -3.70 4.61 -17.50
C ASP B 149 -4.72 5.61 -16.95
N LYS B 150 -5.68 6.03 -17.77
CA LYS B 150 -6.79 6.83 -17.28
C LYS B 150 -7.52 6.18 -16.11
N LYS B 151 -7.62 4.85 -16.07
CA LYS B 151 -8.38 4.18 -15.02
C LYS B 151 -7.54 3.79 -13.83
N ALA B 152 -6.23 4.05 -13.91
CA ALA B 152 -5.30 3.59 -12.90
C ALA B 152 -5.63 4.18 -11.54
N ASN B 153 -5.44 3.37 -10.50
CA ASN B 153 -5.64 3.76 -9.14
C ASN B 153 -4.38 4.48 -8.63
N PRO B 154 -4.48 5.77 -8.26
CA PRO B 154 -3.30 6.53 -7.82
C PRO B 154 -2.62 6.08 -6.53
N LYS B 155 -3.29 5.26 -5.72
CA LYS B 155 -2.64 4.64 -4.56
C LYS B 155 -1.64 3.57 -4.98
N ASP B 156 -1.81 2.94 -6.15
CA ASP B 156 -0.83 1.95 -6.61
C ASP B 156 0.53 2.63 -6.70
N PRO B 157 1.59 2.08 -6.07
CA PRO B 157 2.83 2.84 -5.86
C PRO B 157 3.56 3.31 -7.11
N GLU B 158 3.52 2.52 -8.19
CA GLU B 158 4.17 2.94 -9.43
C GLU B 158 3.34 4.05 -10.10
N VAL B 159 2.02 4.03 -9.87
CA VAL B 159 1.17 5.07 -10.44
C VAL B 159 1.41 6.38 -9.67
N ASN B 160 1.40 6.30 -8.34
CA ASN B 160 1.57 7.47 -7.49
C ASN B 160 2.92 8.11 -7.78
N LYS B 161 3.94 7.28 -7.97
CA LYS B 161 5.27 7.80 -8.24
C LYS B 161 5.27 8.60 -9.55
N ALA B 162 4.53 8.14 -10.56
CA ALA B 162 4.46 8.77 -11.87
C ALA B 162 3.77 10.15 -11.75
N ILE B 163 2.66 10.19 -11.01
CA ILE B 163 1.88 11.42 -10.90
C ILE B 163 2.70 12.43 -10.13
N HIS B 164 3.40 12.00 -9.09
CA HIS B 164 4.22 12.90 -8.27
C HIS B 164 5.34 13.47 -9.12
N HIS B 165 6.01 12.60 -9.90
CA HIS B 165 7.13 12.96 -10.76
C HIS B 165 6.71 14.09 -11.70
N ASN B 166 5.55 13.91 -12.32
CA ASN B 166 5.08 14.86 -13.31
C ASN B 166 4.78 16.22 -12.64
N HIS B 167 4.17 16.20 -11.45
CA HIS B 167 3.89 17.44 -10.70
C HIS B 167 5.18 18.18 -10.33
N GLU B 168 6.23 17.46 -9.91
CA GLU B 168 7.52 18.09 -9.62
C GLU B 168 8.17 18.78 -10.82
N ILE B 169 7.99 18.22 -12.02
CA ILE B 169 8.49 18.83 -13.25
C ILE B 169 7.85 20.23 -13.41
N TRP B 170 6.54 20.32 -13.15
CA TRP B 170 5.86 21.60 -13.27
C TRP B 170 6.29 22.58 -12.19
N CYS B 171 6.42 22.12 -10.93
CA CYS B 171 6.89 22.98 -9.87
C CYS B 171 8.24 23.62 -10.23
N LYS B 172 9.14 22.80 -10.78
CA LYS B 172 10.45 23.30 -11.19
C LYS B 172 10.35 24.30 -12.34
N ARG B 173 9.54 23.96 -13.34
CA ARG B 173 9.48 24.81 -14.52
C ARG B 173 8.85 26.16 -14.18
N ILE B 174 7.82 26.16 -13.33
CA ILE B 174 7.13 27.41 -13.07
C ILE B 174 8.07 28.41 -12.42
N GLN B 175 9.01 27.92 -11.61
CA GLN B 175 9.96 28.82 -10.91
C GLN B 175 10.87 29.55 -11.91
N ASP B 176 11.06 29.04 -13.12
CA ASP B 176 11.87 29.74 -14.13
C ASP B 176 11.22 31.04 -14.59
N PHE B 177 9.92 31.24 -14.28
CA PHE B 177 9.17 32.42 -14.74
C PHE B 177 9.03 33.47 -13.65
N GLY B 178 9.82 33.39 -12.56
CA GLY B 178 9.87 34.45 -11.59
C GLY B 178 9.34 34.11 -10.20
N PHE B 179 9.19 32.80 -9.91
CA PHE B 179 8.70 32.34 -8.62
C PHE B 179 9.84 31.66 -7.83
N ASP B 180 9.95 32.04 -6.57
CA ASP B 180 10.89 31.42 -5.63
C ASP B 180 10.38 30.05 -5.18
N TYR B 181 9.07 29.86 -5.26
CA TYR B 181 8.37 28.70 -4.73
C TYR B 181 7.22 28.40 -5.64
N ALA B 182 6.99 27.13 -5.92
CA ALA B 182 5.81 26.70 -6.65
C ALA B 182 5.41 25.33 -6.14
N ASN B 183 4.14 25.21 -5.72
CA ASN B 183 3.67 23.95 -5.16
C ASN B 183 2.15 23.87 -5.27
N GLY B 184 1.58 22.67 -5.21
CA GLY B 184 0.15 22.52 -5.33
C GLY B 184 -0.34 22.96 -6.71
N VAL B 185 0.37 22.53 -7.74
CA VAL B 185 0.19 23.06 -9.07
C VAL B 185 -0.57 22.11 -9.97
N TYR B 186 -1.19 22.75 -10.99
CA TYR B 186 -1.72 22.07 -12.14
C TYR B 186 -1.19 22.76 -13.41
N ALA B 187 -0.70 21.98 -14.35
CA ALA B 187 -0.20 22.49 -15.61
C ALA B 187 -1.27 23.27 -16.36
N ALA B 188 -2.49 22.74 -16.33
CA ALA B 188 -3.64 23.32 -17.02
C ALA B 188 -4.87 23.02 -16.16
N ASN B 189 -5.81 22.19 -16.65
CA ASN B 189 -7.03 21.86 -15.92
C ASN B 189 -6.91 20.45 -15.33
N LEU B 190 -7.94 20.02 -14.63
CA LEU B 190 -8.02 18.63 -14.19
C LEU B 190 -7.96 17.65 -15.37
N ARG B 191 -8.55 18.02 -16.51
CA ARG B 191 -8.59 17.18 -17.69
C ARG B 191 -7.21 16.67 -18.09
N GLU B 192 -6.18 17.51 -17.95
CA GLU B 192 -4.91 17.21 -18.59
C GLU B 192 -4.08 16.24 -17.74
N LEU B 193 -4.57 15.85 -16.56
CA LEU B 193 -3.97 14.74 -15.82
C LEU B 193 -4.38 13.38 -16.43
N PHE B 194 -5.45 13.31 -17.23
CA PHE B 194 -5.99 12.05 -17.79
C PHE B 194 -5.97 10.94 -16.75
N ASN B 195 -6.60 11.18 -15.62
CA ASN B 195 -6.80 10.13 -14.64
C ASN B 195 -8.10 10.38 -13.90
N ASP B 196 -8.98 9.37 -13.94
CA ASP B 196 -10.35 9.54 -13.44
C ASP B 196 -10.34 9.82 -11.95
N SER B 197 -9.50 9.13 -11.16
CA SER B 197 -9.51 9.26 -9.72
C SER B 197 -9.10 10.68 -9.26
N ILE B 198 -8.17 11.32 -9.96
CA ILE B 198 -7.71 12.64 -9.51
C ILE B 198 -8.38 13.75 -10.32
N ASN B 199 -9.37 13.39 -11.11
CA ASN B 199 -10.26 14.35 -11.79
C ASN B 199 -11.27 14.91 -10.81
N VAL B 200 -10.76 15.53 -9.75
CA VAL B 200 -11.56 16.10 -8.68
C VAL B 200 -10.86 17.37 -8.16
N HIS B 201 -11.67 18.34 -7.71
CA HIS B 201 -11.11 19.55 -7.12
C HIS B 201 -10.63 19.24 -5.72
N ASN B 202 -9.55 19.90 -5.27
CA ASN B 202 -9.05 19.78 -3.92
C ASN B 202 -8.65 21.16 -3.41
N VAL B 203 -9.55 21.83 -2.70
CA VAL B 203 -9.24 23.13 -2.12
C VAL B 203 -8.10 23.00 -1.11
N GLU B 204 -8.18 22.00 -0.22
CA GLU B 204 -7.27 21.92 0.89
C GLU B 204 -5.80 21.75 0.46
N TRP B 205 -5.56 20.93 -0.53
CA TRP B 205 -4.23 20.64 -1.02
C TRP B 205 -3.55 21.94 -1.41
N LYS B 206 -4.27 22.79 -2.18
CA LYS B 206 -3.63 24.02 -2.60
C LYS B 206 -3.50 25.02 -1.46
N ASN B 207 -4.47 25.04 -0.56
CA ASN B 207 -4.47 25.93 0.58
C ASN B 207 -3.22 25.62 1.44
N LYS B 208 -2.97 24.32 1.70
CA LYS B 208 -1.80 23.97 2.48
C LYS B 208 -0.50 24.46 1.80
N ALA B 209 -0.44 24.33 0.49
CA ALA B 209 0.70 24.82 -0.25
C ALA B 209 0.85 26.34 -0.05
N ALA B 210 -0.26 27.07 -0.02
CA ALA B 210 -0.20 28.52 0.13
C ALA B 210 0.29 28.87 1.53
N LEU B 211 -0.24 28.20 2.55
CA LEU B 211 0.17 28.47 3.93
C LEU B 211 1.62 28.12 4.18
N ASP B 212 2.08 27.04 3.56
CA ASP B 212 3.48 26.61 3.65
C ASP B 212 4.41 27.67 3.05
N PHE B 213 3.95 28.37 1.99
CA PHE B 213 4.77 29.41 1.42
C PHE B 213 4.88 30.56 2.42
N ILE B 214 3.75 31.02 2.94
CA ILE B 214 3.73 32.15 3.84
C ILE B 214 4.60 31.91 5.08
N ASP B 215 4.67 30.66 5.51
CA ASP B 215 5.55 30.31 6.62
C ASP B 215 7.03 30.43 6.26
N GLN B 216 7.38 30.37 4.97
CA GLN B 216 8.77 30.48 4.58
C GLN B 216 9.26 31.92 4.55
N VAL B 217 8.33 32.89 4.63
CA VAL B 217 8.68 34.28 4.48
C VAL B 217 9.09 34.84 5.83
N ASP B 218 10.20 35.60 5.85
CA ASP B 218 10.52 36.40 7.03
C ASP B 218 9.51 37.54 7.19
N LYS B 219 9.02 37.79 8.41
CA LYS B 219 8.13 38.90 8.77
C LYS B 219 8.52 40.25 8.15
N GLU B 220 9.82 40.52 8.07
CA GLU B 220 10.30 41.82 7.59
C GLU B 220 10.47 41.81 6.07
N GLU B 221 10.12 40.71 5.42
CA GLU B 221 10.39 40.56 4.01
C GLU B 221 9.08 40.64 3.24
N PRO B 222 8.99 41.43 2.15
CA PRO B 222 7.76 41.48 1.36
C PRO B 222 7.58 40.24 0.56
N PHE B 223 6.30 39.86 0.32
CA PHE B 223 6.00 38.71 -0.50
C PHE B 223 4.79 38.95 -1.39
N PHE B 224 4.80 38.14 -2.45
CA PHE B 224 3.69 38.05 -3.38
C PHE B 224 3.36 36.58 -3.50
N LEU B 225 2.06 36.28 -3.31
CA LEU B 225 1.52 34.93 -3.53
C LEU B 225 0.42 34.99 -4.60
N TYR B 226 0.61 34.21 -5.65
CA TYR B 226 -0.40 34.00 -6.71
C TYR B 226 -1.09 32.69 -6.37
N TYR B 227 -2.32 32.74 -5.90
CA TYR B 227 -3.07 31.55 -5.42
C TYR B 227 -4.15 31.28 -6.44
N SER B 228 -3.96 30.28 -7.28
CA SER B 228 -4.85 30.05 -8.43
C SER B 228 -5.68 28.78 -8.24
N GLU B 229 -6.96 28.94 -8.04
CA GLU B 229 -7.82 27.78 -7.83
C GLU B 229 -8.24 27.08 -9.13
N THR B 230 -8.61 25.81 -9.04
CA THR B 230 -9.30 25.14 -10.15
C THR B 230 -10.82 25.37 -10.06
N ILE B 231 -11.36 25.62 -8.89
CA ILE B 231 -12.81 25.75 -8.78
C ILE B 231 -13.28 27.06 -9.38
N PRO B 232 -14.52 27.15 -9.91
CA PRO B 232 -15.41 26.01 -10.19
C PRO B 232 -15.39 25.49 -11.61
N HIS B 233 -14.22 25.42 -12.26
CA HIS B 233 -14.09 24.98 -13.62
C HIS B 233 -14.53 23.52 -13.76
N GLY B 234 -14.91 23.15 -14.98
CA GLY B 234 -15.25 21.77 -15.28
C GLY B 234 -14.12 20.83 -14.87
N PRO B 235 -14.42 19.66 -14.29
CA PRO B 235 -15.77 19.26 -13.93
C PRO B 235 -16.29 19.99 -12.71
N ALA B 236 -17.44 20.63 -12.91
CA ALA B 236 -17.89 21.64 -11.98
C ALA B 236 -18.17 21.02 -10.63
N PRO B 237 -17.80 21.66 -9.50
CA PRO B 237 -17.99 21.05 -8.20
C PRO B 237 -19.46 20.92 -7.79
N TRP B 238 -20.36 21.69 -8.42
CA TRP B 238 -21.76 21.67 -8.04
C TRP B 238 -22.51 20.50 -8.71
N ILE B 239 -21.85 19.71 -9.54
CA ILE B 239 -22.52 18.63 -10.27
C ILE B 239 -23.00 17.58 -9.25
N ARG B 240 -24.30 17.28 -9.32
CA ARG B 240 -24.96 16.44 -8.35
C ARG B 240 -25.31 15.13 -9.06
N ARG B 241 -24.74 14.01 -8.56
CA ARG B 241 -25.04 12.69 -9.09
C ARG B 241 -25.30 11.72 -7.95
N GLY B 242 -26.49 11.10 -7.98
CA GLY B 242 -26.90 10.20 -6.92
C GLY B 242 -26.88 10.87 -5.55
N GLY B 243 -27.29 12.14 -5.49
CA GLY B 243 -27.33 12.88 -4.25
C GLY B 243 -25.94 13.29 -3.72
N LYS B 244 -24.90 13.14 -4.52
CA LYS B 244 -23.54 13.44 -4.08
C LYS B 244 -22.89 14.41 -5.07
N TYR B 245 -21.78 15.03 -4.61
CA TYR B 245 -21.02 16.01 -5.39
C TYR B 245 -19.65 15.40 -5.68
N PRO B 246 -19.54 14.49 -6.65
CA PRO B 246 -18.32 13.68 -6.79
C PRO B 246 -17.08 14.45 -7.23
N TYR B 247 -17.25 15.68 -7.76
CA TYR B 247 -16.08 16.41 -8.25
C TYR B 247 -15.64 17.47 -7.25
N GLY B 248 -16.39 17.64 -6.15
CA GLY B 248 -16.09 18.61 -5.12
C GLY B 248 -16.16 18.00 -3.73
N LEU B 249 -17.19 18.37 -2.99
CA LEU B 249 -17.19 18.08 -1.57
C LEU B 249 -17.30 16.59 -1.24
N ASP B 250 -17.81 15.77 -2.16
CA ASP B 250 -17.91 14.34 -1.84
C ASP B 250 -16.71 13.61 -2.42
N SER B 251 -15.71 14.33 -2.95
CA SER B 251 -14.55 13.63 -3.46
C SER B 251 -13.66 13.30 -2.26
N ASN B 252 -12.73 12.40 -2.54
CA ASN B 252 -11.74 11.99 -1.56
C ASN B 252 -10.63 13.03 -1.45
N PRO B 253 -10.43 13.63 -0.25
CA PRO B 253 -9.38 14.61 0.00
C PRO B 253 -7.96 14.08 -0.22
N SER B 254 -7.80 12.75 -0.23
CA SER B 254 -6.51 12.14 -0.50
C SER B 254 -6.09 12.26 -1.96
N PHE B 255 -6.99 12.64 -2.87
CA PHE B 255 -6.66 12.69 -4.29
C PHE B 255 -6.42 14.15 -4.69
N ASN B 256 -5.33 14.40 -5.41
CA ASN B 256 -4.93 15.79 -5.74
C ASN B 256 -4.07 15.77 -6.99
N GLY B 257 -3.50 16.93 -7.34
CA GLY B 257 -2.76 17.07 -8.58
C GLY B 257 -1.40 16.39 -8.59
N GLU B 258 -0.93 15.88 -7.44
CA GLU B 258 0.31 15.13 -7.39
C GLU B 258 0.05 13.65 -7.09
N GLY B 259 -1.23 13.27 -7.05
CA GLY B 259 -1.59 11.86 -6.88
C GLY B 259 -2.42 11.60 -5.63
N TYR B 260 -1.90 10.74 -4.72
CA TYR B 260 -2.59 10.32 -3.52
C TYR B 260 -1.70 10.57 -2.32
N ASP B 261 -2.27 11.13 -1.27
CA ASP B 261 -1.60 11.18 0.03
C ASP B 261 -2.67 11.23 1.12
N ASN B 262 -2.26 11.33 2.37
CA ASN B 262 -3.17 11.44 3.53
C ASN B 262 -2.73 12.67 4.33
N ASN B 263 -2.45 13.81 3.70
CA ASN B 263 -2.13 15.07 4.41
C ASN B 263 -3.17 15.36 5.50
N ASP B 264 -2.82 16.20 6.48
CA ASP B 264 -3.75 16.53 7.60
C ASP B 264 -4.35 17.93 7.38
N TYR B 265 -5.67 17.99 7.18
CA TYR B 265 -6.29 19.30 6.88
C TYR B 265 -7.28 19.59 7.94
N SER B 266 -6.97 19.19 9.17
CA SER B 266 -7.93 19.37 10.24
C SER B 266 -8.04 20.82 10.71
N TYR B 267 -7.16 21.73 10.22
CA TYR B 267 -7.28 23.15 10.49
C TYR B 267 -8.43 23.80 9.69
N LEU B 268 -8.99 23.04 8.76
CA LEU B 268 -10.21 23.42 8.05
C LEU B 268 -11.33 22.47 8.50
N PRO B 269 -12.60 22.86 8.34
CA PRO B 269 -13.71 21.92 8.58
C PRO B 269 -13.59 20.73 7.66
N SER B 270 -14.11 19.57 8.10
CA SER B 270 -14.32 18.49 7.16
C SER B 270 -15.31 18.87 6.06
N ARG B 271 -15.19 18.17 4.93
CA ARG B 271 -16.05 18.40 3.78
C ARG B 271 -17.51 18.16 4.22
N ASP B 272 -17.73 17.11 5.02
CA ASP B 272 -19.08 16.89 5.53
C ASP B 272 -19.59 18.08 6.33
N LYS B 273 -18.77 18.67 7.20
CA LYS B 273 -19.18 19.79 8.01
C LYS B 273 -19.46 21.07 7.21
N ILE B 274 -18.73 21.26 6.10
CA ILE B 274 -19.06 22.34 5.16
C ILE B 274 -20.49 22.17 4.65
N LYS B 275 -20.80 21.00 4.10
CA LYS B 275 -22.14 20.71 3.55
C LYS B 275 -23.19 20.95 4.66
N GLU B 276 -22.94 20.43 5.87
CA GLU B 276 -23.88 20.54 6.98
C GLU B 276 -24.16 22.01 7.32
N GLU B 277 -23.09 22.85 7.28
CA GLU B 277 -23.26 24.24 7.69
C GLU B 277 -24.13 24.96 6.65
N VAL B 278 -23.91 24.66 5.36
CA VAL B 278 -24.65 25.34 4.32
C VAL B 278 -26.14 24.94 4.40
N LYS B 279 -26.38 23.66 4.65
CA LYS B 279 -27.77 23.22 4.79
C LYS B 279 -28.41 23.89 6.00
N ARG B 280 -27.70 23.96 7.12
CA ARG B 280 -28.24 24.52 8.35
C ARG B 280 -28.62 25.99 8.18
N LEU B 281 -27.81 26.74 7.40
CA LEU B 281 -28.09 28.14 7.16
C LEU B 281 -29.10 28.38 6.06
N ASN B 282 -29.64 27.32 5.47
CA ASN B 282 -30.72 27.45 4.50
C ASN B 282 -30.18 28.08 3.21
N LYS B 283 -28.97 27.71 2.83
CA LYS B 283 -28.37 28.21 1.58
C LYS B 283 -28.33 27.05 0.59
N ASP B 284 -27.91 27.37 -0.63
CA ASP B 284 -28.00 26.43 -1.74
C ASP B 284 -26.93 25.36 -1.60
N VAL B 285 -27.32 24.12 -1.29
CA VAL B 285 -26.35 23.05 -1.04
C VAL B 285 -25.50 22.76 -2.28
N ASP B 286 -26.03 23.04 -3.49
CA ASP B 286 -25.29 22.78 -4.71
C ASP B 286 -24.00 23.63 -4.73
N HIS B 287 -24.01 24.75 -4.02
CA HIS B 287 -22.87 25.69 -4.11
C HIS B 287 -22.14 25.77 -2.77
N ALA B 288 -22.22 24.70 -1.98
CA ALA B 288 -21.43 24.61 -0.75
C ALA B 288 -19.93 24.71 -1.04
N TRP B 289 -19.49 24.43 -2.29
CA TRP B 289 -18.09 24.58 -2.67
C TRP B 289 -17.59 26.00 -2.40
N LEU B 290 -18.47 27.00 -2.43
CA LEU B 290 -18.05 28.36 -2.09
C LEU B 290 -17.69 28.53 -0.63
N THR B 291 -18.39 27.80 0.28
CA THR B 291 -18.10 27.88 1.70
C THR B 291 -16.80 27.12 1.96
N TRP B 292 -16.60 26.02 1.26
CA TRP B 292 -15.36 25.26 1.25
C TRP B 292 -14.16 26.19 0.98
N PHE B 293 -14.28 26.95 -0.11
CA PHE B 293 -13.25 27.95 -0.43
C PHE B 293 -13.15 29.05 0.60
N ASP B 294 -14.28 29.55 1.09
CA ASP B 294 -14.30 30.60 2.09
C ASP B 294 -13.45 30.25 3.32
N TYR B 295 -13.54 28.99 3.80
CA TYR B 295 -12.72 28.64 4.96
C TYR B 295 -11.23 28.62 4.61
N ALA B 296 -10.91 28.25 3.38
CA ALA B 296 -9.52 28.30 2.92
C ALA B 296 -8.99 29.73 2.98
N VAL B 297 -9.77 30.67 2.45
CA VAL B 297 -9.36 32.07 2.53
C VAL B 297 -9.20 32.48 4.00
N GLY B 298 -10.12 32.04 4.86
CA GLY B 298 -10.04 32.33 6.26
C GLY B 298 -8.74 31.87 6.91
N ALA B 299 -8.24 30.71 6.46
CA ALA B 299 -6.98 30.20 7.00
C ALA B 299 -5.81 31.10 6.61
N VAL B 300 -5.85 31.63 5.37
CA VAL B 300 -4.81 32.58 4.97
C VAL B 300 -4.86 33.82 5.84
N VAL B 301 -6.04 34.39 6.04
CA VAL B 301 -6.19 35.63 6.85
C VAL B 301 -5.69 35.35 8.27
N LYS B 302 -6.03 34.19 8.81
CA LYS B 302 -5.61 33.82 10.19
C LYS B 302 -4.08 33.83 10.25
N LYS B 303 -3.40 33.27 9.26
CA LYS B 303 -1.92 33.18 9.24
C LYS B 303 -1.33 34.59 9.09
N LEU B 304 -1.93 35.43 8.24
CA LEU B 304 -1.44 36.79 8.10
C LEU B 304 -1.51 37.57 9.41
N LYS B 305 -2.59 37.40 10.17
CA LYS B 305 -2.70 38.07 11.46
C LYS B 305 -1.67 37.54 12.45
N GLU B 306 -1.51 36.22 12.51
CA GLU B 306 -0.52 35.65 13.42
C GLU B 306 0.87 36.15 13.12
N LYS B 307 1.18 36.34 11.83
CA LYS B 307 2.49 36.74 11.39
C LYS B 307 2.71 38.23 11.65
N GLY B 308 1.65 39.01 11.89
CA GLY B 308 1.77 40.42 12.15
C GLY B 308 1.84 41.27 10.89
N VAL B 309 1.35 40.76 9.76
CA VAL B 309 1.56 41.42 8.46
C VAL B 309 0.21 41.74 7.80
N TYR B 310 -0.90 41.44 8.46
CA TYR B 310 -2.21 41.55 7.84
C TYR B 310 -2.56 42.99 7.46
N GLU B 311 -2.26 43.99 8.30
CA GLU B 311 -2.64 45.35 7.98
C GLU B 311 -1.91 45.89 6.74
N ASN B 312 -0.72 45.38 6.47
CA ASN B 312 0.02 45.81 5.32
C ASN B 312 0.12 44.73 4.25
N THR B 313 -0.95 43.92 4.12
CA THR B 313 -1.11 42.99 3.01
C THR B 313 -2.35 43.41 2.21
N LEU B 314 -2.15 43.44 0.91
CA LEU B 314 -3.21 43.63 -0.07
C LEU B 314 -3.69 42.25 -0.53
N ILE B 315 -4.96 41.92 -0.23
CA ILE B 315 -5.61 40.69 -0.66
C ILE B 315 -6.57 41.10 -1.79
N VAL B 316 -6.45 40.37 -2.89
CA VAL B 316 -7.31 40.55 -4.06
C VAL B 316 -8.05 39.25 -4.30
N ILE B 317 -9.36 39.35 -4.53
CA ILE B 317 -10.17 38.18 -4.83
C ILE B 317 -10.93 38.43 -6.14
N THR B 318 -10.70 37.55 -7.12
CA THR B 318 -11.25 37.75 -8.47
C THR B 318 -11.32 36.41 -9.19
N SER B 319 -11.75 36.42 -10.45
CA SER B 319 -11.84 35.21 -11.28
C SER B 319 -11.19 35.54 -12.61
N ASP B 320 -10.77 34.50 -13.35
CA ASP B 320 -10.10 34.71 -14.62
C ASP B 320 -11.05 35.23 -15.70
N HIS B 321 -12.30 34.75 -15.68
CA HIS B 321 -13.33 35.18 -16.61
C HIS B 321 -14.63 34.51 -16.21
N GLY B 322 -15.73 34.92 -16.83
CA GLY B 322 -17.00 34.28 -16.57
C GLY B 322 -17.27 33.10 -17.49
N ASN B 323 -18.26 32.31 -17.09
CA ASN B 323 -18.87 31.30 -17.95
C ASN B 323 -20.36 31.20 -17.64
N PHE B 324 -21.01 32.34 -17.62
CA PHE B 324 -22.47 32.39 -17.48
C PHE B 324 -23.11 32.19 -18.86
N ASP B 325 -24.15 31.34 -18.91
CA ASP B 325 -24.88 31.06 -20.14
C ASP B 325 -23.93 30.68 -21.28
N TYR B 326 -22.90 29.88 -20.99
CA TYR B 326 -21.94 29.43 -21.98
C TYR B 326 -21.23 30.57 -22.72
N GLU B 327 -21.03 31.70 -22.05
CA GLU B 327 -20.46 32.86 -22.72
C GLU B 327 -18.93 32.96 -22.48
N LYS B 328 -18.31 31.95 -21.85
CA LYS B 328 -16.87 31.82 -21.97
C LYS B 328 -16.45 31.84 -23.44
N ALA B 329 -15.31 32.47 -23.76
CA ALA B 329 -14.78 32.53 -25.12
C ALA B 329 -15.77 33.22 -26.08
N THR B 330 -16.58 34.13 -25.55
CA THR B 330 -17.37 35.09 -26.32
C THR B 330 -17.12 36.47 -25.76
N LEU B 331 -17.60 37.49 -26.46
CA LEU B 331 -17.50 38.85 -25.98
C LEU B 331 -18.85 39.30 -25.40
N TYR B 332 -19.69 38.35 -24.98
CA TYR B 332 -20.88 38.70 -24.21
C TYR B 332 -20.59 38.83 -22.72
N GLU B 333 -21.54 39.42 -21.95
CA GLU B 333 -21.22 39.81 -20.58
C GLU B 333 -20.92 38.60 -19.66
N GLY B 334 -21.47 37.41 -20.02
CA GLY B 334 -21.26 36.19 -19.24
C GLY B 334 -19.84 35.63 -19.38
N GLY B 335 -19.06 36.18 -20.29
CA GLY B 335 -17.62 35.88 -20.33
C GLY B 335 -16.75 37.01 -19.77
N LEU B 336 -17.12 38.25 -20.04
CA LEU B 336 -16.26 39.39 -19.73
C LEU B 336 -16.25 39.80 -18.28
N GLU B 337 -17.36 39.66 -17.54
CA GLU B 337 -17.53 40.26 -16.24
C GLU B 337 -17.10 39.32 -15.12
N VAL B 338 -16.28 39.85 -14.20
CA VAL B 338 -15.74 39.04 -13.11
C VAL B 338 -15.94 39.72 -11.77
N PRO B 339 -15.95 38.94 -10.68
CA PRO B 339 -15.94 39.50 -9.36
C PRO B 339 -14.58 40.17 -9.12
N LEU B 340 -14.57 41.22 -8.31
CA LEU B 340 -13.29 41.82 -7.91
C LEU B 340 -13.48 42.57 -6.60
N ALA B 341 -12.73 42.17 -5.58
CA ALA B 341 -12.62 42.95 -4.35
C ALA B 341 -11.17 42.96 -3.93
N MET B 342 -10.80 44.07 -3.27
CA MET B 342 -9.45 44.28 -2.75
C MET B 342 -9.53 44.80 -1.32
N HIS B 343 -8.68 44.20 -0.47
CA HIS B 343 -8.69 44.47 0.95
C HIS B 343 -7.24 44.78 1.37
N TRP B 344 -7.06 45.90 2.07
CA TRP B 344 -5.72 46.38 2.45
C TRP B 344 -5.90 47.45 3.52
N PRO B 345 -5.89 47.07 4.82
CA PRO B 345 -6.20 48.05 5.86
C PRO B 345 -5.41 49.35 5.80
N ASN B 346 -4.15 49.26 5.42
CA ASN B 346 -3.27 50.46 5.43
C ASN B 346 -3.32 51.24 4.12
N GLY B 347 -4.12 50.80 3.13
CA GLY B 347 -4.18 51.52 1.85
C GLY B 347 -5.58 51.71 1.27
N ILE B 348 -6.57 51.01 1.78
CA ILE B 348 -7.93 51.04 1.22
C ILE B 348 -8.91 51.25 2.37
N LYS B 349 -9.73 52.29 2.28
CA LYS B 349 -10.71 52.57 3.33
C LYS B 349 -11.84 51.56 3.23
N PRO B 350 -12.37 51.09 4.37
CA PRO B 350 -13.48 50.14 4.38
C PRO B 350 -14.74 50.76 3.78
N ASN B 351 -15.61 49.85 3.32
CA ASN B 351 -16.95 50.16 2.83
C ASN B 351 -16.90 50.94 1.52
N SER B 352 -15.84 50.71 0.74
CA SER B 352 -15.58 51.42 -0.48
C SER B 352 -16.10 50.64 -1.70
N THR B 353 -16.47 51.40 -2.73
CA THR B 353 -16.92 50.88 -4.00
C THR B 353 -16.31 51.71 -5.11
N TYR B 354 -16.15 51.09 -6.29
CA TYR B 354 -15.79 51.79 -7.50
C TYR B 354 -16.55 51.14 -8.65
N ASP B 355 -17.31 51.95 -9.40
CA ASP B 355 -18.12 51.44 -10.49
C ASP B 355 -17.53 51.75 -11.86
N GLY B 356 -16.34 52.35 -11.95
CA GLY B 356 -15.69 52.58 -13.21
C GLY B 356 -15.20 51.30 -13.89
N MET B 357 -15.02 51.39 -15.18
CA MET B 357 -14.51 50.28 -15.97
C MET B 357 -13.06 49.97 -15.56
N VAL B 358 -12.84 48.74 -15.06
CA VAL B 358 -11.46 48.25 -14.86
C VAL B 358 -11.29 46.89 -15.52
N GLN B 359 -10.03 46.46 -15.67
CA GLN B 359 -9.75 45.29 -16.46
C GLN B 359 -8.54 44.55 -15.88
N ASN B 360 -8.42 43.29 -16.25
CA ASN B 360 -7.37 42.43 -15.71
C ASN B 360 -5.96 42.96 -16.05
N ILE B 361 -5.77 43.70 -17.14
CA ILE B 361 -4.50 44.34 -17.49
C ILE B 361 -4.07 45.36 -16.47
N ASP B 362 -4.95 45.78 -15.58
CA ASP B 362 -4.66 46.80 -14.60
C ASP B 362 -3.96 46.26 -13.33
N PHE B 363 -4.01 44.95 -13.07
CA PHE B 363 -3.42 44.46 -11.84
C PHE B 363 -1.90 44.66 -11.80
N THR B 364 -1.19 44.23 -12.83
CA THR B 364 0.26 44.36 -12.80
C THR B 364 0.70 45.81 -12.60
N PRO B 365 0.32 46.83 -13.40
CA PRO B 365 0.82 48.18 -13.16
C PRO B 365 0.51 48.68 -11.75
N THR B 366 -0.61 48.27 -11.19
CA THR B 366 -1.03 48.68 -9.84
C THR B 366 -0.04 48.11 -8.84
N PHE B 367 0.21 46.82 -8.88
CA PHE B 367 1.08 46.13 -7.89
C PHE B 367 2.50 46.62 -8.06
N LEU B 368 2.94 46.86 -9.31
CA LEU B 368 4.27 47.42 -9.50
C LEU B 368 4.41 48.75 -8.75
N GLU B 369 3.43 49.64 -8.89
CA GLU B 369 3.51 50.94 -8.23
C GLU B 369 3.58 50.78 -6.72
N LEU B 370 2.74 49.90 -6.17
CA LEU B 370 2.76 49.68 -4.73
C LEU B 370 4.09 49.13 -4.25
N ALA B 371 4.74 48.32 -5.09
CA ALA B 371 6.03 47.70 -4.76
C ALA B 371 7.20 48.65 -4.97
N GLY B 372 6.94 49.85 -5.49
CA GLY B 372 7.99 50.81 -5.74
C GLY B 372 8.74 50.63 -7.06
N VAL B 373 8.24 49.82 -8.01
CA VAL B 373 8.91 49.54 -9.24
C VAL B 373 8.65 50.65 -10.26
N THR B 374 9.73 51.26 -10.77
CA THR B 374 9.59 52.33 -11.75
C THR B 374 10.22 51.99 -13.09
N LYS B 375 11.08 50.98 -13.15
CA LYS B 375 11.69 50.65 -14.43
C LYS B 375 11.24 49.25 -14.85
N VAL B 376 10.65 49.21 -16.04
CA VAL B 376 10.22 47.99 -16.67
C VAL B 376 10.67 48.08 -18.11
N LYS B 377 10.84 46.95 -18.75
CA LYS B 377 11.27 46.87 -20.13
C LYS B 377 10.07 46.91 -21.07
N ASP B 378 9.12 45.98 -20.85
CA ASP B 378 8.02 45.75 -21.77
C ASP B 378 6.91 46.74 -21.45
N SER B 379 6.26 47.20 -22.51
CA SER B 379 5.16 48.13 -22.41
C SER B 379 3.94 47.47 -21.75
N ILE B 380 3.26 48.28 -20.95
CA ILE B 380 2.09 47.80 -20.21
C ILE B 380 0.86 48.48 -20.79
N ASP B 381 -0.20 47.71 -21.06
CA ASP B 381 -1.47 48.23 -21.53
C ASP B 381 -2.38 48.74 -20.42
N GLY B 382 -2.29 48.12 -19.24
CA GLY B 382 -3.18 48.49 -18.17
C GLY B 382 -2.85 49.80 -17.48
N LEU B 383 -3.77 50.25 -16.64
CA LEU B 383 -3.60 51.50 -15.89
C LEU B 383 -3.46 51.16 -14.40
N SER B 384 -2.56 51.84 -13.69
CA SER B 384 -2.45 51.67 -12.23
C SER B 384 -3.77 52.12 -11.57
N LEU B 385 -4.26 51.34 -10.63
CA LEU B 385 -5.55 51.61 -9.95
C LEU B 385 -5.33 52.24 -8.58
N THR B 386 -4.12 52.71 -8.25
CA THR B 386 -3.88 53.16 -6.90
C THR B 386 -4.64 54.45 -6.52
N ASN B 387 -4.90 55.35 -7.47
CA ASN B 387 -5.69 56.54 -7.12
C ASN B 387 -7.13 56.14 -6.78
N VAL B 388 -7.66 55.14 -7.50
CA VAL B 388 -8.98 54.63 -7.17
C VAL B 388 -8.98 53.95 -5.82
N LEU B 389 -7.97 53.10 -5.54
CA LEU B 389 -7.85 52.38 -4.28
C LEU B 389 -7.76 53.35 -3.09
N ALA B 390 -7.11 54.51 -3.31
CA ALA B 390 -6.92 55.48 -2.24
C ALA B 390 -8.15 56.35 -2.02
N GLY B 391 -9.14 56.21 -2.89
CA GLY B 391 -10.36 56.99 -2.79
C GLY B 391 -10.19 58.38 -3.37
N LYS B 392 -9.11 58.59 -4.11
CA LYS B 392 -8.79 59.88 -4.69
C LYS B 392 -9.55 60.06 -6.00
N GLU B 393 -9.65 58.99 -6.78
CA GLU B 393 -10.27 59.02 -8.09
C GLU B 393 -11.63 58.34 -8.01
N LYS B 394 -12.69 59.05 -8.39
CA LYS B 394 -14.03 58.48 -8.38
C LYS B 394 -14.64 58.45 -9.79
N LYS B 395 -13.96 59.07 -10.73
CA LYS B 395 -14.44 59.08 -12.12
C LYS B 395 -13.84 57.90 -12.89
N GLU B 396 -14.28 57.75 -14.13
CA GLU B 396 -13.72 56.71 -15.02
C GLU B 396 -12.25 57.02 -15.27
N ILE B 397 -11.43 56.00 -15.51
CA ILE B 397 -9.95 56.14 -15.78
C ILE B 397 -9.67 55.81 -17.26
N ARG B 398 -10.69 55.43 -18.03
CA ARG B 398 -10.55 55.17 -19.48
C ARG B 398 -11.88 55.46 -20.20
N ASP B 399 -11.84 55.69 -21.51
CA ASP B 399 -13.04 56.07 -22.30
C ASP B 399 -13.74 54.79 -22.73
N TYR B 400 -12.94 53.77 -22.90
CA TYR B 400 -13.47 52.46 -23.33
C TYR B 400 -12.52 51.31 -23.01
N LEU B 401 -13.09 50.11 -23.01
CA LEU B 401 -12.34 48.87 -22.81
C LEU B 401 -12.18 48.17 -24.13
N PHE B 402 -11.08 47.47 -24.34
CA PHE B 402 -10.84 46.64 -25.48
C PHE B 402 -10.89 45.15 -25.12
N PHE B 403 -11.34 44.33 -26.07
CA PHE B 403 -11.46 42.91 -25.91
C PHE B 403 -11.08 42.17 -27.16
N GLU B 404 -10.57 40.93 -27.01
CA GLU B 404 -10.27 40.06 -28.12
C GLU B 404 -10.51 38.61 -27.70
N ILE B 405 -11.05 37.81 -28.60
CA ILE B 405 -11.12 36.36 -28.43
C ILE B 405 -11.21 35.75 -29.81
N GLY B 406 -10.26 34.91 -30.17
CA GLY B 406 -10.32 34.22 -31.45
C GLY B 406 -10.46 35.24 -32.58
N LEU B 407 -11.44 34.96 -33.49
CA LEU B 407 -11.75 35.81 -34.64
C LEU B 407 -12.46 37.12 -34.29
N ALA B 408 -12.79 37.33 -33.01
CA ALA B 408 -13.55 38.50 -32.58
C ALA B 408 -12.66 39.55 -31.94
N ARG B 409 -13.03 40.82 -32.09
CA ARG B 409 -12.49 41.95 -31.37
C ARG B 409 -13.66 42.77 -30.85
N GLY B 410 -13.48 43.58 -29.82
CA GLY B 410 -14.56 44.41 -29.38
C GLY B 410 -14.09 45.59 -28.55
N VAL B 411 -14.99 46.56 -28.39
CA VAL B 411 -14.83 47.64 -27.48
C VAL B 411 -16.13 47.89 -26.75
N ARG B 412 -16.07 48.41 -25.52
CA ARG B 412 -17.26 48.94 -24.88
C ARG B 412 -16.92 50.22 -24.15
N THR B 413 -17.89 51.13 -24.19
CA THR B 413 -18.00 52.23 -23.27
C THR B 413 -18.93 51.84 -22.14
N LYS B 414 -19.27 52.80 -21.28
CA LYS B 414 -20.26 52.53 -20.26
C LYS B 414 -21.58 52.07 -20.88
N ASP B 415 -21.98 52.73 -21.97
CA ASP B 415 -23.33 52.55 -22.48
C ASP B 415 -23.47 51.73 -23.76
N TRP B 416 -22.37 51.39 -24.43
CA TRP B 416 -22.46 50.71 -25.71
C TRP B 416 -21.36 49.65 -25.81
N LYS B 417 -21.61 48.57 -26.55
CA LYS B 417 -20.61 47.55 -26.85
C LYS B 417 -20.67 47.27 -28.34
N TYR B 418 -19.49 47.17 -28.98
CA TYR B 418 -19.34 46.82 -30.36
C TYR B 418 -18.43 45.60 -30.48
N ILE B 419 -18.82 44.62 -31.29
CA ILE B 419 -18.07 43.41 -31.60
C ILE B 419 -17.89 43.30 -33.10
N ALA B 420 -16.68 42.99 -33.54
CA ALA B 420 -16.36 42.70 -34.92
C ALA B 420 -15.73 41.33 -35.02
N VAL B 421 -16.21 40.51 -35.96
CA VAL B 421 -15.74 39.18 -36.23
C VAL B 421 -15.21 39.18 -37.65
N ARG B 422 -13.93 38.79 -37.85
CA ARG B 422 -13.30 38.78 -39.18
C ARG B 422 -12.54 37.47 -39.33
N TYR B 423 -12.59 36.84 -40.51
CA TYR B 423 -12.15 35.47 -40.66
C TYR B 423 -10.68 35.32 -41.05
N ASP B 424 -10.05 34.29 -40.47
CA ASP B 424 -8.71 33.87 -40.86
C ASP B 424 -8.81 33.26 -42.25
N GLU B 425 -7.67 33.18 -42.93
CA GLU B 425 -7.64 32.62 -44.28
C GLU B 425 -8.16 31.19 -44.31
N ALA B 426 -7.80 30.35 -43.35
CA ALA B 426 -8.22 28.94 -43.40
C ALA B 426 -9.74 28.84 -43.30
N SER B 427 -10.34 29.60 -42.37
CA SER B 427 -11.79 29.60 -42.21
C SER B 427 -12.46 30.15 -43.48
N GLN B 428 -11.85 31.18 -44.07
CA GLN B 428 -12.43 31.82 -45.23
C GLN B 428 -12.48 30.82 -46.39
N ARG B 429 -11.43 30.01 -46.53
CA ARG B 429 -11.39 28.99 -47.57
C ARG B 429 -12.57 28.04 -47.41
N ILE B 430 -12.80 27.54 -46.17
CA ILE B 430 -13.90 26.62 -45.94
C ILE B 430 -15.20 27.31 -46.32
N VAL B 431 -15.41 28.56 -45.91
CA VAL B 431 -16.68 29.20 -46.20
C VAL B 431 -16.83 29.31 -47.73
N ASP B 432 -15.76 29.65 -48.42
CA ASP B 432 -15.78 29.79 -49.90
C ASP B 432 -16.19 28.46 -50.53
N SER B 433 -15.69 27.34 -50.01
CA SER B 433 -15.99 25.97 -50.52
C SER B 433 -17.48 25.68 -50.51
N GLY B 434 -18.25 26.22 -49.56
CA GLY B 434 -19.68 25.93 -49.42
C GLY B 434 -19.88 24.76 -48.50
N LYS B 435 -18.79 24.08 -48.14
CA LYS B 435 -18.85 22.90 -47.26
C LYS B 435 -19.02 23.38 -45.81
N MET B 436 -19.58 22.52 -44.98
CA MET B 436 -19.78 22.85 -43.55
C MET B 436 -18.54 22.52 -42.74
N PHE B 437 -18.32 23.28 -41.68
CA PHE B 437 -17.28 22.94 -40.71
C PHE B 437 -17.79 21.74 -39.97
N LYS B 438 -16.91 20.82 -39.61
CA LYS B 438 -17.26 19.63 -38.87
C LYS B 438 -17.25 19.92 -37.39
N GLY B 439 -18.38 19.67 -36.72
CA GLY B 439 -18.60 20.18 -35.38
C GLY B 439 -18.46 19.10 -34.31
N TYR B 440 -18.30 19.59 -33.07
CA TYR B 440 -18.33 18.80 -31.85
C TYR B 440 -19.55 17.90 -31.85
N LYS B 441 -19.34 16.59 -31.57
CA LYS B 441 -20.40 15.58 -31.55
C LYS B 441 -21.27 15.65 -32.82
N GLY B 442 -20.63 15.90 -33.97
CA GLY B 442 -21.32 15.93 -35.24
C GLY B 442 -22.25 17.13 -35.44
N HIS B 443 -22.10 18.20 -34.64
CA HIS B 443 -22.88 19.41 -34.86
C HIS B 443 -22.17 20.36 -35.84
N ASP B 444 -22.37 20.13 -37.13
CA ASP B 444 -21.69 20.86 -38.18
C ASP B 444 -22.32 22.24 -38.34
N HIS B 445 -21.53 23.19 -38.82
CA HIS B 445 -21.92 24.59 -38.86
C HIS B 445 -21.34 25.26 -40.11
N LYS B 446 -22.05 26.27 -40.60
CA LYS B 446 -21.71 26.91 -41.85
C LYS B 446 -20.60 27.95 -41.70
N LEU B 447 -20.58 28.66 -40.57
CA LEU B 447 -19.64 29.74 -40.36
C LEU B 447 -18.75 29.37 -39.18
N PRO B 448 -17.49 29.84 -39.17
CA PRO B 448 -16.59 29.47 -38.10
C PRO B 448 -17.04 30.01 -36.74
N HIS B 449 -16.58 29.33 -35.69
CA HIS B 449 -16.66 29.87 -34.33
C HIS B 449 -15.52 30.86 -34.12
N TYR B 450 -15.61 31.65 -33.06
CA TYR B 450 -14.49 32.53 -32.77
C TYR B 450 -13.21 31.74 -32.53
N VAL B 451 -13.34 30.61 -31.82
CA VAL B 451 -12.18 29.82 -31.41
C VAL B 451 -12.15 28.51 -32.19
N ARG B 452 -10.96 27.88 -32.22
CA ARG B 452 -10.80 26.58 -32.84
C ARG B 452 -11.40 25.46 -32.00
N ASN B 453 -11.45 25.66 -30.69
CA ASN B 453 -12.02 24.65 -29.80
C ASN B 453 -13.52 24.47 -30.06
N GLY B 454 -13.88 23.35 -30.68
CA GLY B 454 -15.24 23.14 -31.15
C GLY B 454 -16.25 22.90 -30.01
N HIS B 455 -15.76 22.42 -28.87
CA HIS B 455 -16.60 22.27 -27.70
C HIS B 455 -17.04 23.64 -27.16
N LEU B 456 -16.09 24.55 -27.00
CA LEU B 456 -16.44 25.91 -26.56
C LEU B 456 -17.36 26.56 -27.60
N GLY B 457 -17.02 26.42 -28.88
CA GLY B 457 -17.78 27.05 -29.95
C GLY B 457 -19.23 26.55 -30.01
N TYR B 458 -19.42 25.22 -29.91
CA TYR B 458 -20.75 24.66 -29.95
C TYR B 458 -21.60 25.25 -28.82
N TYR B 459 -21.05 25.25 -27.60
CA TYR B 459 -21.83 25.68 -26.44
C TYR B 459 -22.08 27.20 -26.47
N GLY B 460 -21.08 27.95 -26.94
CA GLY B 460 -21.19 29.41 -27.03
C GLY B 460 -22.27 29.86 -28.04
N ALA B 461 -22.40 29.13 -29.16
CA ALA B 461 -23.28 29.50 -30.25
C ALA B 461 -24.69 28.94 -30.09
N LYS B 462 -24.88 27.86 -29.32
CA LYS B 462 -26.08 27.05 -29.41
C LYS B 462 -27.36 27.85 -29.13
N ASP B 463 -27.38 28.66 -28.07
CA ASP B 463 -28.55 29.45 -27.72
C ASP B 463 -28.31 30.95 -27.89
N HIS B 464 -27.35 31.33 -28.75
CA HIS B 464 -27.01 32.72 -29.00
C HIS B 464 -27.21 33.02 -30.47
N PRO B 465 -28.42 33.46 -30.88
CA PRO B 465 -28.73 33.70 -32.29
C PRO B 465 -27.87 34.74 -32.97
N LEU B 466 -27.25 35.63 -32.19
CA LEU B 466 -26.39 36.68 -32.74
C LEU B 466 -24.91 36.28 -32.83
N TYR B 467 -24.58 35.09 -32.37
CA TYR B 467 -23.18 34.70 -32.19
C TYR B 467 -22.35 34.90 -33.47
N PHE B 468 -22.91 34.56 -34.64
CA PHE B 468 -22.14 34.60 -35.90
C PHE B 468 -22.25 35.93 -36.64
N ASP B 469 -22.98 36.90 -36.10
CA ASP B 469 -23.08 38.22 -36.74
C ASP B 469 -21.70 38.84 -36.78
N LYS B 470 -21.25 39.30 -37.93
CA LYS B 470 -19.89 39.81 -38.05
C LYS B 470 -19.70 41.18 -37.43
N ASN B 471 -20.80 41.91 -37.25
CA ASN B 471 -20.79 43.21 -36.63
C ASN B 471 -21.97 43.30 -35.67
N GLN B 472 -21.70 43.51 -34.39
CA GLN B 472 -22.71 43.54 -33.36
C GLN B 472 -22.59 44.81 -32.56
N LEU B 473 -23.71 45.50 -32.33
CA LEU B 473 -23.76 46.71 -31.54
C LEU B 473 -24.90 46.62 -30.52
N PHE B 474 -24.61 46.77 -29.24
CA PHE B 474 -25.57 46.69 -28.16
C PHE B 474 -25.63 47.94 -27.32
N ASN B 475 -26.86 48.33 -26.99
CA ASN B 475 -27.13 49.44 -26.05
C ASN B 475 -27.17 48.79 -24.68
N ARG B 476 -26.19 49.06 -23.82
CA ARG B 476 -26.08 48.36 -22.51
C ARG B 476 -27.14 48.87 -21.53
N VAL B 477 -27.72 50.02 -21.79
CA VAL B 477 -28.70 50.62 -20.85
C VAL B 477 -30.07 49.98 -21.11
N THR B 478 -30.47 49.86 -22.38
CA THR B 478 -31.80 49.34 -22.69
C THR B 478 -31.82 47.85 -22.96
N ASP B 479 -30.66 47.24 -23.22
CA ASP B 479 -30.57 45.86 -23.66
C ASP B 479 -29.42 45.17 -22.93
N PRO B 480 -29.47 45.16 -21.58
CA PRO B 480 -28.38 44.51 -20.82
C PRO B 480 -28.19 43.05 -21.19
N GLU B 481 -29.24 42.35 -21.67
CA GLU B 481 -29.13 40.95 -22.06
C GLU B 481 -28.57 40.71 -23.47
N GLU B 482 -28.25 41.77 -24.21
CA GLU B 482 -27.58 41.64 -25.50
C GLU B 482 -28.40 40.79 -26.47
N THR B 483 -29.67 41.21 -26.68
CA THR B 483 -30.58 40.43 -27.50
C THR B 483 -30.90 41.13 -28.82
N LYS B 484 -30.53 42.40 -28.95
CA LYS B 484 -30.88 43.15 -30.17
C LYS B 484 -29.68 43.82 -30.81
N ASN B 485 -29.33 43.37 -31.99
CA ASN B 485 -28.21 43.91 -32.75
C ASN B 485 -28.60 45.22 -33.40
N LEU B 486 -27.95 46.33 -32.98
CA LEU B 486 -28.22 47.66 -33.52
C LEU B 486 -27.24 48.11 -34.59
N TYR B 487 -26.34 47.25 -35.06
CA TYR B 487 -25.26 47.71 -35.92
C TYR B 487 -25.75 48.37 -37.20
N ASN B 488 -26.76 47.75 -37.83
CA ASN B 488 -27.29 48.30 -39.09
C ASN B 488 -28.27 49.45 -38.83
N ILE B 489 -28.88 49.50 -37.67
CA ILE B 489 -29.85 50.51 -37.29
C ILE B 489 -29.21 51.84 -36.92
N ASN B 490 -28.07 51.82 -36.20
CA ASN B 490 -27.46 53.03 -35.70
C ASN B 490 -26.09 53.23 -36.35
N SER B 491 -26.06 53.78 -37.54
CA SER B 491 -24.82 54.02 -38.27
C SER B 491 -23.92 54.95 -37.49
N LYS B 492 -24.45 55.98 -36.85
CA LYS B 492 -23.62 56.99 -36.20
C LYS B 492 -22.83 56.36 -35.05
N LYS B 493 -23.54 55.61 -34.20
CA LYS B 493 -22.87 54.97 -33.08
C LYS B 493 -21.96 53.85 -33.56
N ALA B 494 -22.35 53.08 -34.58
CA ALA B 494 -21.50 52.04 -35.15
C ALA B 494 -20.15 52.62 -35.60
N ASP B 495 -20.18 53.74 -36.33
CA ASP B 495 -18.95 54.34 -36.80
C ASP B 495 -18.09 54.85 -35.64
N GLU B 496 -18.71 55.45 -34.62
CA GLU B 496 -18.01 55.95 -33.44
C GLU B 496 -17.27 54.79 -32.77
N MET B 497 -17.96 53.65 -32.58
CA MET B 497 -17.33 52.49 -31.92
C MET B 497 -16.26 51.85 -32.79
N LYS B 498 -16.42 51.77 -34.11
CA LYS B 498 -15.37 51.27 -34.99
C LYS B 498 -14.11 52.12 -34.90
N LYS B 499 -14.24 53.43 -34.68
CA LYS B 499 -13.07 54.29 -34.53
C LYS B 499 -12.32 53.92 -33.26
N LYS B 500 -13.05 53.64 -32.19
CA LYS B 500 -12.38 53.28 -30.93
C LYS B 500 -11.68 51.93 -31.10
N LEU B 501 -12.32 50.98 -31.77
CA LEU B 501 -11.70 49.69 -32.02
C LEU B 501 -10.43 49.82 -32.84
N LEU B 502 -10.46 50.66 -33.90
CA LEU B 502 -9.27 50.87 -34.71
C LEU B 502 -8.12 51.46 -33.88
N GLU B 503 -8.41 52.39 -33.01
CA GLU B 503 -7.41 53.01 -32.17
C GLU B 503 -6.61 51.93 -31.42
N LYS B 504 -7.29 50.90 -30.93
CA LYS B 504 -6.59 49.85 -30.23
C LYS B 504 -5.88 48.93 -31.22
N LEU B 505 -6.52 48.55 -32.33
CA LEU B 505 -5.97 47.56 -33.24
C LEU B 505 -4.63 48.02 -33.82
N VAL B 506 -4.50 49.32 -34.12
CA VAL B 506 -3.27 49.84 -34.71
C VAL B 506 -2.12 49.80 -33.71
N THR B 507 -2.37 49.52 -32.43
CA THR B 507 -1.23 49.42 -31.50
C THR B 507 -0.55 48.03 -31.52
N PHE B 508 -1.02 47.08 -32.33
CA PHE B 508 -0.45 45.73 -32.45
C PHE B 508 0.29 45.65 -33.76
N PRO B 509 1.63 45.84 -33.74
CA PRO B 509 2.42 45.81 -34.97
C PRO B 509 2.33 44.48 -35.70
N ASP B 510 2.21 44.57 -37.03
CA ASP B 510 2.20 43.42 -37.91
C ASP B 510 1.02 42.48 -37.69
N ARG B 511 -0.14 43.02 -37.21
CA ARG B 511 -1.33 42.23 -36.98
C ARG B 511 -2.52 42.89 -37.70
N PRO B 512 -2.87 42.35 -38.87
CA PRO B 512 -4.03 42.83 -39.61
C PRO B 512 -5.33 42.34 -38.98
N PHE B 513 -6.43 43.00 -39.36
CA PHE B 513 -7.75 42.59 -38.90
C PHE B 513 -8.77 43.14 -39.90
N GLY B 514 -9.27 42.23 -40.71
CA GLY B 514 -10.27 42.58 -41.74
C GLY B 514 -9.95 43.87 -42.50
N GLU B 515 -10.96 44.75 -42.66
CA GLU B 515 -10.80 46.01 -43.38
C GLU B 515 -10.29 47.12 -42.45
N PHE B 516 -10.11 46.84 -41.15
CA PHE B 516 -9.63 47.86 -40.23
C PHE B 516 -8.14 48.14 -40.50
N ILE B 517 -7.39 47.03 -40.63
CA ILE B 517 -5.98 47.02 -40.94
C ILE B 517 -5.81 45.92 -41.96
N ASN B 518 -5.62 46.32 -43.21
CA ASN B 518 -5.58 45.33 -44.33
C ASN B 518 -4.27 44.55 -44.32
N LYS B 519 -4.37 43.24 -44.56
CA LYS B 519 -3.18 42.39 -44.66
C LYS B 519 -2.39 42.87 -45.88
N ASN C 1 7.95 -7.49 14.94
CA ASN C 1 7.42 -6.32 14.21
C ASN C 1 7.11 -5.22 15.23
N LYS C 2 7.26 -3.97 14.78
CA LYS C 2 6.95 -2.82 15.62
C LYS C 2 5.46 -2.62 15.82
N LYS C 3 4.63 -3.03 14.83
CA LYS C 3 3.18 -2.92 14.91
C LYS C 3 2.66 -4.29 15.31
N PRO C 4 2.02 -4.42 16.50
CA PRO C 4 1.50 -5.72 16.94
C PRO C 4 0.25 -6.11 16.17
N ASN C 5 0.08 -7.43 16.06
CA ASN C 5 -1.12 -7.95 15.43
C ASN C 5 -2.26 -7.85 16.46
N ILE C 6 -3.50 -7.75 15.96
CA ILE C 6 -4.68 -7.69 16.84
C ILE C 6 -5.70 -8.72 16.34
N VAL C 7 -6.08 -9.64 17.24
CA VAL C 7 -7.10 -10.64 16.99
C VAL C 7 -8.24 -10.38 17.97
N PHE C 8 -9.36 -9.92 17.46
CA PHE C 8 -10.50 -9.50 18.28
C PHE C 8 -11.61 -10.55 18.14
N ILE C 9 -11.81 -11.34 19.19
CA ILE C 9 -12.73 -12.48 19.20
C ILE C 9 -13.96 -12.12 20.04
N LEU C 10 -15.12 -12.15 19.37
CA LEU C 10 -16.34 -11.62 19.95
C LEU C 10 -17.43 -12.68 19.92
N THR C 11 -18.01 -13.01 21.08
CA THR C 11 -19.20 -13.84 21.15
C THR C 11 -20.43 -12.93 21.08
N ASP C 12 -21.61 -13.57 21.06
CA ASP C 12 -22.89 -12.93 20.76
C ASP C 12 -23.89 -13.23 21.88
N ASP C 13 -24.32 -12.21 22.59
CA ASP C 13 -25.33 -12.35 23.65
C ASP C 13 -24.84 -13.16 24.82
N GLN C 14 -23.64 -12.91 25.25
CA GLN C 14 -23.02 -13.62 26.36
C GLN C 14 -22.68 -12.65 27.47
N SER C 15 -23.46 -12.67 28.56
CA SER C 15 -23.17 -11.88 29.75
C SER C 15 -21.92 -12.39 30.48
N SER C 16 -21.32 -11.53 31.31
CA SER C 16 -20.30 -11.95 32.23
C SER C 16 -20.82 -12.57 33.53
N ILE C 17 -22.14 -12.51 33.77
CA ILE C 17 -22.71 -12.92 35.06
C ILE C 17 -22.67 -14.43 35.21
N PRO C 18 -21.96 -15.00 36.21
CA PRO C 18 -21.90 -16.44 36.37
C PRO C 18 -23.18 -16.96 37.02
N ILE C 19 -23.42 -18.25 36.72
CA ILE C 19 -24.60 -18.94 37.21
C ILE C 19 -24.13 -19.91 38.29
N ASN C 20 -24.38 -19.57 39.55
CA ASN C 20 -23.79 -20.31 40.70
C ASN C 20 -24.67 -21.49 41.11
N LYS C 21 -24.95 -22.34 40.15
CA LYS C 21 -25.74 -23.54 40.41
C LYS C 21 -25.62 -24.44 39.22
N PRO C 22 -25.87 -25.74 39.35
CA PRO C 22 -25.58 -26.68 38.28
C PRO C 22 -26.51 -26.70 37.10
N HIS C 23 -27.77 -26.32 37.30
CA HIS C 23 -28.76 -26.24 36.24
C HIS C 23 -28.87 -24.78 35.84
N SER C 24 -28.45 -24.44 34.62
CA SER C 24 -28.37 -23.04 34.28
C SER C 24 -29.70 -22.42 33.96
N ALA C 25 -30.78 -23.24 33.84
CA ALA C 25 -32.12 -22.69 33.71
C ALA C 25 -32.23 -21.74 32.52
N GLY C 26 -31.70 -22.18 31.38
CA GLY C 26 -31.96 -21.48 30.11
C GLY C 26 -31.11 -20.23 29.91
N GLU C 27 -30.09 -20.07 30.72
CA GLU C 27 -29.19 -18.91 30.62
C GLU C 27 -27.87 -19.36 30.04
N SER C 28 -27.22 -18.44 29.34
CA SER C 28 -25.82 -18.58 28.96
C SER C 28 -24.92 -18.64 30.18
N ARG C 29 -23.76 -19.27 30.08
CA ARG C 29 -22.72 -19.18 31.09
C ARG C 29 -21.56 -18.37 30.51
N PRO C 30 -20.83 -17.63 31.35
CA PRO C 30 -19.62 -16.93 30.91
C PRO C 30 -18.43 -17.88 30.95
N PHE C 31 -17.23 -17.36 30.70
CA PHE C 31 -16.02 -18.17 30.72
C PHE C 31 -15.59 -18.49 32.14
N GLY C 32 -14.73 -19.50 32.29
CA GLY C 32 -14.18 -19.83 33.58
C GLY C 32 -13.56 -18.63 34.31
N PHE C 33 -12.86 -17.76 33.56
CA PHE C 33 -12.15 -16.65 34.15
C PHE C 33 -13.12 -15.59 34.70
N ASN C 34 -14.41 -15.69 34.32
CA ASN C 34 -15.45 -14.82 34.84
C ASN C 34 -16.06 -15.35 36.12
N GLY C 35 -15.62 -16.51 36.58
CA GLY C 35 -16.04 -17.09 37.85
C GLY C 35 -17.11 -18.18 37.75
N ASP C 36 -17.40 -18.69 36.54
CA ASP C 36 -18.36 -19.78 36.39
C ASP C 36 -17.59 -21.09 36.56
N LYS C 37 -18.01 -21.87 37.57
CA LYS C 37 -17.34 -23.09 37.95
C LYS C 37 -17.82 -24.30 37.15
N TYR C 38 -18.78 -24.14 36.25
CA TYR C 38 -19.44 -25.27 35.60
C TYR C 38 -19.01 -25.41 34.14
N VAL C 39 -18.07 -24.58 33.71
CA VAL C 39 -17.61 -24.61 32.31
C VAL C 39 -16.17 -25.08 32.24
N HIS C 40 -15.77 -25.53 31.04
CA HIS C 40 -14.44 -25.99 30.75
C HIS C 40 -13.91 -25.17 29.58
N THR C 41 -13.15 -24.11 29.90
CA THR C 41 -12.60 -23.17 28.93
C THR C 41 -11.11 -22.95 29.23
N PRO C 42 -10.30 -24.03 29.19
CA PRO C 42 -8.93 -23.92 29.69
C PRO C 42 -8.02 -23.01 28.87
N ILE C 43 -8.16 -23.03 27.55
CA ILE C 43 -7.32 -22.20 26.72
C ILE C 43 -7.60 -20.72 26.98
N ILE C 44 -8.90 -20.39 26.95
CA ILE C 44 -9.33 -19.03 27.19
C ILE C 44 -8.94 -18.56 28.60
N ASP C 45 -9.15 -19.43 29.60
CA ASP C 45 -8.83 -19.07 30.96
C ASP C 45 -7.33 -18.84 31.13
N GLU C 46 -6.50 -19.61 30.40
CA GLU C 46 -5.05 -19.41 30.47
C GLU C 46 -4.66 -18.10 29.79
N LEU C 47 -5.31 -17.76 28.66
CA LEU C 47 -5.02 -16.49 28.01
C LEU C 47 -5.32 -15.36 28.99
N ALA C 48 -6.48 -15.46 29.68
CA ALA C 48 -6.89 -14.43 30.61
C ALA C 48 -5.96 -14.34 31.84
N LYS C 49 -5.60 -15.50 32.37
CA LYS C 49 -4.71 -15.56 33.51
C LYS C 49 -3.35 -14.96 33.17
N ASN C 50 -2.88 -15.17 31.95
CA ASN C 50 -1.57 -14.67 31.53
C ASN C 50 -1.66 -13.33 30.83
N GLY C 51 -2.79 -12.64 31.02
CA GLY C 51 -3.06 -11.34 30.44
C GLY C 51 -3.80 -10.48 31.48
N MET C 52 -4.76 -9.67 31.02
CA MET C 52 -5.48 -8.75 31.90
C MET C 52 -6.98 -9.06 31.79
N ILE C 53 -7.61 -9.25 32.95
CA ILE C 53 -9.07 -9.40 33.02
C ILE C 53 -9.68 -8.09 33.47
N PHE C 54 -10.67 -7.63 32.73
CA PHE C 54 -11.45 -6.44 33.03
C PHE C 54 -12.78 -6.85 33.69
N SER C 55 -12.96 -6.48 34.97
CA SER C 55 -14.15 -6.91 35.71
C SER C 55 -15.35 -5.95 35.60
N ASN C 56 -15.19 -4.79 34.94
CA ASN C 56 -16.26 -3.82 34.78
C ASN C 56 -16.30 -3.32 33.34
N ALA C 57 -16.27 -4.29 32.40
CA ALA C 57 -16.46 -3.95 31.00
C ALA C 57 -17.94 -3.93 30.65
N THR C 58 -18.32 -2.87 29.92
CA THR C 58 -19.70 -2.58 29.57
C THR C 58 -19.77 -2.23 28.10
N VAL C 59 -21.01 -2.08 27.65
CA VAL C 59 -21.29 -1.64 26.30
C VAL C 59 -22.20 -0.44 26.33
N SER C 60 -22.09 0.47 25.38
CA SER C 60 -22.91 1.67 25.40
C SER C 60 -24.36 1.41 24.96
N THR C 61 -24.60 0.46 24.05
CA THR C 61 -25.90 0.02 23.65
C THR C 61 -25.95 -1.49 23.68
N PRO C 62 -26.80 -2.11 24.51
CA PRO C 62 -26.83 -3.57 24.66
C PRO C 62 -27.71 -4.28 23.65
N VAL C 63 -27.44 -4.02 22.38
CA VAL C 63 -28.14 -4.79 21.33
C VAL C 63 -27.11 -4.96 20.20
N CYS C 64 -27.23 -6.03 19.45
CA CYS C 64 -26.18 -6.41 18.49
C CYS C 64 -25.63 -5.31 17.55
N SER C 65 -26.43 -4.79 16.64
CA SER C 65 -25.92 -3.88 15.61
C SER C 65 -25.26 -2.69 16.28
N ALA C 66 -25.87 -2.19 17.34
CA ALA C 66 -25.39 -0.98 17.96
C ALA C 66 -24.09 -1.19 18.71
N SER C 67 -23.96 -2.36 19.39
CA SER C 67 -22.71 -2.64 20.08
C SER C 67 -21.56 -2.80 19.08
N ARG C 68 -21.87 -3.55 18.00
CA ARG C 68 -20.85 -3.81 17.01
C ARG C 68 -20.41 -2.53 16.28
N TYR C 69 -21.38 -1.66 16.02
CA TYR C 69 -21.02 -0.33 15.46
C TYR C 69 -20.01 0.35 16.36
N SER C 70 -20.29 0.44 17.68
CA SER C 70 -19.39 1.13 18.57
C SER C 70 -18.02 0.46 18.65
N ILE C 71 -17.98 -0.88 18.70
CA ILE C 71 -16.72 -1.59 18.75
C ILE C 71 -15.84 -1.16 17.56
N LEU C 72 -16.44 -1.11 16.38
CA LEU C 72 -15.63 -0.94 15.16
C LEU C 72 -15.42 0.54 14.85
N THR C 73 -15.96 1.46 15.66
CA THR C 73 -15.80 2.89 15.37
C THR C 73 -15.21 3.71 16.51
N GLY C 74 -15.40 3.28 17.77
CA GLY C 74 -15.08 4.11 18.90
C GLY C 74 -16.15 5.18 19.15
N ARG C 75 -17.27 5.17 18.44
CA ARG C 75 -18.33 6.15 18.56
C ARG C 75 -19.57 5.54 19.23
N TYR C 76 -20.30 6.32 20.01
CA TYR C 76 -21.62 5.88 20.46
C TYR C 76 -22.50 5.61 19.24
N ALA C 77 -23.37 4.62 19.33
CA ALA C 77 -24.22 4.23 18.24
C ALA C 77 -25.23 5.28 17.84
N GLY C 78 -25.59 6.13 18.79
CA GLY C 78 -26.52 7.21 18.50
C GLY C 78 -25.93 8.28 17.60
N ARG C 79 -24.65 8.19 17.25
CA ARG C 79 -24.02 9.07 16.25
C ARG C 79 -24.11 8.50 14.83
N SER C 80 -24.64 7.29 14.64
CA SER C 80 -24.66 6.66 13.32
C SER C 80 -25.38 7.53 12.31
N LYS C 81 -24.80 7.59 11.10
CA LYS C 81 -25.46 8.25 9.99
C LYS C 81 -25.79 7.23 8.89
N GLY C 82 -26.01 5.98 9.28
CA GLY C 82 -26.45 4.98 8.35
C GLY C 82 -27.74 5.36 7.66
N SER C 83 -27.90 4.79 6.47
CA SER C 83 -29.01 5.16 5.65
C SER C 83 -30.36 4.86 6.32
N VAL C 84 -30.50 3.64 6.88
CA VAL C 84 -31.74 3.21 7.49
C VAL C 84 -31.99 4.06 8.74
N PHE C 85 -30.92 4.31 9.49
CA PHE C 85 -31.03 5.03 10.73
C PHE C 85 -31.49 6.46 10.53
N MET C 86 -30.95 7.12 9.47
CA MET C 86 -31.28 8.52 9.21
C MET C 86 -32.71 8.65 8.69
N LYS C 87 -33.21 7.66 7.95
CA LYS C 87 -34.59 7.70 7.52
C LYS C 87 -35.54 7.55 8.72
N LEU C 88 -35.17 6.69 9.68
CA LEU C 88 -35.97 6.52 10.88
C LEU C 88 -35.90 7.75 11.76
N HIS C 89 -34.75 8.41 11.80
CA HIS C 89 -34.44 9.51 12.71
C HIS C 89 -33.85 10.72 11.98
N PRO C 90 -34.69 11.50 11.26
CA PRO C 90 -34.21 12.73 10.64
C PRO C 90 -33.66 13.72 11.66
N LYS C 91 -32.75 14.59 11.21
CA LYS C 91 -32.17 15.56 12.12
C LYS C 91 -33.30 16.31 12.82
N GLY C 92 -33.15 16.54 14.14
CA GLY C 92 -34.16 17.24 14.92
C GLY C 92 -35.11 16.32 15.67
N LYS C 93 -35.07 15.00 15.42
CA LYS C 93 -35.91 14.07 16.12
C LYS C 93 -35.02 13.19 17.01
N MET C 94 -35.59 12.76 18.14
CA MET C 94 -34.85 11.87 19.02
C MET C 94 -34.50 10.56 18.29
N THR C 95 -33.38 9.97 18.74
CA THR C 95 -32.98 8.65 18.26
C THR C 95 -33.59 7.53 19.10
N ARG C 96 -33.83 6.41 18.44
CA ARG C 96 -34.26 5.15 19.05
C ARG C 96 -33.39 4.02 18.47
N VAL C 97 -32.23 3.89 19.08
CA VAL C 97 -31.20 2.97 18.62
C VAL C 97 -31.60 1.52 18.94
N GLU C 98 -31.53 0.63 17.95
CA GLU C 98 -31.68 -0.81 18.15
C GLU C 98 -30.82 -1.52 17.09
N ASN C 99 -31.37 -2.53 16.43
CA ASN C 99 -30.61 -3.20 15.36
C ASN C 99 -30.81 -2.48 14.02
N ASN C 100 -30.46 -1.20 14.01
CA ASN C 100 -30.81 -0.27 12.93
C ASN C 100 -29.65 0.67 12.64
N VAL C 101 -28.46 0.39 13.15
CA VAL C 101 -27.31 1.21 12.86
C VAL C 101 -26.31 0.38 12.03
N GLU C 102 -25.48 1.07 11.27
CA GLU C 102 -24.54 0.46 10.35
C GLU C 102 -23.38 1.38 10.11
N LEU C 103 -22.26 0.78 9.74
CA LEU C 103 -21.09 1.51 9.33
C LEU C 103 -21.43 2.32 8.09
N GLU C 104 -20.86 3.52 8.09
CA GLU C 104 -21.13 4.45 7.01
C GLU C 104 -20.05 4.27 5.95
N GLU C 105 -20.49 4.40 4.70
CA GLU C 105 -19.59 4.24 3.56
C GLU C 105 -18.55 5.37 3.51
N ASP C 106 -18.91 6.56 3.97
CA ASP C 106 -18.05 7.74 3.85
C ASP C 106 -17.40 8.14 5.18
N GLN C 107 -17.43 7.30 6.20
CA GLN C 107 -16.86 7.68 7.51
C GLN C 107 -15.79 6.67 7.93
N ASP C 108 -14.86 7.11 8.75
CA ASP C 108 -13.81 6.22 9.28
C ASP C 108 -14.37 5.05 10.07
N ASN C 109 -13.63 3.97 10.13
CA ASN C 109 -13.94 2.85 11.04
C ASN C 109 -12.56 2.28 11.38
N LEU C 110 -12.46 1.46 12.40
CA LEU C 110 -11.22 0.88 12.82
C LEU C 110 -10.49 0.20 11.66
N ALA C 111 -11.22 -0.54 10.84
CA ALA C 111 -10.57 -1.37 9.83
C ALA C 111 -9.94 -0.47 8.77
N LYS C 112 -10.71 0.50 8.33
CA LYS C 112 -10.25 1.46 7.32
C LYS C 112 -9.00 2.17 7.85
N LEU C 113 -8.97 2.56 9.14
CA LEU C 113 -7.85 3.32 9.68
C LEU C 113 -6.63 2.42 9.85
N LEU C 114 -6.83 1.18 10.22
CA LEU C 114 -5.73 0.24 10.33
C LEU C 114 -5.14 -0.06 8.94
N GLN C 115 -5.94 -0.17 7.91
CA GLN C 115 -5.39 -0.34 6.55
C GLN C 115 -4.43 0.81 6.22
N LYS C 116 -4.80 2.04 6.56
CA LYS C 116 -3.94 3.20 6.31
C LYS C 116 -2.66 3.12 7.13
N ALA C 117 -2.68 2.39 8.23
CA ALA C 117 -1.50 2.23 9.05
C ALA C 117 -0.64 1.04 8.62
N GLY C 118 -1.00 0.40 7.51
CA GLY C 118 -0.20 -0.68 6.93
C GLY C 118 -0.67 -2.07 7.34
N TYR C 119 -1.85 -2.19 7.98
CA TYR C 119 -2.32 -3.49 8.43
C TYR C 119 -3.09 -4.19 7.32
N LYS C 120 -2.91 -5.50 7.25
CA LYS C 120 -3.82 -6.34 6.51
C LYS C 120 -5.05 -6.61 7.40
N THR C 121 -6.25 -6.45 6.85
CA THR C 121 -7.44 -6.53 7.70
C THR C 121 -8.31 -7.69 7.20
N GLY C 122 -8.85 -8.47 8.17
CA GLY C 122 -9.72 -9.56 7.81
C GLY C 122 -10.96 -9.57 8.68
N PHE C 123 -12.03 -10.05 8.10
CA PHE C 123 -13.34 -10.17 8.76
C PHE C 123 -13.80 -11.62 8.64
N VAL C 124 -14.27 -12.18 9.76
CA VAL C 124 -14.93 -13.49 9.76
C VAL C 124 -16.18 -13.42 10.62
N GLY C 125 -17.28 -14.00 10.17
CA GLY C 125 -18.40 -14.22 11.07
C GLY C 125 -19.52 -13.23 10.94
N LYS C 126 -20.20 -13.01 12.07
CA LYS C 126 -21.41 -12.19 12.04
C LYS C 126 -21.12 -10.70 11.81
N SER C 127 -21.80 -10.12 10.86
CA SER C 127 -21.75 -8.67 10.62
C SER C 127 -22.81 -7.87 11.39
N HIS C 128 -24.03 -7.79 10.86
CA HIS C 128 -25.15 -7.05 11.42
C HIS C 128 -24.99 -5.54 11.34
N ILE C 129 -23.90 -5.02 10.76
CA ILE C 129 -23.58 -3.60 10.73
C ILE C 129 -23.15 -3.13 9.35
N ILE C 130 -23.42 -3.95 8.35
CA ILE C 130 -23.06 -3.61 6.95
C ILE C 130 -24.30 -3.58 6.06
N ASP C 131 -24.58 -2.43 5.47
CA ASP C 131 -25.59 -2.27 4.42
C ASP C 131 -26.95 -2.85 4.80
N HIS C 132 -27.63 -2.14 5.70
CA HIS C 132 -28.96 -2.59 6.09
C HIS C 132 -30.00 -2.58 4.96
N ASN C 133 -29.87 -1.68 3.98
CA ASN C 133 -30.74 -1.78 2.82
C ASN C 133 -30.59 -3.11 2.10
N LEU C 134 -29.34 -3.54 1.92
CA LEU C 134 -29.04 -4.85 1.34
C LEU C 134 -29.51 -6.00 2.24
N LEU C 135 -29.43 -5.82 3.57
CA LEU C 135 -29.94 -6.79 4.51
C LEU C 135 -31.42 -7.03 4.25
N HIS C 136 -32.19 -5.96 4.01
CA HIS C 136 -33.60 -6.12 3.73
C HIS C 136 -33.80 -7.01 2.50
N LYS C 137 -33.00 -6.79 1.47
CA LYS C 137 -33.07 -7.63 0.28
C LYS C 137 -32.71 -9.09 0.56
N GLN C 138 -31.72 -9.33 1.42
CA GLN C 138 -31.40 -10.69 1.82
C GLN C 138 -32.61 -11.33 2.50
N GLU C 139 -33.21 -10.62 3.45
CA GLU C 139 -34.32 -11.19 4.22
C GLU C 139 -35.50 -11.55 3.33
N LYS C 140 -35.80 -10.72 2.33
CA LYS C 140 -36.86 -10.99 1.38
C LYS C 140 -36.38 -11.80 0.17
N GLN C 141 -35.09 -12.12 0.09
CA GLN C 141 -34.51 -12.85 -1.04
C GLN C 141 -34.88 -12.20 -2.38
N LEU C 142 -34.65 -10.89 -2.44
CA LEU C 142 -34.80 -10.07 -3.63
C LEU C 142 -33.45 -9.90 -4.33
N PRO C 143 -33.42 -9.62 -5.65
CA PRO C 143 -32.18 -9.26 -6.32
C PRO C 143 -31.37 -8.25 -5.52
N PRO C 144 -30.02 -8.42 -5.38
CA PRO C 144 -29.23 -9.39 -6.13
C PRO C 144 -29.15 -10.84 -5.63
N PHE C 145 -29.88 -11.12 -4.56
CA PHE C 145 -29.89 -12.45 -3.96
C PHE C 145 -30.76 -13.43 -4.73
N LYS C 146 -30.45 -14.73 -4.54
CA LYS C 146 -31.28 -15.83 -5.03
C LYS C 146 -32.14 -16.40 -3.91
N SER C 147 -33.31 -16.93 -4.28
CA SER C 147 -34.26 -17.39 -3.30
C SER C 147 -34.22 -18.91 -3.16
N TYR C 148 -34.81 -19.39 -2.07
CA TYR C 148 -34.98 -20.81 -1.75
C TYR C 148 -36.04 -20.98 -0.66
N ASP C 149 -36.62 -22.18 -0.57
CA ASP C 149 -37.66 -22.43 0.42
C ASP C 149 -37.03 -22.55 1.82
N LYS C 150 -37.79 -22.16 2.86
CA LYS C 150 -37.36 -22.31 4.24
C LYS C 150 -37.06 -23.79 4.56
N LYS C 151 -37.78 -24.73 3.91
CA LYS C 151 -37.58 -26.14 4.12
C LYS C 151 -36.68 -26.76 3.06
N ALA C 152 -36.03 -25.94 2.23
CA ALA C 152 -35.16 -26.45 1.19
C ALA C 152 -34.00 -27.25 1.77
N ASN C 153 -33.58 -28.26 1.02
CA ASN C 153 -32.46 -29.09 1.39
C ASN C 153 -31.19 -28.51 0.80
N PRO C 154 -30.25 -27.96 1.60
CA PRO C 154 -29.04 -27.35 1.04
C PRO C 154 -28.10 -28.28 0.28
N LYS C 155 -28.29 -29.60 0.40
CA LYS C 155 -27.51 -30.54 -0.38
C LYS C 155 -27.95 -30.51 -1.85
N ASP C 156 -29.20 -30.14 -2.11
CA ASP C 156 -29.69 -30.06 -3.49
C ASP C 156 -28.85 -29.02 -4.22
N PRO C 157 -28.15 -29.39 -5.31
CA PRO C 157 -27.24 -28.45 -5.98
C PRO C 157 -27.78 -27.06 -6.33
N GLU C 158 -29.08 -26.91 -6.72
CA GLU C 158 -29.64 -25.62 -7.08
C GLU C 158 -29.83 -24.75 -5.83
N VAL C 159 -30.25 -25.38 -4.74
CA VAL C 159 -30.38 -24.67 -3.48
C VAL C 159 -29.00 -24.23 -2.97
N ASN C 160 -28.06 -25.15 -3.02
CA ASN C 160 -26.73 -24.90 -2.51
C ASN C 160 -26.12 -23.71 -3.24
N LYS C 161 -26.34 -23.65 -4.57
CA LYS C 161 -25.80 -22.56 -5.37
C LYS C 161 -26.40 -21.21 -4.97
N ALA C 162 -27.69 -21.20 -4.66
CA ALA C 162 -28.34 -19.99 -4.17
C ALA C 162 -27.70 -19.53 -2.86
N ILE C 163 -27.56 -20.44 -1.90
CA ILE C 163 -27.04 -20.04 -0.59
C ILE C 163 -25.59 -19.58 -0.69
N HIS C 164 -24.77 -20.26 -1.48
CA HIS C 164 -23.40 -19.86 -1.71
C HIS C 164 -23.34 -18.48 -2.38
N HIS C 165 -24.17 -18.28 -3.41
CA HIS C 165 -24.24 -17.01 -4.15
C HIS C 165 -24.48 -15.84 -3.17
N ASN C 166 -25.41 -16.07 -2.27
CA ASN C 166 -25.82 -15.00 -1.38
C ASN C 166 -24.67 -14.66 -0.42
N HIS C 167 -23.95 -15.67 0.08
CA HIS C 167 -22.84 -15.49 1.01
C HIS C 167 -21.72 -14.72 0.34
N GLU C 168 -21.47 -15.05 -0.94
CA GLU C 168 -20.46 -14.36 -1.71
C GLU C 168 -20.72 -12.85 -1.78
N ILE C 169 -21.99 -12.47 -1.97
CA ILE C 169 -22.36 -11.07 -2.04
C ILE C 169 -21.99 -10.34 -0.75
N TRP C 170 -22.24 -10.97 0.41
CA TRP C 170 -21.86 -10.36 1.68
C TRP C 170 -20.35 -10.27 1.83
N CYS C 171 -19.63 -11.35 1.48
CA CYS C 171 -18.19 -11.28 1.57
C CYS C 171 -17.68 -10.06 0.78
N LYS C 172 -18.19 -9.92 -0.43
CA LYS C 172 -17.75 -8.82 -1.27
C LYS C 172 -18.10 -7.45 -0.67
N ARG C 173 -19.33 -7.33 -0.18
CA ARG C 173 -19.81 -6.06 0.36
C ARG C 173 -19.01 -5.63 1.59
N ILE C 174 -18.70 -6.62 2.45
CA ILE C 174 -17.95 -6.33 3.65
C ILE C 174 -16.59 -5.69 3.35
N GLN C 175 -15.92 -6.16 2.27
CA GLN C 175 -14.64 -5.60 1.85
C GLN C 175 -14.71 -4.13 1.44
N ASP C 176 -15.89 -3.60 1.12
CA ASP C 176 -16.03 -2.18 0.84
C ASP C 176 -15.85 -1.30 2.11
N PHE C 177 -15.75 -1.93 3.29
CA PHE C 177 -15.78 -1.18 4.55
C PHE C 177 -14.43 -1.28 5.25
N GLY C 178 -13.35 -1.59 4.53
CA GLY C 178 -12.03 -1.57 5.13
C GLY C 178 -11.39 -2.91 5.45
N PHE C 179 -11.87 -3.99 4.83
CA PHE C 179 -11.32 -5.31 4.97
C PHE C 179 -10.72 -5.79 3.63
N ASP C 180 -9.55 -6.39 3.75
CA ASP C 180 -8.87 -7.03 2.62
C ASP C 180 -9.40 -8.44 2.34
N TYR C 181 -10.08 -9.04 3.32
CA TYR C 181 -10.53 -10.41 3.32
C TYR C 181 -11.84 -10.48 4.10
N ALA C 182 -12.84 -11.20 3.59
CA ALA C 182 -14.04 -11.49 4.40
C ALA C 182 -14.52 -12.87 4.00
N ASN C 183 -14.79 -13.72 4.98
CA ASN C 183 -15.17 -15.09 4.74
C ASN C 183 -15.85 -15.67 5.98
N GLY C 184 -16.63 -16.73 5.80
CA GLY C 184 -17.32 -17.37 6.91
C GLY C 184 -18.30 -16.38 7.54
N VAL C 185 -19.09 -15.69 6.71
CA VAL C 185 -19.85 -14.55 7.19
C VAL C 185 -21.33 -14.85 7.32
N TYR C 186 -22.00 -14.08 8.18
CA TYR C 186 -23.44 -13.95 8.25
C TYR C 186 -23.83 -12.47 8.15
N ALA C 187 -24.81 -12.16 7.32
CA ALA C 187 -25.29 -10.81 7.17
C ALA C 187 -25.81 -10.29 8.52
N ALA C 188 -26.49 -11.15 9.26
CA ALA C 188 -27.09 -10.80 10.54
C ALA C 188 -27.02 -12.03 11.43
N ASN C 189 -28.17 -12.64 11.78
CA ASN C 189 -28.20 -13.82 12.60
C ASN C 189 -28.56 -15.04 11.76
N LEU C 190 -28.55 -16.21 12.38
CA LEU C 190 -29.00 -17.41 11.68
C LEU C 190 -30.43 -17.25 11.12
N ARG C 191 -31.30 -16.57 11.81
CA ARG C 191 -32.66 -16.33 11.40
C ARG C 191 -32.73 -15.85 9.95
N GLU C 192 -31.86 -14.91 9.59
CA GLU C 192 -32.05 -14.18 8.34
C GLU C 192 -31.63 -15.02 7.13
N LEU C 193 -31.12 -16.23 7.35
CA LEU C 193 -30.94 -17.19 6.26
C LEU C 193 -32.27 -17.87 5.87
N PHE C 194 -33.29 -17.83 6.73
CA PHE C 194 -34.60 -18.41 6.46
C PHE C 194 -34.46 -19.80 5.85
N ASN C 195 -33.65 -20.63 6.49
CA ASN C 195 -33.54 -22.01 6.06
C ASN C 195 -33.34 -22.87 7.27
N ASP C 196 -34.26 -23.80 7.48
CA ASP C 196 -34.19 -24.67 8.66
C ASP C 196 -32.88 -25.45 8.80
N SER C 197 -32.37 -26.06 7.72
CA SER C 197 -31.22 -26.94 7.78
C SER C 197 -29.96 -26.17 8.22
N ILE C 198 -29.84 -24.89 7.78
CA ILE C 198 -28.61 -24.17 8.08
C ILE C 198 -28.80 -23.23 9.28
N ASN C 199 -29.93 -23.34 9.98
CA ASN C 199 -30.21 -22.61 11.20
C ASN C 199 -29.49 -23.30 12.37
N VAL C 200 -28.19 -23.42 12.27
CA VAL C 200 -27.37 -24.11 13.24
C VAL C 200 -26.06 -23.33 13.38
N HIS C 201 -25.45 -23.34 14.56
CA HIS C 201 -24.14 -22.72 14.77
C HIS C 201 -23.08 -23.65 14.19
N ASN C 202 -22.02 -23.06 13.66
CA ASN C 202 -20.91 -23.82 13.14
C ASN C 202 -19.61 -23.14 13.51
N VAL C 203 -18.99 -23.55 14.61
CA VAL C 203 -17.74 -22.97 15.09
C VAL C 203 -16.61 -23.21 14.11
N GLU C 204 -16.50 -24.47 13.62
CA GLU C 204 -15.38 -24.88 12.80
C GLU C 204 -15.33 -24.11 11.48
N TRP C 205 -16.50 -23.84 10.89
CA TRP C 205 -16.52 -23.16 9.59
C TRP C 205 -15.88 -21.78 9.68
N LYS C 206 -16.26 -21.03 10.71
CA LYS C 206 -15.69 -19.71 10.89
C LYS C 206 -14.24 -19.81 11.31
N ASN C 207 -13.89 -20.80 12.15
CA ASN C 207 -12.53 -20.92 12.60
C ASN C 207 -11.61 -21.15 11.40
N LYS C 208 -12.01 -22.00 10.48
CA LYS C 208 -11.16 -22.31 9.32
C LYS C 208 -11.00 -21.03 8.50
N ALA C 209 -12.05 -20.22 8.42
CA ALA C 209 -11.96 -18.95 7.72
C ALA C 209 -10.96 -17.99 8.38
N ALA C 210 -10.90 -18.00 9.72
CA ALA C 210 -9.98 -17.17 10.45
C ALA C 210 -8.54 -17.63 10.25
N LEU C 211 -8.30 -18.93 10.38
CA LEU C 211 -6.96 -19.49 10.18
C LEU C 211 -6.48 -19.25 8.75
N ASP C 212 -7.37 -19.37 7.77
CA ASP C 212 -6.99 -19.16 6.37
C ASP C 212 -6.56 -17.71 6.14
N PHE C 213 -7.17 -16.75 6.85
CA PHE C 213 -6.74 -15.37 6.73
C PHE C 213 -5.35 -15.19 7.30
N ILE C 214 -5.10 -15.73 8.49
CA ILE C 214 -3.80 -15.60 9.12
C ILE C 214 -2.71 -16.20 8.20
N ASP C 215 -3.00 -17.31 7.55
CA ASP C 215 -2.01 -17.88 6.64
C ASP C 215 -1.71 -17.01 5.43
N GLN C 216 -2.60 -16.13 5.03
CA GLN C 216 -2.38 -15.24 3.90
C GLN C 216 -1.47 -14.06 4.24
N VAL C 217 -1.24 -13.79 5.53
CA VAL C 217 -0.48 -12.65 5.94
C VAL C 217 0.99 -13.05 5.98
N ASP C 218 1.89 -12.18 5.50
CA ASP C 218 3.30 -12.47 5.72
C ASP C 218 3.67 -12.28 7.20
N LYS C 219 4.56 -13.12 7.73
CA LYS C 219 5.05 -13.04 9.11
C LYS C 219 5.47 -11.61 9.51
N GLU C 220 6.13 -10.88 8.59
CA GLU C 220 6.62 -9.54 8.86
C GLU C 220 5.61 -8.41 8.63
N GLU C 221 4.33 -8.73 8.33
CA GLU C 221 3.37 -7.68 8.07
C GLU C 221 2.31 -7.74 9.18
N PRO C 222 1.90 -6.59 9.68
CA PRO C 222 0.90 -6.58 10.76
C PRO C 222 -0.49 -6.90 10.22
N PHE C 223 -1.34 -7.47 11.09
CA PHE C 223 -2.68 -7.74 10.68
C PHE C 223 -3.66 -7.56 11.86
N PHE C 224 -4.88 -7.28 11.41
CA PHE C 224 -6.06 -7.19 12.28
C PHE C 224 -7.11 -8.19 11.77
N LEU C 225 -7.58 -9.04 12.69
CA LEU C 225 -8.62 -10.02 12.41
C LEU C 225 -9.78 -9.76 13.37
N TYR C 226 -10.95 -9.49 12.78
CA TYR C 226 -12.21 -9.36 13.55
C TYR C 226 -12.89 -10.71 13.43
N TYR C 227 -13.00 -11.45 14.53
CA TYR C 227 -13.52 -12.84 14.53
C TYR C 227 -14.82 -12.83 15.29
N SER C 228 -15.94 -12.83 14.59
CA SER C 228 -17.26 -12.60 15.18
C SER C 228 -18.09 -13.90 15.18
N GLU C 229 -18.29 -14.45 16.35
CA GLU C 229 -19.09 -15.68 16.43
C GLU C 229 -20.61 -15.43 16.42
N THR C 230 -21.37 -16.45 16.08
CA THR C 230 -22.81 -16.45 16.27
C THR C 230 -23.15 -17.00 17.66
N ILE C 231 -22.31 -17.85 18.25
CA ILE C 231 -22.64 -18.46 19.52
C ILE C 231 -22.56 -17.42 20.64
N PRO C 232 -23.36 -17.51 21.73
CA PRO C 232 -24.48 -18.44 21.86
C PRO C 232 -25.87 -17.86 21.56
N HIS C 233 -25.94 -16.97 20.56
CA HIS C 233 -27.17 -16.31 20.21
C HIS C 233 -28.25 -17.30 19.78
N GLY C 234 -29.51 -16.90 19.90
CA GLY C 234 -30.62 -17.72 19.47
C GLY C 234 -30.45 -18.15 18.03
N PRO C 235 -30.77 -19.41 17.63
CA PRO C 235 -31.18 -20.47 18.56
C PRO C 235 -30.01 -21.00 19.37
N ALA C 236 -30.18 -20.96 20.67
CA ALA C 236 -29.04 -21.10 21.55
C ALA C 236 -28.48 -22.50 21.45
N PRO C 237 -27.16 -22.66 21.54
CA PRO C 237 -26.52 -23.96 21.32
C PRO C 237 -26.79 -24.94 22.45
N TRP C 238 -27.15 -24.45 23.62
CA TRP C 238 -27.42 -25.28 24.80
C TRP C 238 -28.81 -25.92 24.77
N ILE C 239 -29.68 -25.59 23.81
CA ILE C 239 -31.03 -26.13 23.83
C ILE C 239 -30.97 -27.64 23.61
N ARG C 240 -31.69 -28.35 24.49
CA ARG C 240 -31.58 -29.81 24.56
C ARG C 240 -32.93 -30.39 24.16
N ARG C 241 -32.96 -31.19 23.09
CA ARG C 241 -34.19 -31.78 22.56
C ARG C 241 -33.90 -33.23 22.20
N GLY C 242 -34.69 -34.13 22.78
CA GLY C 242 -34.47 -35.54 22.53
C GLY C 242 -33.09 -36.02 22.94
N GLY C 243 -32.47 -35.44 23.97
CA GLY C 243 -31.17 -35.87 24.44
C GLY C 243 -30.01 -35.30 23.61
N LYS C 244 -30.32 -34.40 22.67
CA LYS C 244 -29.31 -33.88 21.77
C LYS C 244 -29.36 -32.34 21.78
N TYR C 245 -28.34 -31.73 21.15
CA TYR C 245 -28.17 -30.28 21.06
C TYR C 245 -28.20 -29.91 19.59
N PRO C 246 -29.41 -29.86 18.96
CA PRO C 246 -29.55 -29.70 17.51
C PRO C 246 -29.08 -28.40 16.87
N TYR C 247 -28.91 -27.35 17.66
CA TYR C 247 -28.44 -26.04 17.12
C TYR C 247 -26.95 -25.91 17.38
N GLY C 248 -26.34 -26.85 18.08
CA GLY C 248 -24.92 -26.75 18.39
C GLY C 248 -24.12 -28.02 18.14
N LEU C 249 -23.71 -28.71 19.19
CA LEU C 249 -22.78 -29.83 19.05
C LEU C 249 -23.38 -31.04 18.33
N ASP C 250 -24.71 -31.20 18.31
CA ASP C 250 -25.33 -32.31 17.58
C ASP C 250 -25.79 -31.89 16.19
N SER C 251 -25.48 -30.67 15.75
CA SER C 251 -25.78 -30.29 14.39
C SER C 251 -24.78 -30.92 13.45
N ASN C 252 -25.14 -30.89 12.16
CA ASN C 252 -24.30 -31.43 11.11
C ASN C 252 -23.21 -30.41 10.74
N PRO C 253 -21.91 -30.71 10.90
CA PRO C 253 -20.85 -29.77 10.55
C PRO C 253 -20.70 -29.42 9.07
N SER C 254 -21.43 -30.14 8.21
CA SER C 254 -21.52 -29.79 6.80
C SER C 254 -22.46 -28.62 6.49
N PHE C 255 -23.27 -28.17 7.46
CA PHE C 255 -24.19 -27.08 7.26
C PHE C 255 -23.58 -25.81 7.85
N ASN C 256 -23.63 -24.70 7.07
CA ASN C 256 -23.00 -23.48 7.52
C ASN C 256 -23.70 -22.31 6.82
N GLY C 257 -23.14 -21.09 6.99
CA GLY C 257 -23.76 -19.91 6.45
C GLY C 257 -23.65 -19.79 4.93
N GLU C 258 -22.84 -20.62 4.26
CA GLU C 258 -22.84 -20.64 2.80
C GLU C 258 -23.55 -21.86 2.20
N GLY C 259 -24.13 -22.73 3.05
CA GLY C 259 -24.95 -23.83 2.60
C GLY C 259 -24.42 -25.15 3.13
N TYR C 260 -24.08 -26.06 2.19
CA TYR C 260 -23.59 -27.38 2.50
C TYR C 260 -22.22 -27.57 1.90
N ASP C 261 -21.29 -28.04 2.72
CA ASP C 261 -20.03 -28.52 2.20
C ASP C 261 -19.51 -29.66 3.08
N ASN C 262 -18.46 -30.34 2.63
CA ASN C 262 -17.90 -31.43 3.40
C ASN C 262 -16.47 -31.09 3.79
N ASN C 263 -16.28 -29.97 4.49
CA ASN C 263 -14.94 -29.50 4.84
C ASN C 263 -14.32 -30.41 5.91
N ASP C 264 -12.99 -30.45 5.92
CA ASP C 264 -12.18 -31.18 6.88
C ASP C 264 -11.83 -30.31 8.08
N TYR C 265 -12.38 -30.67 9.26
CA TYR C 265 -12.08 -29.97 10.50
C TYR C 265 -11.38 -30.88 11.51
N SER C 266 -10.53 -31.77 10.98
CA SER C 266 -9.93 -32.80 11.83
C SER C 266 -8.83 -32.24 12.72
N TYR C 267 -8.43 -30.96 12.58
CA TYR C 267 -7.46 -30.27 13.42
C TYR C 267 -8.10 -29.84 14.75
N LEU C 268 -9.41 -29.97 14.80
CA LEU C 268 -10.17 -29.76 16.03
C LEU C 268 -10.72 -31.10 16.48
N PRO C 269 -11.08 -31.27 17.78
CA PRO C 269 -11.78 -32.49 18.21
C PRO C 269 -13.10 -32.62 17.49
N SER C 270 -13.60 -33.85 17.36
CA SER C 270 -14.95 -34.05 16.92
C SER C 270 -15.95 -33.50 17.92
N ARG C 271 -17.13 -33.14 17.47
CA ARG C 271 -18.18 -32.59 18.34
C ARG C 271 -18.53 -33.60 19.45
N ASP C 272 -18.51 -34.88 19.10
CA ASP C 272 -18.81 -35.95 20.09
C ASP C 272 -17.72 -35.99 21.15
N LYS C 273 -16.45 -35.82 20.77
CA LYS C 273 -15.32 -35.84 21.73
C LYS C 273 -15.42 -34.63 22.66
N ILE C 274 -15.94 -33.51 22.16
CA ILE C 274 -16.12 -32.29 22.99
C ILE C 274 -17.15 -32.58 24.09
N LYS C 275 -18.29 -33.16 23.72
CA LYS C 275 -19.35 -33.48 24.70
C LYS C 275 -18.81 -34.50 25.70
N GLU C 276 -18.08 -35.48 25.20
CA GLU C 276 -17.54 -36.57 26.05
C GLU C 276 -16.57 -36.00 27.08
N GLU C 277 -15.70 -35.08 26.70
CA GLU C 277 -14.69 -34.52 27.62
C GLU C 277 -15.42 -33.74 28.73
N VAL C 278 -16.40 -32.92 28.37
CA VAL C 278 -17.14 -32.12 29.38
C VAL C 278 -17.84 -33.08 30.34
N LYS C 279 -18.44 -34.14 29.83
CA LYS C 279 -19.08 -35.11 30.70
C LYS C 279 -18.07 -35.77 31.64
N ARG C 280 -16.93 -36.19 31.11
CA ARG C 280 -15.89 -36.84 31.89
C ARG C 280 -15.38 -35.94 33.02
N LEU C 281 -15.30 -34.61 32.78
CA LEU C 281 -14.84 -33.67 33.78
C LEU C 281 -15.94 -33.30 34.77
N ASN C 282 -17.14 -33.83 34.58
CA ASN C 282 -18.30 -33.56 35.44
C ASN C 282 -18.60 -32.06 35.41
N LYS C 283 -18.51 -31.49 34.21
CA LYS C 283 -18.96 -30.11 34.02
C LYS C 283 -20.33 -30.13 33.34
N ASP C 284 -20.89 -28.94 33.12
CA ASP C 284 -22.25 -28.83 32.65
C ASP C 284 -22.33 -29.19 31.17
N VAL C 285 -22.91 -30.34 30.84
CA VAL C 285 -22.95 -30.75 29.43
C VAL C 285 -23.80 -29.80 28.59
N ASP C 286 -24.72 -29.04 29.15
CA ASP C 286 -25.54 -28.14 28.34
C ASP C 286 -24.66 -27.03 27.75
N HIS C 287 -23.53 -26.76 28.40
CA HIS C 287 -22.67 -25.66 27.98
C HIS C 287 -21.33 -26.15 27.43
N ALA C 288 -21.29 -27.41 26.93
CA ALA C 288 -20.16 -27.90 26.18
C ALA C 288 -19.81 -27.04 24.97
N TRP C 289 -20.77 -26.28 24.42
CA TRP C 289 -20.50 -25.34 23.34
C TRP C 289 -19.36 -24.39 23.71
N LEU C 290 -19.13 -24.12 25.00
CA LEU C 290 -17.99 -23.28 25.40
C LEU C 290 -16.65 -23.95 25.19
N THR C 291 -16.61 -25.29 25.40
CA THR C 291 -15.42 -26.06 25.17
C THR C 291 -15.16 -26.18 23.67
N TRP C 292 -16.23 -26.29 22.86
CA TRP C 292 -16.19 -26.27 21.40
C TRP C 292 -15.45 -25.00 20.94
N PHE C 293 -15.90 -23.85 21.46
CA PHE C 293 -15.26 -22.58 21.14
C PHE C 293 -13.82 -22.49 21.66
N ASP C 294 -13.54 -23.03 22.84
CA ASP C 294 -12.22 -22.99 23.43
C ASP C 294 -11.21 -23.66 22.48
N TYR C 295 -11.54 -24.84 21.96
CA TYR C 295 -10.59 -25.48 21.04
C TYR C 295 -10.36 -24.60 19.82
N ALA C 296 -11.41 -23.94 19.32
CA ALA C 296 -11.24 -23.06 18.17
C ALA C 296 -10.23 -21.95 18.47
N VAL C 297 -10.38 -21.32 19.65
CA VAL C 297 -9.43 -20.31 20.10
C VAL C 297 -8.04 -20.94 20.18
N GLY C 298 -7.95 -22.14 20.74
CA GLY C 298 -6.69 -22.86 20.84
C GLY C 298 -6.00 -23.03 19.47
N ALA C 299 -6.78 -23.24 18.42
CA ALA C 299 -6.18 -23.43 17.09
C ALA C 299 -5.62 -22.10 16.58
N VAL C 300 -6.28 -20.99 16.89
CA VAL C 300 -5.73 -19.69 16.56
C VAL C 300 -4.38 -19.52 17.24
N VAL C 301 -4.31 -19.74 18.55
CA VAL C 301 -3.06 -19.59 19.30
C VAL C 301 -1.99 -20.46 18.65
N LYS C 302 -2.31 -21.69 18.32
CA LYS C 302 -1.34 -22.64 17.75
C LYS C 302 -0.76 -22.09 16.43
N LYS C 303 -1.62 -21.52 15.60
CA LYS C 303 -1.17 -20.95 14.34
C LYS C 303 -0.32 -19.71 14.61
N LEU C 304 -0.70 -18.86 15.55
CA LEU C 304 0.13 -17.69 15.82
C LEU C 304 1.54 -18.11 16.25
N LYS C 305 1.64 -19.15 17.07
CA LYS C 305 2.91 -19.59 17.62
C LYS C 305 3.74 -20.17 16.49
N GLU C 306 3.11 -20.96 15.63
CA GLU C 306 3.85 -21.52 14.49
C GLU C 306 4.36 -20.44 13.55
N LYS C 307 3.65 -19.32 13.40
CA LYS C 307 3.99 -18.22 12.53
C LYS C 307 5.12 -17.41 13.16
N GLY C 308 5.31 -17.56 14.48
CA GLY C 308 6.32 -16.85 15.23
C GLY C 308 5.89 -15.42 15.57
N VAL C 309 4.57 -15.15 15.64
CA VAL C 309 4.09 -13.79 15.91
C VAL C 309 3.27 -13.74 17.21
N TYR C 310 3.18 -14.86 17.94
CA TYR C 310 2.29 -14.96 19.09
C TYR C 310 2.61 -13.92 20.18
N GLU C 311 3.89 -13.74 20.49
CA GLU C 311 4.22 -12.89 21.62
C GLU C 311 3.86 -11.45 21.30
N ASN C 312 3.82 -11.03 20.05
CA ASN C 312 3.44 -9.68 19.73
C ASN C 312 2.10 -9.61 18.96
N THR C 313 1.16 -10.44 19.41
CA THR C 313 -0.23 -10.35 19.00
C THR C 313 -1.06 -10.09 20.28
N LEU C 314 -1.94 -9.10 20.16
CA LEU C 314 -2.96 -8.81 21.16
C LEU C 314 -4.22 -9.59 20.78
N ILE C 315 -4.62 -10.49 21.67
CA ILE C 315 -5.84 -11.26 21.52
C ILE C 315 -6.84 -10.70 22.54
N VAL C 316 -8.01 -10.33 22.03
CA VAL C 316 -9.09 -9.80 22.88
C VAL C 316 -10.24 -10.79 22.81
N ILE C 317 -10.76 -11.16 23.99
CA ILE C 317 -11.92 -12.04 24.06
C ILE C 317 -13.05 -11.32 24.79
N THR C 318 -14.19 -11.15 24.12
CA THR C 318 -15.31 -10.38 24.72
C THR C 318 -16.61 -10.80 24.06
N SER C 319 -17.72 -10.16 24.45
CA SER C 319 -19.04 -10.38 23.85
C SER C 319 -19.64 -9.03 23.46
N ASP C 320 -20.62 -9.04 22.56
CA ASP C 320 -21.19 -7.78 22.15
C ASP C 320 -22.07 -7.16 23.24
N HIS C 321 -22.77 -7.96 24.03
CA HIS C 321 -23.61 -7.48 25.14
C HIS C 321 -24.17 -8.72 25.82
N GLY C 322 -24.76 -8.52 27.00
CA GLY C 322 -25.33 -9.65 27.70
C GLY C 322 -26.78 -9.90 27.28
N ASN C 323 -27.26 -11.07 27.74
CA ASN C 323 -28.68 -11.40 27.66
C ASN C 323 -29.06 -12.28 28.86
N PHE C 324 -28.68 -11.83 30.03
CA PHE C 324 -29.02 -12.53 31.26
C PHE C 324 -30.38 -12.02 31.74
N ASP C 325 -31.27 -12.96 32.04
CA ASP C 325 -32.62 -12.61 32.53
C ASP C 325 -33.36 -11.71 31.54
N TYR C 326 -33.17 -11.96 30.24
CA TYR C 326 -33.86 -11.21 29.19
C TYR C 326 -33.51 -9.71 29.25
N GLU C 327 -32.32 -9.35 29.75
CA GLU C 327 -31.99 -7.95 29.87
C GLU C 327 -31.28 -7.38 28.63
N LYS C 328 -31.08 -8.17 27.57
CA LYS C 328 -30.78 -7.59 26.27
C LYS C 328 -31.73 -6.46 25.95
N ALA C 329 -31.21 -5.39 25.34
CA ALA C 329 -32.01 -4.24 24.92
C ALA C 329 -32.71 -3.54 26.10
N THR C 330 -32.09 -3.65 27.27
CA THR C 330 -32.46 -2.90 28.48
C THR C 330 -31.18 -2.28 29.03
N LEU C 331 -31.32 -1.34 29.96
CA LEU C 331 -30.16 -0.80 30.64
C LEU C 331 -29.93 -1.42 32.02
N TYR C 332 -30.40 -2.64 32.21
CA TYR C 332 -30.06 -3.44 33.36
C TYR C 332 -28.77 -4.21 33.17
N GLU C 333 -28.22 -4.71 34.26
CA GLU C 333 -26.87 -5.24 34.21
C GLU C 333 -26.73 -6.48 33.32
N GLY C 334 -27.83 -7.25 33.15
CA GLY C 334 -27.80 -8.43 32.32
C GLY C 334 -27.75 -8.12 30.84
N GLY C 335 -27.84 -6.85 30.47
CA GLY C 335 -27.57 -6.43 29.08
C GLY C 335 -26.21 -5.72 28.99
N LEU C 336 -25.86 -4.88 29.98
CA LEU C 336 -24.71 -4.00 29.86
C LEU C 336 -23.37 -4.69 30.07
N GLU C 337 -23.24 -5.69 30.93
CA GLU C 337 -22.00 -6.27 31.42
C GLU C 337 -21.54 -7.39 30.49
N VAL C 338 -20.26 -7.31 30.08
CA VAL C 338 -19.71 -8.33 29.19
C VAL C 338 -18.38 -8.83 29.72
N PRO C 339 -18.00 -10.07 29.36
CA PRO C 339 -16.65 -10.57 29.63
C PRO C 339 -15.65 -9.77 28.81
N LEU C 340 -14.45 -9.61 29.37
CA LEU C 340 -13.37 -8.97 28.61
C LEU C 340 -12.06 -9.41 29.22
N ALA C 341 -11.24 -10.04 28.37
CA ALA C 341 -9.85 -10.34 28.72
C ALA C 341 -8.99 -9.99 27.52
N MET C 342 -7.79 -9.48 27.83
CA MET C 342 -6.80 -9.17 26.79
C MET C 342 -5.49 -9.90 27.07
N HIS C 343 -4.91 -10.52 26.05
CA HIS C 343 -3.69 -11.30 26.18
C HIS C 343 -2.67 -10.81 25.16
N TRP C 344 -1.48 -10.43 25.61
CA TRP C 344 -0.50 -9.83 24.70
C TRP C 344 0.85 -9.90 25.41
N PRO C 345 1.62 -10.99 25.23
CA PRO C 345 2.81 -11.19 26.09
C PRO C 345 3.75 -9.98 26.04
N ASN C 346 3.84 -9.33 24.88
CA ASN C 346 4.83 -8.26 24.68
C ASN C 346 4.38 -6.97 25.35
N GLY C 347 3.08 -6.85 25.68
CA GLY C 347 2.55 -5.56 26.12
C GLY C 347 1.71 -5.55 27.41
N ILE C 348 1.32 -6.74 27.91
CA ILE C 348 0.48 -6.92 29.10
C ILE C 348 1.09 -7.94 30.03
N LYS C 349 1.36 -7.52 31.26
CA LYS C 349 1.95 -8.45 32.24
C LYS C 349 0.95 -9.51 32.69
N PRO C 350 1.38 -10.75 32.92
CA PRO C 350 0.47 -11.82 33.35
C PRO C 350 -0.13 -11.50 34.73
N ASN C 351 -1.24 -12.20 35.03
CA ASN C 351 -1.91 -12.08 36.32
C ASN C 351 -2.46 -10.69 36.60
N SER C 352 -2.82 -9.94 35.55
CA SER C 352 -3.25 -8.56 35.72
C SER C 352 -4.77 -8.50 35.78
N THR C 353 -5.27 -7.49 36.49
CA THR C 353 -6.69 -7.19 36.57
C THR C 353 -6.89 -5.69 36.51
N TYR C 354 -8.05 -5.29 36.02
CA TYR C 354 -8.46 -3.86 36.03
C TYR C 354 -9.94 -3.83 36.36
N ASP C 355 -10.34 -3.12 37.41
CA ASP C 355 -11.75 -3.07 37.87
C ASP C 355 -12.39 -1.73 37.54
N GLY C 356 -11.68 -0.89 36.82
CA GLY C 356 -12.27 0.39 36.42
C GLY C 356 -13.33 0.25 35.34
N MET C 357 -14.21 1.22 35.24
CA MET C 357 -15.24 1.26 34.22
C MET C 357 -14.60 1.37 32.84
N VAL C 358 -14.86 0.38 31.97
CA VAL C 358 -14.43 0.45 30.58
C VAL C 358 -15.61 0.11 29.67
N GLN C 359 -15.51 0.43 28.38
CA GLN C 359 -16.67 0.32 27.52
C GLN C 359 -16.22 -0.02 26.11
N ASN C 360 -17.15 -0.55 25.32
CA ASN C 360 -16.83 -1.03 23.97
C ASN C 360 -16.32 0.11 23.09
N ILE C 361 -16.68 1.37 23.32
CA ILE C 361 -16.15 2.50 22.60
C ILE C 361 -14.64 2.62 22.78
N ASP C 362 -14.04 1.97 23.76
CA ASP C 362 -12.62 2.13 24.08
C ASP C 362 -11.72 1.30 23.16
N PHE C 363 -12.27 0.26 22.51
CA PHE C 363 -11.41 -0.64 21.76
C PHE C 363 -10.71 0.09 20.60
N THR C 364 -11.47 0.81 19.79
CA THR C 364 -10.90 1.44 18.60
C THR C 364 -9.75 2.38 18.98
N PRO C 365 -9.87 3.34 19.92
CA PRO C 365 -8.73 4.20 20.22
C PRO C 365 -7.50 3.47 20.79
N THR C 366 -7.68 2.38 21.54
CA THR C 366 -6.57 1.56 22.09
C THR C 366 -5.83 0.92 20.95
N PHE C 367 -6.55 0.39 19.98
CA PHE C 367 -5.91 -0.36 18.87
C PHE C 367 -5.20 0.60 17.95
N LEU C 368 -5.79 1.75 17.78
CA LEU C 368 -5.17 2.75 16.94
C LEU C 368 -3.84 3.18 17.53
N GLU C 369 -3.78 3.36 18.84
CA GLU C 369 -2.53 3.79 19.49
C GLU C 369 -1.47 2.71 19.35
N LEU C 370 -1.85 1.46 19.55
CA LEU C 370 -0.91 0.36 19.48
C LEU C 370 -0.38 0.19 18.05
N ALA C 371 -1.14 0.62 17.06
CA ALA C 371 -0.81 0.48 15.64
C ALA C 371 0.04 1.66 15.19
N GLY C 372 0.26 2.61 16.10
CA GLY C 372 1.14 3.76 15.83
C GLY C 372 0.39 4.94 15.21
N VAL C 373 -0.94 4.88 15.16
CA VAL C 373 -1.76 5.91 14.56
C VAL C 373 -1.90 7.04 15.57
N THR C 374 -1.67 8.29 15.14
CA THR C 374 -1.87 9.44 16.02
C THR C 374 -2.92 10.40 15.47
N LYS C 375 -3.41 10.16 14.23
CA LYS C 375 -4.28 11.09 13.54
C LYS C 375 -5.52 10.36 12.99
N VAL C 376 -6.73 10.92 13.21
CA VAL C 376 -7.95 10.36 12.65
C VAL C 376 -8.91 11.48 12.25
N LYS C 377 -9.87 11.17 11.35
CA LYS C 377 -10.83 12.16 10.87
C LYS C 377 -12.03 12.32 11.82
N ASP C 378 -12.77 11.22 12.07
CA ASP C 378 -14.00 11.28 12.83
C ASP C 378 -13.64 11.23 14.32
N SER C 379 -14.40 12.00 15.12
CA SER C 379 -14.25 12.07 16.57
C SER C 379 -14.59 10.73 17.24
N ILE C 380 -13.76 10.37 18.20
CA ILE C 380 -13.88 9.10 18.93
C ILE C 380 -14.39 9.48 20.32
N ASP C 381 -15.37 8.70 20.84
CA ASP C 381 -15.92 8.87 22.20
C ASP C 381 -15.12 8.08 23.23
N GLY C 382 -14.56 6.95 22.83
CA GLY C 382 -13.81 6.12 23.77
C GLY C 382 -12.46 6.66 24.16
N LEU C 383 -11.87 5.95 25.11
CA LEU C 383 -10.59 6.28 25.68
C LEU C 383 -9.62 5.16 25.36
N SER C 384 -8.37 5.50 25.05
CA SER C 384 -7.34 4.48 24.93
C SER C 384 -7.09 3.84 26.28
N LEU C 385 -7.07 2.52 26.32
CA LEU C 385 -6.75 1.71 27.46
C LEU C 385 -5.27 1.37 27.57
N THR C 386 -4.37 1.98 26.76
CA THR C 386 -2.98 1.51 26.79
C THR C 386 -2.26 1.77 28.11
N ASN C 387 -2.59 2.84 28.80
CA ASN C 387 -2.00 3.02 30.13
C ASN C 387 -2.43 1.94 31.14
N VAL C 388 -3.71 1.50 31.08
CA VAL C 388 -4.20 0.40 31.88
C VAL C 388 -3.49 -0.91 31.51
N LEU C 389 -3.38 -1.19 30.20
CA LEU C 389 -2.76 -2.39 29.71
C LEU C 389 -1.30 -2.51 30.13
N ALA C 390 -0.59 -1.39 30.13
CA ALA C 390 0.83 -1.41 30.47
C ALA C 390 1.07 -1.45 31.98
N GLY C 391 0.00 -1.35 32.79
CA GLY C 391 0.12 -1.45 34.23
C GLY C 391 0.47 -0.11 34.88
N LYS C 392 0.45 0.98 34.10
CA LYS C 392 0.77 2.34 34.53
C LYS C 392 -0.43 2.94 35.24
N GLU C 393 -1.64 2.71 34.72
CA GLU C 393 -2.85 3.25 35.33
C GLU C 393 -3.62 2.16 36.09
N LYS C 394 -3.89 2.42 37.37
CA LYS C 394 -4.70 1.51 38.18
C LYS C 394 -5.97 2.18 38.69
N LYS C 395 -6.16 3.47 38.44
CA LYS C 395 -7.35 4.18 38.89
C LYS C 395 -8.35 4.24 37.74
N GLU C 396 -9.55 4.73 38.05
CA GLU C 396 -10.60 4.96 37.06
C GLU C 396 -10.13 5.95 36.01
N ILE C 397 -10.58 5.74 34.77
CA ILE C 397 -10.22 6.65 33.68
C ILE C 397 -11.38 7.53 33.27
N ARG C 398 -12.57 7.31 33.84
CA ARG C 398 -13.72 8.14 33.62
C ARG C 398 -14.55 8.23 34.91
N ASP C 399 -15.33 9.31 35.00
CA ASP C 399 -16.21 9.55 36.14
C ASP C 399 -17.50 8.73 36.02
N TYR C 400 -17.99 8.56 34.80
CA TYR C 400 -19.20 7.79 34.60
C TYR C 400 -19.22 7.24 33.17
N LEU C 401 -20.10 6.27 32.98
CA LEU C 401 -20.40 5.69 31.68
C LEU C 401 -21.75 6.15 31.18
N PHE C 402 -21.88 6.29 29.88
CA PHE C 402 -23.12 6.61 29.19
C PHE C 402 -23.67 5.41 28.44
N PHE C 403 -24.99 5.31 28.36
CA PHE C 403 -25.73 4.24 27.75
C PHE C 403 -26.96 4.75 26.99
N GLU C 404 -27.35 4.02 25.93
CA GLU C 404 -28.52 4.37 25.16
C GLU C 404 -29.12 3.11 24.59
N ILE C 405 -30.43 2.99 24.60
CA ILE C 405 -31.13 1.89 23.91
C ILE C 405 -32.53 2.34 23.65
N GLY C 406 -32.96 2.40 22.39
CA GLY C 406 -34.29 2.81 22.11
C GLY C 406 -34.68 4.17 22.73
N LEU C 407 -35.84 4.15 23.41
CA LEU C 407 -36.35 5.31 24.14
C LEU C 407 -35.61 5.61 25.44
N ALA C 408 -34.62 4.79 25.83
CA ALA C 408 -33.95 4.96 27.10
C ALA C 408 -32.55 5.55 26.94
N ARG C 409 -32.11 6.30 27.93
CA ARG C 409 -30.75 6.77 28.06
C ARG C 409 -30.35 6.48 29.51
N GLY C 410 -29.06 6.40 29.77
CA GLY C 410 -28.65 6.28 31.15
C GLY C 410 -27.19 6.59 31.37
N VAL C 411 -26.82 6.73 32.65
CA VAL C 411 -25.47 6.94 33.07
C VAL C 411 -25.27 6.07 34.32
N ARG C 412 -24.06 5.61 34.53
CA ARG C 412 -23.68 5.09 35.83
C ARG C 412 -22.29 5.55 36.26
N THR C 413 -22.14 5.77 37.57
CA THR C 413 -20.87 5.83 38.26
C THR C 413 -20.57 4.47 38.83
N LYS C 414 -19.51 4.36 39.66
CA LYS C 414 -19.27 3.12 40.36
C LYS C 414 -20.46 2.72 41.23
N ASP C 415 -21.06 3.70 41.91
CA ASP C 415 -22.02 3.39 42.95
C ASP C 415 -23.46 3.70 42.58
N TRP C 416 -23.76 4.37 41.46
CA TRP C 416 -25.13 4.69 41.14
C TRP C 416 -25.41 4.52 39.65
N LYS C 417 -26.64 4.14 39.32
CA LYS C 417 -27.13 4.11 37.97
C LYS C 417 -28.42 4.92 37.84
N TYR C 418 -28.53 5.72 36.79
CA TYR C 418 -29.75 6.46 36.45
C TYR C 418 -30.18 6.13 35.03
N ILE C 419 -31.46 5.83 34.85
CA ILE C 419 -32.11 5.53 33.57
C ILE C 419 -33.26 6.50 33.36
N ALA C 420 -33.32 7.13 32.18
CA ALA C 420 -34.43 7.98 31.78
C ALA C 420 -35.05 7.42 30.51
N VAL C 421 -36.36 7.34 30.47
CA VAL C 421 -37.09 6.88 29.32
C VAL C 421 -38.00 8.01 28.87
N ARG C 422 -37.89 8.45 27.61
CA ARG C 422 -38.74 9.52 27.08
C ARG C 422 -39.27 9.09 25.71
N TYR C 423 -40.55 9.40 25.43
CA TYR C 423 -41.24 8.81 24.31
C TYR C 423 -41.11 9.63 23.02
N ASP C 424 -41.00 8.87 21.92
CA ASP C 424 -41.09 9.39 20.57
C ASP C 424 -42.52 9.84 20.31
N GLU C 425 -42.68 10.61 19.21
CA GLU C 425 -43.97 11.23 18.91
C GLU C 425 -45.04 10.17 18.62
N ALA C 426 -44.70 9.13 17.85
CA ALA C 426 -45.64 8.07 17.53
C ALA C 426 -46.10 7.30 18.76
N SER C 427 -45.19 6.95 19.67
CA SER C 427 -45.58 6.28 20.89
C SER C 427 -46.49 7.19 21.72
N GLN C 428 -46.13 8.46 21.83
CA GLN C 428 -46.89 9.42 22.70
C GLN C 428 -48.30 9.62 22.17
N ARG C 429 -48.51 9.51 20.87
CA ARG C 429 -49.84 9.69 20.25
C ARG C 429 -50.67 8.47 20.61
N ILE C 430 -50.05 7.31 20.73
CA ILE C 430 -50.78 6.04 21.03
C ILE C 430 -51.16 6.10 22.51
N VAL C 431 -50.23 6.51 23.35
CA VAL C 431 -50.48 6.64 24.82
C VAL C 431 -51.63 7.63 25.02
N ASP C 432 -51.59 8.75 24.31
CA ASP C 432 -52.61 9.78 24.39
C ASP C 432 -53.98 9.31 23.91
N SER C 433 -54.01 8.48 22.85
CA SER C 433 -55.27 7.92 22.37
C SER C 433 -55.90 7.00 23.44
N GLY C 434 -55.10 6.52 24.39
CA GLY C 434 -55.57 5.60 25.42
C GLY C 434 -55.71 4.16 24.92
N LYS C 435 -55.46 3.91 23.63
CA LYS C 435 -55.47 2.58 23.05
C LYS C 435 -54.17 1.87 23.39
N MET C 436 -54.22 0.54 23.51
CA MET C 436 -53.03 -0.21 23.89
C MET C 436 -52.18 -0.46 22.63
N PHE C 437 -50.87 -0.65 22.84
CA PHE C 437 -50.01 -1.13 21.77
C PHE C 437 -50.27 -2.60 21.56
N LYS C 438 -50.27 -3.05 20.29
CA LYS C 438 -50.44 -4.46 19.98
C LYS C 438 -49.10 -5.16 20.20
N GLY C 439 -49.09 -6.22 21.02
CA GLY C 439 -47.87 -6.88 21.46
C GLY C 439 -47.63 -8.24 20.79
N TYR C 440 -46.37 -8.70 20.90
CA TYR C 440 -45.95 -10.04 20.48
C TYR C 440 -46.92 -11.08 21.03
N LYS C 441 -47.34 -12.02 20.15
CA LYS C 441 -48.26 -13.11 20.47
C LYS C 441 -49.47 -12.61 21.27
N GLY C 442 -49.98 -11.42 20.93
CA GLY C 442 -51.19 -10.92 21.55
C GLY C 442 -50.98 -10.33 22.95
N HIS C 443 -49.73 -10.09 23.37
CA HIS C 443 -49.49 -9.51 24.69
C HIS C 443 -49.47 -8.00 24.62
N ASP C 444 -50.66 -7.40 24.56
CA ASP C 444 -50.81 -5.96 24.35
C ASP C 444 -50.38 -5.23 25.62
N HIS C 445 -49.93 -3.97 25.47
CA HIS C 445 -49.32 -3.22 26.56
C HIS C 445 -49.69 -1.75 26.48
N LYS C 446 -49.81 -1.10 27.64
CA LYS C 446 -50.26 0.27 27.75
C LYS C 446 -49.17 1.26 27.32
N LEU C 447 -47.93 1.02 27.74
CA LEU C 447 -46.83 1.93 27.49
C LEU C 447 -45.81 1.29 26.53
N PRO C 448 -45.07 2.11 25.77
CA PRO C 448 -44.15 1.59 24.76
C PRO C 448 -42.97 0.88 25.42
N HIS C 449 -42.43 -0.09 24.71
CA HIS C 449 -41.13 -0.66 25.08
C HIS C 449 -40.03 0.27 24.62
N TYR C 450 -38.81 0.04 25.14
CA TYR C 450 -37.70 0.87 24.69
C TYR C 450 -37.52 0.77 23.17
N VAL C 451 -37.66 -0.44 22.65
CA VAL C 451 -37.36 -0.77 21.27
C VAL C 451 -38.65 -1.12 20.55
N ARG C 452 -38.60 -0.92 19.23
CA ARG C 452 -39.69 -1.28 18.33
C ARG C 452 -39.89 -2.78 18.24
N ASN C 453 -38.83 -3.58 18.40
CA ASN C 453 -38.91 -5.04 18.35
C ASN C 453 -39.76 -5.55 19.51
N GLY C 454 -40.98 -6.01 19.20
CA GLY C 454 -41.95 -6.45 20.19
C GLY C 454 -41.54 -7.74 20.89
N HIS C 455 -40.78 -8.62 20.21
CA HIS C 455 -40.22 -9.82 20.83
C HIS C 455 -39.29 -9.43 21.98
N LEU C 456 -38.26 -8.61 21.68
CA LEU C 456 -37.31 -8.18 22.68
C LEU C 456 -38.05 -7.44 23.82
N GLY C 457 -39.00 -6.59 23.45
CA GLY C 457 -39.70 -5.80 24.44
C GLY C 457 -40.55 -6.65 25.37
N TYR C 458 -41.31 -7.60 24.83
CA TYR C 458 -42.11 -8.48 25.65
C TYR C 458 -41.25 -9.22 26.68
N TYR C 459 -40.13 -9.79 26.23
CA TYR C 459 -39.30 -10.58 27.16
C TYR C 459 -38.64 -9.68 28.19
N GLY C 460 -38.12 -8.54 27.74
CA GLY C 460 -37.45 -7.59 28.61
C GLY C 460 -38.34 -7.13 29.76
N ALA C 461 -39.61 -6.90 29.45
CA ALA C 461 -40.53 -6.32 30.41
C ALA C 461 -41.22 -7.36 31.28
N LYS C 462 -41.31 -8.61 30.83
CA LYS C 462 -42.31 -9.49 31.42
C LYS C 462 -42.10 -9.72 32.92
N ASP C 463 -40.84 -9.87 33.36
CA ASP C 463 -40.53 -10.14 34.77
C ASP C 463 -39.72 -9.00 35.39
N HIS C 464 -39.86 -7.81 34.81
CA HIS C 464 -39.12 -6.64 35.27
C HIS C 464 -40.12 -5.57 35.64
N PRO C 465 -40.62 -5.60 36.90
CA PRO C 465 -41.66 -4.65 37.28
C PRO C 465 -41.28 -3.18 37.15
N LEU C 466 -39.97 -2.84 37.04
CA LEU C 466 -39.56 -1.45 36.93
C LEU C 466 -39.36 -1.00 35.46
N TYR C 467 -39.51 -1.95 34.53
CA TYR C 467 -39.15 -1.71 33.14
C TYR C 467 -39.68 -0.40 32.60
N PHE C 468 -40.98 -0.11 32.85
CA PHE C 468 -41.62 1.04 32.24
C PHE C 468 -41.48 2.32 33.07
N ASP C 469 -40.79 2.30 34.22
CA ASP C 469 -40.62 3.52 35.01
C ASP C 469 -39.81 4.49 34.17
N LYS C 470 -40.29 5.72 34.00
CA LYS C 470 -39.64 6.70 33.14
C LYS C 470 -38.35 7.25 33.72
N ASN C 471 -38.17 7.14 35.03
CA ASN C 471 -36.96 7.55 35.71
C ASN C 471 -36.64 6.50 36.77
N GLN C 472 -35.41 5.97 36.70
CA GLN C 472 -34.99 4.88 37.56
C GLN C 472 -33.64 5.21 38.13
N LEU C 473 -33.47 5.07 39.44
CA LEU C 473 -32.22 5.33 40.12
C LEU C 473 -31.91 4.16 41.04
N PHE C 474 -30.72 3.55 40.90
CA PHE C 474 -30.29 2.42 41.69
C PHE C 474 -28.98 2.62 42.39
N ASN C 475 -28.97 2.23 43.66
CA ASN C 475 -27.78 2.19 44.47
C ASN C 475 -27.10 0.85 44.22
N ARG C 476 -25.97 0.90 43.47
CA ARG C 476 -25.29 -0.30 43.03
C ARG C 476 -24.66 -1.09 44.18
N VAL C 477 -24.36 -0.42 45.30
CA VAL C 477 -23.73 -1.07 46.43
C VAL C 477 -24.76 -1.87 47.23
N THR C 478 -25.88 -1.24 47.55
CA THR C 478 -26.91 -1.84 48.40
C THR C 478 -27.92 -2.65 47.60
N ASP C 479 -28.06 -2.40 46.29
CA ASP C 479 -29.08 -3.04 45.49
C ASP C 479 -28.51 -3.51 44.16
N PRO C 480 -27.53 -4.43 44.14
CA PRO C 480 -26.90 -4.84 42.88
C PRO C 480 -27.89 -5.51 41.95
N GLU C 481 -29.01 -6.03 42.46
CA GLU C 481 -30.00 -6.68 41.61
C GLU C 481 -30.99 -5.70 40.98
N GLU C 482 -30.90 -4.41 41.32
CA GLU C 482 -31.77 -3.37 40.68
C GLU C 482 -33.24 -3.67 40.95
N THR C 483 -33.61 -3.82 42.22
CA THR C 483 -34.98 -4.15 42.66
C THR C 483 -35.70 -2.95 43.23
N LYS C 484 -34.98 -1.91 43.62
CA LYS C 484 -35.60 -0.77 44.32
C LYS C 484 -35.31 0.56 43.59
N ASN C 485 -36.34 1.17 43.06
CA ASN C 485 -36.22 2.48 42.38
C ASN C 485 -36.16 3.58 43.44
N LEU C 486 -35.03 4.28 43.50
CA LEU C 486 -34.83 5.38 44.45
C LEU C 486 -35.05 6.77 43.84
N TYR C 487 -35.57 6.85 42.61
CA TYR C 487 -35.65 8.13 41.95
C TYR C 487 -36.48 9.16 42.71
N ASN C 488 -37.65 8.75 43.19
CA ASN C 488 -38.55 9.67 43.89
C ASN C 488 -38.06 9.90 45.32
N ILE C 489 -37.29 8.99 45.87
CA ILE C 489 -36.80 9.07 47.24
C ILE C 489 -35.63 10.03 47.37
N ASN C 490 -34.66 10.01 46.42
CA ASN C 490 -33.38 10.69 46.56
C ASN C 490 -33.25 11.75 45.49
N SER C 491 -33.92 12.89 45.66
CA SER C 491 -33.97 13.95 44.68
C SER C 491 -32.58 14.53 44.46
N LYS C 492 -31.75 14.58 45.47
CA LYS C 492 -30.43 15.19 45.32
C LYS C 492 -29.56 14.34 44.38
N LYS C 493 -29.52 13.03 44.65
CA LYS C 493 -28.72 12.14 43.81
C LYS C 493 -29.30 12.09 42.42
N ALA C 494 -30.62 12.03 42.28
CA ALA C 494 -31.24 11.98 40.98
C ALA C 494 -30.83 13.20 40.18
N ASP C 495 -30.88 14.37 40.77
CA ASP C 495 -30.52 15.57 40.04
C ASP C 495 -29.03 15.54 39.64
N GLU C 496 -28.13 15.02 40.47
CA GLU C 496 -26.71 14.93 40.17
C GLU C 496 -26.53 14.02 38.95
N MET C 497 -27.26 12.90 38.93
CA MET C 497 -27.14 11.96 37.80
C MET C 497 -27.73 12.55 36.53
N LYS C 498 -28.79 13.32 36.62
CA LYS C 498 -29.38 13.97 35.46
C LYS C 498 -28.39 14.95 34.84
N LYS C 499 -27.55 15.58 35.66
CA LYS C 499 -26.56 16.52 35.13
C LYS C 499 -25.51 15.77 34.31
N LYS C 500 -25.09 14.60 34.80
CA LYS C 500 -24.16 13.77 34.05
C LYS C 500 -24.77 13.32 32.72
N LEU C 501 -26.02 12.89 32.76
CA LEU C 501 -26.72 12.49 31.55
C LEU C 501 -26.75 13.64 30.53
N LEU C 502 -27.10 14.82 31.01
CA LEU C 502 -27.18 16.00 30.16
C LEU C 502 -25.84 16.30 29.49
N GLU C 503 -24.77 16.12 30.21
CA GLU C 503 -23.43 16.43 29.70
C GLU C 503 -23.14 15.55 28.47
N LYS C 504 -23.64 14.31 28.46
CA LYS C 504 -23.50 13.45 27.28
C LYS C 504 -24.50 13.79 26.17
N LEU C 505 -25.76 14.04 26.52
CA LEU C 505 -26.81 14.26 25.55
C LEU C 505 -26.50 15.50 24.70
N VAL C 506 -25.87 16.51 25.30
CA VAL C 506 -25.67 17.76 24.54
C VAL C 506 -24.59 17.55 23.48
N THR C 507 -23.84 16.45 23.52
CA THR C 507 -22.76 16.23 22.55
C THR C 507 -23.29 15.62 21.26
N PHE C 508 -24.60 15.38 21.14
CA PHE C 508 -25.22 14.82 19.94
C PHE C 508 -25.98 15.94 19.24
N PRO C 509 -25.37 16.63 18.24
CA PRO C 509 -26.07 17.72 17.56
C PRO C 509 -27.44 17.33 16.99
N ASP C 510 -28.45 18.19 17.22
CA ASP C 510 -29.77 18.09 16.63
C ASP C 510 -30.53 16.82 17.04
N ARG C 511 -30.29 16.42 18.30
CA ARG C 511 -30.92 15.25 18.87
C ARG C 511 -31.55 15.63 20.21
N PRO C 512 -32.87 15.89 20.21
CA PRO C 512 -33.57 16.19 21.46
C PRO C 512 -33.78 14.93 22.31
N PHE C 513 -34.11 15.14 23.59
CA PHE C 513 -34.50 14.05 24.46
C PHE C 513 -35.32 14.65 25.61
N GLY C 514 -36.61 14.36 25.59
CA GLY C 514 -37.49 14.80 26.67
C GLY C 514 -37.32 16.29 26.99
N GLU C 515 -37.29 16.58 28.29
CA GLU C 515 -37.11 17.93 28.81
C GLU C 515 -35.63 18.23 28.96
N PHE C 516 -34.74 17.26 28.70
CA PHE C 516 -33.31 17.51 28.85
C PHE C 516 -32.84 18.49 27.79
N ILE C 517 -33.24 18.18 26.55
CA ILE C 517 -32.94 18.97 25.38
C ILE C 517 -34.24 19.03 24.59
N ASN C 518 -34.88 20.20 24.54
CA ASN C 518 -36.24 20.29 24.01
C ASN C 518 -36.18 20.32 22.49
N LYS C 519 -37.14 19.64 21.87
CA LYS C 519 -37.22 19.61 20.40
C LYS C 519 -37.63 21.02 19.92
N ASN D 1 31.23 -29.44 -30.83
CA ASN D 1 31.08 -28.11 -31.50
C ASN D 1 30.80 -27.04 -30.44
N LYS D 2 30.82 -25.77 -30.83
CA LYS D 2 30.47 -24.65 -29.92
C LYS D 2 28.94 -24.66 -29.73
N LYS D 3 28.25 -25.37 -30.63
CA LYS D 3 26.79 -25.49 -30.54
C LYS D 3 26.49 -26.91 -30.03
N PRO D 4 25.77 -27.09 -28.92
CA PRO D 4 25.44 -28.45 -28.45
C PRO D 4 24.33 -29.11 -29.26
N ASN D 5 24.32 -30.44 -29.29
CA ASN D 5 23.20 -31.18 -29.86
C ASN D 5 22.03 -31.07 -28.90
N ILE D 6 20.84 -31.31 -29.43
CA ILE D 6 19.61 -31.23 -28.61
C ILE D 6 18.73 -32.43 -28.97
N VAL D 7 18.40 -33.25 -27.95
CA VAL D 7 17.43 -34.32 -28.08
C VAL D 7 16.26 -34.04 -27.13
N PHE D 8 15.11 -33.77 -27.73
CA PHE D 8 13.95 -33.32 -27.00
C PHE D 8 12.95 -34.48 -26.99
N ILE D 9 12.74 -35.09 -25.82
CA ILE D 9 11.90 -36.29 -25.71
C ILE D 9 10.61 -35.94 -24.95
N LEU D 10 9.47 -36.13 -25.60
CA LEU D 10 8.20 -35.65 -25.11
C LEU D 10 7.21 -36.78 -25.00
N THR D 11 6.63 -36.98 -23.81
CA THR D 11 5.50 -37.89 -23.68
C THR D 11 4.21 -37.11 -23.85
N ASP D 12 3.06 -37.83 -23.81
CA ASP D 12 1.75 -37.29 -24.22
C ASP D 12 0.70 -37.51 -23.13
N ASP D 13 0.25 -36.44 -22.49
CA ASP D 13 -0.80 -36.46 -21.46
C ASP D 13 -0.28 -37.07 -20.15
N GLN D 14 0.96 -36.76 -19.80
CA GLN D 14 1.58 -37.27 -18.56
C GLN D 14 1.87 -36.15 -17.58
N SER D 15 1.04 -36.05 -16.53
CA SER D 15 1.25 -35.15 -15.41
C SER D 15 2.53 -35.49 -14.64
N SER D 16 3.08 -34.48 -13.92
CA SER D 16 4.14 -34.70 -12.95
C SER D 16 3.60 -35.16 -11.59
N ILE D 17 2.29 -35.22 -11.36
CA ILE D 17 1.74 -35.50 -10.04
C ILE D 17 1.87 -36.98 -9.72
N PRO D 18 2.62 -37.36 -8.67
CA PRO D 18 2.74 -38.78 -8.31
C PRO D 18 1.47 -39.32 -7.64
N ILE D 19 1.29 -40.63 -7.73
CA ILE D 19 0.13 -41.29 -7.14
C ILE D 19 0.66 -42.07 -5.94
N ASN D 20 0.30 -41.66 -4.71
CA ASN D 20 0.95 -42.16 -3.53
C ASN D 20 0.21 -43.38 -2.96
N LYS D 21 0.03 -44.39 -3.80
CA LYS D 21 -0.71 -45.59 -3.44
C LYS D 21 -0.44 -46.60 -4.55
N PRO D 22 -0.45 -47.91 -4.23
CA PRO D 22 -0.04 -48.93 -5.20
C PRO D 22 -0.95 -49.11 -6.40
N HIS D 23 -2.22 -48.77 -6.28
CA HIS D 23 -3.13 -48.87 -7.41
C HIS D 23 -3.44 -47.44 -7.90
N SER D 24 -3.27 -47.17 -9.20
CA SER D 24 -3.32 -45.79 -9.67
C SER D 24 -4.72 -45.32 -10.03
N ALA D 25 -5.70 -46.24 -10.08
CA ALA D 25 -7.10 -45.87 -10.22
C ALA D 25 -7.34 -45.10 -11.53
N GLY D 26 -6.72 -45.57 -12.60
CA GLY D 26 -6.97 -45.07 -13.94
C GLY D 26 -6.13 -43.82 -14.27
N GLU D 27 -5.18 -43.45 -13.42
CA GLU D 27 -4.34 -42.29 -13.69
C GLU D 27 -3.04 -42.76 -14.33
N SER D 28 -2.39 -41.85 -15.06
CA SER D 28 -0.98 -41.95 -15.37
C SER D 28 -0.09 -41.85 -14.13
N ARG D 29 1.11 -42.37 -14.21
CA ARG D 29 2.13 -42.10 -13.23
C ARG D 29 3.26 -41.35 -13.91
N PRO D 30 3.93 -40.45 -13.13
CA PRO D 30 5.11 -39.76 -13.63
C PRO D 30 6.37 -40.61 -13.51
N PHE D 31 7.54 -40.01 -13.76
CA PHE D 31 8.78 -40.74 -13.62
C PHE D 31 9.20 -40.83 -12.15
N GLY D 32 10.15 -41.74 -11.88
CA GLY D 32 10.61 -41.92 -10.52
C GLY D 32 11.16 -40.60 -9.94
N PHE D 33 11.80 -39.79 -10.81
CA PHE D 33 12.43 -38.56 -10.34
C PHE D 33 11.40 -37.53 -9.91
N ASN D 34 10.12 -37.70 -10.30
CA ASN D 34 9.03 -36.84 -9.91
C ASN D 34 8.39 -37.27 -8.56
N GLY D 35 8.92 -38.36 -7.99
CA GLY D 35 8.56 -38.81 -6.65
C GLY D 35 7.54 -39.96 -6.64
N ASP D 36 7.28 -40.59 -7.78
CA ASP D 36 6.40 -41.78 -7.78
C ASP D 36 7.24 -43.00 -7.40
N LYS D 37 6.83 -43.71 -6.33
CA LYS D 37 7.62 -44.82 -5.80
C LYS D 37 7.21 -46.17 -6.41
N TYR D 38 6.28 -46.17 -7.36
CA TYR D 38 5.72 -47.41 -7.89
C TYR D 38 6.13 -47.66 -9.33
N VAL D 39 7.05 -46.83 -9.86
CA VAL D 39 7.55 -47.00 -11.24
C VAL D 39 9.01 -47.42 -11.23
N HIS D 40 9.47 -47.96 -12.35
CA HIS D 40 10.86 -48.36 -12.50
C HIS D 40 11.37 -47.68 -13.78
N THR D 41 11.98 -46.48 -13.60
CA THR D 41 12.54 -45.70 -14.70
C THR D 41 13.98 -45.36 -14.35
N PRO D 42 14.89 -46.34 -14.25
CA PRO D 42 16.24 -46.08 -13.76
C PRO D 42 17.10 -45.24 -14.69
N ILE D 43 16.97 -45.44 -15.99
CA ILE D 43 17.78 -44.70 -16.93
C ILE D 43 17.40 -43.23 -16.84
N ILE D 44 16.09 -42.96 -16.95
CA ILE D 44 15.60 -41.60 -16.93
C ILE D 44 15.91 -40.93 -15.59
N ASP D 45 15.75 -41.66 -14.50
CA ASP D 45 15.99 -41.11 -13.18
C ASP D 45 17.48 -40.73 -13.03
N GLU D 46 18.38 -41.55 -13.58
CA GLU D 46 19.82 -41.29 -13.51
C GLU D 46 20.17 -40.07 -14.36
N LEU D 47 19.55 -39.91 -15.54
CA LEU D 47 19.79 -38.74 -16.36
C LEU D 47 19.36 -37.49 -15.58
N ALA D 48 18.21 -37.55 -14.90
CA ALA D 48 17.69 -36.42 -14.14
C ALA D 48 18.59 -36.12 -12.94
N LYS D 49 18.99 -37.16 -12.21
CA LYS D 49 19.84 -37.01 -11.04
C LYS D 49 21.17 -36.39 -11.43
N ASN D 50 21.68 -36.72 -12.62
CA ASN D 50 22.95 -36.22 -13.10
C ASN D 50 22.76 -34.99 -14.00
N GLY D 51 21.59 -34.34 -13.86
CA GLY D 51 21.28 -33.09 -14.55
C GLY D 51 20.46 -32.18 -13.65
N MET D 52 19.45 -31.52 -14.24
CA MET D 52 18.66 -30.55 -13.51
C MET D 52 17.19 -30.97 -13.61
N ILE D 53 16.54 -31.05 -12.45
CA ILE D 53 15.12 -31.31 -12.34
C ILE D 53 14.40 -29.97 -12.11
N PHE D 54 13.36 -29.72 -12.89
CA PHE D 54 12.56 -28.52 -12.75
C PHE D 54 11.26 -28.91 -12.07
N SER D 55 10.99 -28.37 -10.87
CA SER D 55 9.83 -28.78 -10.10
C SER D 55 8.59 -27.92 -10.33
N ASN D 56 8.67 -26.83 -11.10
CA ASN D 56 7.51 -26.02 -11.41
C ASN D 56 7.49 -25.70 -12.90
N ALA D 57 7.57 -26.77 -13.72
CA ALA D 57 7.40 -26.67 -15.15
C ALA D 57 5.92 -26.75 -15.51
N THR D 58 5.48 -25.84 -16.38
CA THR D 58 4.11 -25.72 -16.77
C THR D 58 4.02 -25.56 -18.28
N VAL D 59 2.79 -25.56 -18.75
CA VAL D 59 2.50 -25.31 -20.17
C VAL D 59 1.51 -24.16 -20.27
N SER D 60 1.57 -23.34 -21.34
CA SER D 60 0.67 -22.20 -21.43
C SER D 60 -0.71 -22.64 -21.85
N THR D 61 -0.86 -23.74 -22.65
CA THR D 61 -2.14 -24.30 -23.03
C THR D 61 -2.08 -25.80 -22.83
N PRO D 62 -2.87 -26.38 -21.90
CA PRO D 62 -2.81 -27.80 -21.61
C PRO D 62 -3.67 -28.67 -22.52
N VAL D 63 -3.41 -28.52 -23.80
CA VAL D 63 -4.07 -29.40 -24.79
C VAL D 63 -2.95 -29.62 -25.81
N CYS D 64 -2.95 -30.77 -26.39
CA CYS D 64 -1.87 -31.22 -27.29
C CYS D 64 -1.44 -30.28 -28.41
N SER D 65 -2.26 -29.97 -29.40
CA SER D 65 -1.76 -29.19 -30.56
C SER D 65 -1.21 -27.86 -30.04
N ALA D 66 -1.84 -27.29 -29.03
CA ALA D 66 -1.44 -25.99 -28.57
C ALA D 66 -0.15 -26.02 -27.77
N SER D 67 0.05 -27.08 -26.95
CA SER D 67 1.28 -27.15 -26.22
C SER D 67 2.47 -27.40 -27.16
N ARG D 68 2.25 -28.30 -28.10
CA ARG D 68 3.30 -28.62 -29.06
C ARG D 68 3.65 -27.43 -29.95
N TYR D 69 2.64 -26.67 -30.34
CA TYR D 69 2.88 -25.43 -31.07
C TYR D 69 3.78 -24.50 -30.29
N SER D 70 3.52 -24.34 -28.97
CA SER D 70 4.32 -23.44 -28.19
C SER D 70 5.73 -23.97 -27.98
N ILE D 71 5.87 -25.28 -27.77
CA ILE D 71 7.18 -25.90 -27.63
C ILE D 71 8.05 -25.57 -28.85
N LEU D 72 7.48 -25.75 -30.04
CA LEU D 72 8.27 -25.65 -31.27
C LEU D 72 8.36 -24.22 -31.80
N THR D 73 7.78 -23.22 -31.10
CA THR D 73 7.82 -21.83 -31.60
C THR D 73 8.31 -20.81 -30.58
N GLY D 74 8.15 -21.10 -29.27
CA GLY D 74 8.35 -20.11 -28.22
C GLY D 74 7.21 -19.09 -28.08
N ARG D 75 6.12 -19.26 -28.81
CA ARG D 75 5.00 -18.33 -28.83
C ARG D 75 3.81 -18.98 -28.12
N TYR D 76 2.99 -18.16 -27.46
CA TYR D 76 1.70 -18.61 -26.99
C TYR D 76 0.85 -19.11 -28.16
N ALA D 77 0.07 -20.16 -27.95
CA ALA D 77 -0.74 -20.79 -28.97
C ALA D 77 -1.78 -19.81 -29.52
N GLY D 78 -2.24 -18.89 -28.68
CA GLY D 78 -3.21 -17.88 -29.13
C GLY D 78 -2.64 -16.88 -30.13
N ARG D 79 -1.35 -16.99 -30.49
CA ARG D 79 -0.76 -16.22 -31.60
C ARG D 79 -0.86 -16.98 -32.93
N SER D 80 -1.31 -18.25 -32.94
CA SER D 80 -1.25 -19.03 -34.18
C SER D 80 -1.99 -18.29 -35.31
N LYS D 81 -1.38 -18.32 -36.51
CA LYS D 81 -2.06 -17.92 -37.74
C LYS D 81 -2.28 -19.11 -38.64
N GLY D 82 -2.43 -20.31 -38.07
CA GLY D 82 -2.77 -21.48 -38.83
C GLY D 82 -4.05 -21.29 -39.62
N SER D 83 -4.10 -21.95 -40.78
CA SER D 83 -5.22 -21.81 -41.70
C SER D 83 -6.53 -22.16 -40.99
N VAL D 84 -6.58 -23.31 -40.30
CA VAL D 84 -7.79 -23.71 -39.62
C VAL D 84 -8.12 -22.68 -38.51
N PHE D 85 -7.09 -22.23 -37.78
CA PHE D 85 -7.27 -21.36 -36.62
C PHE D 85 -7.86 -20.02 -37.03
N MET D 86 -7.37 -19.45 -38.13
CA MET D 86 -7.80 -18.13 -38.57
C MET D 86 -9.21 -18.16 -39.15
N LYS D 87 -9.61 -19.31 -39.71
CA LYS D 87 -10.97 -19.48 -40.19
C LYS D 87 -11.92 -19.43 -39.01
N LEU D 88 -11.55 -20.10 -37.89
CA LEU D 88 -12.39 -20.15 -36.68
C LEU D 88 -12.38 -18.80 -35.96
N HIS D 89 -11.28 -18.04 -36.06
CA HIS D 89 -11.08 -16.83 -35.28
C HIS D 89 -10.54 -15.73 -36.16
N PRO D 90 -11.46 -15.11 -36.95
CA PRO D 90 -11.10 -13.91 -37.70
C PRO D 90 -10.59 -12.85 -36.76
N LYS D 91 -9.72 -11.99 -37.26
CA LYS D 91 -9.28 -10.81 -36.54
C LYS D 91 -10.49 -10.08 -35.98
N GLY D 92 -10.37 -9.54 -34.76
CA GLY D 92 -11.48 -8.88 -34.08
C GLY D 92 -12.32 -9.78 -33.17
N LYS D 93 -12.17 -11.12 -33.24
CA LYS D 93 -12.95 -12.03 -32.42
C LYS D 93 -12.02 -12.72 -31.40
N MET D 94 -12.57 -13.11 -30.24
CA MET D 94 -11.78 -13.78 -29.21
C MET D 94 -11.29 -15.12 -29.74
N THR D 95 -10.13 -15.58 -29.23
CA THR D 95 -9.69 -16.94 -29.61
C THR D 95 -10.20 -17.99 -28.63
N ARG D 96 -10.33 -19.22 -29.10
CA ARG D 96 -10.73 -20.38 -28.35
C ARG D 96 -9.79 -21.52 -28.79
N VAL D 97 -8.62 -21.56 -28.12
CA VAL D 97 -7.52 -22.43 -28.50
C VAL D 97 -7.80 -23.82 -28.01
N GLU D 98 -7.63 -24.82 -28.86
CA GLU D 98 -7.76 -26.21 -28.51
C GLU D 98 -6.83 -26.99 -29.47
N ASN D 99 -7.28 -28.14 -29.97
CA ASN D 99 -6.46 -28.93 -30.90
C ASN D 99 -6.68 -28.38 -32.31
N ASN D 100 -6.48 -27.07 -32.45
CA ASN D 100 -6.82 -26.34 -33.68
C ASN D 100 -5.73 -25.39 -34.10
N VAL D 101 -4.52 -25.52 -33.56
CA VAL D 101 -3.41 -24.69 -33.96
C VAL D 101 -2.37 -25.56 -34.66
N GLU D 102 -1.58 -24.90 -35.51
CA GLU D 102 -0.58 -25.60 -36.31
C GLU D 102 0.55 -24.66 -36.67
N LEU D 103 1.71 -25.23 -36.97
CA LEU D 103 2.82 -24.46 -37.49
C LEU D 103 2.44 -23.83 -38.83
N GLU D 104 2.88 -22.58 -38.98
CA GLU D 104 2.59 -21.82 -40.19
C GLU D 104 3.72 -22.06 -41.20
N GLU D 105 3.32 -22.13 -42.46
CA GLU D 105 4.27 -22.38 -43.54
C GLU D 105 5.24 -21.22 -43.71
N ASP D 106 4.76 -20.00 -43.45
CA ASP D 106 5.50 -18.77 -43.74
C ASP D 106 5.96 -18.09 -42.46
N GLN D 107 6.12 -18.85 -41.38
CA GLN D 107 6.54 -18.26 -40.12
C GLN D 107 7.64 -19.14 -39.56
N ASP D 108 8.43 -18.52 -38.69
CA ASP D 108 9.50 -19.23 -38.04
C ASP D 108 8.97 -20.33 -37.14
N ASN D 109 9.86 -21.27 -36.91
CA ASN D 109 9.73 -22.25 -35.83
C ASN D 109 11.15 -22.67 -35.45
N LEU D 110 11.26 -23.41 -34.34
CA LEU D 110 12.55 -23.81 -33.79
C LEU D 110 13.38 -24.56 -34.82
N ALA D 111 12.73 -25.44 -35.55
CA ALA D 111 13.44 -26.33 -36.48
C ALA D 111 14.00 -25.50 -37.62
N LYS D 112 13.19 -24.60 -38.18
CA LYS D 112 13.63 -23.76 -39.30
C LYS D 112 14.78 -22.90 -38.83
N LEU D 113 14.70 -22.37 -37.61
CA LEU D 113 15.72 -21.47 -37.13
C LEU D 113 17.02 -22.21 -36.81
N LEU D 114 16.93 -23.41 -36.21
CA LEU D 114 18.12 -24.21 -35.99
C LEU D 114 18.79 -24.60 -37.33
N GLN D 115 18.01 -24.94 -38.35
CA GLN D 115 18.62 -25.21 -39.67
C GLN D 115 19.50 -24.04 -40.12
N LYS D 116 19.01 -22.82 -39.93
CA LYS D 116 19.74 -21.62 -40.36
C LYS D 116 21.00 -21.44 -39.54
N ALA D 117 21.02 -21.94 -38.30
CA ALA D 117 22.18 -21.91 -37.44
C ALA D 117 23.14 -23.08 -37.68
N GLY D 118 22.84 -23.93 -38.67
CA GLY D 118 23.72 -25.00 -39.11
C GLY D 118 23.36 -26.39 -38.55
N TYR D 119 22.19 -26.53 -37.92
CA TYR D 119 21.81 -27.82 -37.34
C TYR D 119 21.15 -28.71 -38.38
N LYS D 120 21.39 -30.00 -38.25
CA LYS D 120 20.61 -31.02 -38.93
C LYS D 120 19.42 -31.35 -38.03
N THR D 121 18.24 -31.32 -38.60
CA THR D 121 17.04 -31.47 -37.76
C THR D 121 16.27 -32.75 -38.11
N GLY D 122 15.75 -33.42 -37.07
CA GLY D 122 15.04 -34.68 -37.22
C GLY D 122 13.76 -34.70 -36.39
N PHE D 123 12.72 -35.35 -36.96
CA PHE D 123 11.42 -35.50 -36.35
C PHE D 123 11.04 -36.98 -36.27
N VAL D 124 10.61 -37.46 -35.10
CA VAL D 124 10.08 -38.77 -34.92
C VAL D 124 8.79 -38.65 -34.10
N GLY D 125 7.75 -39.39 -34.47
CA GLY D 125 6.61 -39.62 -33.59
C GLY D 125 5.43 -38.72 -33.88
N LYS D 126 4.65 -38.41 -32.81
CA LYS D 126 3.39 -37.70 -32.95
C LYS D 126 3.62 -36.24 -33.32
N SER D 127 2.88 -35.78 -34.35
CA SER D 127 2.88 -34.41 -34.81
C SER D 127 1.74 -33.59 -34.18
N HIS D 128 0.51 -33.71 -34.71
CA HIS D 128 -0.66 -32.93 -34.26
C HIS D 128 -0.54 -31.43 -34.51
N ILE D 129 0.53 -30.95 -35.16
CA ILE D 129 0.73 -29.51 -35.39
C ILE D 129 1.08 -29.17 -36.85
N ILE D 130 0.92 -30.15 -37.72
CA ILE D 130 1.31 -29.95 -39.15
C ILE D 130 0.09 -30.14 -40.06
N ASP D 131 -0.25 -29.11 -40.83
CA ASP D 131 -1.29 -29.16 -41.88
C ASP D 131 -2.59 -29.80 -41.42
N HIS D 132 -3.42 -29.07 -40.67
CA HIS D 132 -4.71 -29.61 -40.17
C HIS D 132 -5.70 -29.81 -41.31
N ASN D 133 -5.53 -29.10 -42.41
CA ASN D 133 -6.36 -29.35 -43.62
C ASN D 133 -6.06 -30.77 -44.12
N LEU D 134 -4.78 -31.13 -44.13
CA LEU D 134 -4.40 -32.45 -44.58
C LEU D 134 -4.81 -33.49 -43.54
N LEU D 135 -4.76 -33.12 -42.22
CA LEU D 135 -5.22 -34.03 -41.20
C LEU D 135 -6.69 -34.40 -41.46
N HIS D 136 -7.48 -33.42 -41.87
CA HIS D 136 -8.89 -33.65 -42.20
C HIS D 136 -9.01 -34.71 -43.31
N LYS D 137 -8.16 -34.63 -44.35
CA LYS D 137 -8.17 -35.60 -45.42
C LYS D 137 -7.70 -36.97 -44.95
N GLN D 138 -6.69 -37.02 -44.05
CA GLN D 138 -6.30 -38.27 -43.43
C GLN D 138 -7.49 -38.90 -42.71
N GLU D 139 -8.17 -38.13 -41.85
CA GLU D 139 -9.27 -38.68 -41.06
C GLU D 139 -10.35 -39.26 -41.97
N LYS D 140 -10.68 -38.52 -43.04
CA LYS D 140 -11.69 -38.95 -44.01
C LYS D 140 -11.14 -39.90 -45.09
N GLN D 141 -9.83 -40.16 -45.09
CA GLN D 141 -9.17 -41.00 -46.09
C GLN D 141 -9.58 -40.56 -47.51
N LEU D 142 -9.43 -39.26 -47.74
CA LEU D 142 -9.60 -38.62 -49.04
C LEU D 142 -8.24 -38.48 -49.71
N PRO D 143 -8.17 -38.37 -51.06
CA PRO D 143 -6.92 -38.07 -51.75
C PRO D 143 -6.25 -36.87 -51.09
N PRO D 144 -4.92 -36.90 -50.87
CA PRO D 144 -4.00 -37.91 -51.44
C PRO D 144 -3.85 -39.24 -50.71
N PHE D 145 -4.62 -39.46 -49.64
CA PHE D 145 -4.50 -40.70 -48.88
C PHE D 145 -5.24 -41.85 -49.56
N LYS D 146 -4.92 -43.06 -49.11
CA LYS D 146 -5.62 -44.27 -49.54
C LYS D 146 -6.44 -44.81 -48.38
N SER D 147 -7.60 -45.38 -48.67
CA SER D 147 -8.55 -45.80 -47.66
C SER D 147 -8.43 -47.30 -47.37
N TYR D 148 -9.00 -47.66 -46.22
CA TYR D 148 -9.12 -49.03 -45.74
C TYR D 148 -10.23 -49.09 -44.67
N ASP D 149 -10.76 -50.29 -44.44
CA ASP D 149 -11.76 -50.51 -43.41
C ASP D 149 -11.14 -50.45 -41.99
N LYS D 150 -11.93 -49.94 -41.04
CA LYS D 150 -11.56 -49.89 -39.63
C LYS D 150 -11.19 -51.29 -39.14
N LYS D 151 -11.83 -52.35 -39.67
CA LYS D 151 -11.51 -53.70 -39.21
C LYS D 151 -10.55 -54.46 -40.13
N ALA D 152 -9.97 -53.75 -41.11
CA ALA D 152 -9.07 -54.38 -42.06
C ALA D 152 -7.84 -54.91 -41.33
N ASN D 153 -7.30 -55.99 -41.86
CA ASN D 153 -6.10 -56.61 -41.37
C ASN D 153 -4.91 -56.01 -42.11
N PRO D 154 -3.98 -55.32 -41.41
CA PRO D 154 -2.88 -54.63 -42.11
C PRO D 154 -1.84 -55.57 -42.70
N LYS D 155 -1.97 -56.88 -42.43
CA LYS D 155 -1.13 -57.90 -43.07
C LYS D 155 -1.57 -58.10 -44.52
N ASP D 156 -2.86 -57.87 -44.82
CA ASP D 156 -3.36 -57.94 -46.19
C ASP D 156 -2.50 -56.99 -47.01
N PRO D 157 -1.77 -57.47 -48.04
CA PRO D 157 -0.80 -56.62 -48.74
C PRO D 157 -1.35 -55.29 -49.27
N GLU D 158 -2.61 -55.27 -49.70
CA GLU D 158 -3.20 -54.05 -50.24
C GLU D 158 -3.50 -53.07 -49.08
N VAL D 159 -3.90 -53.61 -47.92
CA VAL D 159 -4.15 -52.79 -46.76
C VAL D 159 -2.83 -52.20 -46.28
N ASN D 160 -1.80 -53.04 -46.20
CA ASN D 160 -0.49 -52.62 -45.73
C ASN D 160 0.03 -51.49 -46.63
N LYS D 161 -0.10 -51.64 -47.95
CA LYS D 161 0.36 -50.64 -48.89
C LYS D 161 -0.34 -49.30 -48.64
N ALA D 162 -1.66 -49.34 -48.42
CA ALA D 162 -2.43 -48.13 -48.13
C ALA D 162 -1.87 -47.42 -46.88
N ILE D 163 -1.69 -48.17 -45.79
CA ILE D 163 -1.29 -47.53 -44.52
C ILE D 163 0.14 -46.99 -44.64
N HIS D 164 1.04 -47.72 -45.30
CA HIS D 164 2.39 -47.22 -45.52
C HIS D 164 2.40 -45.98 -46.40
N HIS D 165 1.59 -45.98 -47.47
CA HIS D 165 1.49 -44.82 -48.34
C HIS D 165 1.11 -43.55 -47.57
N ASN D 166 0.12 -43.71 -46.69
CA ASN D 166 -0.32 -42.56 -45.92
C ASN D 166 0.77 -42.03 -44.99
N HIS D 167 1.50 -42.94 -44.33
CA HIS D 167 2.60 -42.55 -43.45
C HIS D 167 3.67 -41.76 -44.21
N GLU D 168 4.03 -42.22 -45.42
CA GLU D 168 5.02 -41.56 -46.24
C GLU D 168 4.61 -40.13 -46.58
N ILE D 169 3.30 -39.92 -46.84
CA ILE D 169 2.82 -38.58 -47.07
C ILE D 169 3.12 -37.63 -45.90
N TRP D 170 2.83 -38.08 -44.69
CA TRP D 170 3.18 -37.27 -43.53
C TRP D 170 4.67 -37.08 -43.32
N CYS D 171 5.49 -38.10 -43.57
CA CYS D 171 6.93 -37.95 -43.42
C CYS D 171 7.38 -36.81 -44.34
N LYS D 172 6.83 -36.78 -45.56
CA LYS D 172 7.25 -35.77 -46.52
C LYS D 172 6.77 -34.37 -46.09
N ARG D 173 5.50 -34.33 -45.64
CA ARG D 173 4.91 -33.05 -45.25
C ARG D 173 5.59 -32.41 -44.05
N ILE D 174 5.95 -33.22 -43.06
CA ILE D 174 6.63 -32.69 -41.88
C ILE D 174 7.91 -31.97 -42.27
N GLN D 175 8.63 -32.51 -43.28
CA GLN D 175 9.91 -31.97 -43.67
C GLN D 175 9.76 -30.67 -44.46
N ASP D 176 8.54 -30.26 -44.78
CA ASP D 176 8.29 -28.91 -45.31
C ASP D 176 8.36 -27.82 -44.24
N PHE D 177 8.41 -28.22 -42.96
CA PHE D 177 8.41 -27.26 -41.86
C PHE D 177 9.71 -27.23 -41.06
N GLY D 178 10.86 -27.51 -41.72
CA GLY D 178 12.17 -27.26 -41.15
C GLY D 178 12.90 -28.51 -40.68
N PHE D 179 12.49 -29.70 -41.15
CA PHE D 179 13.15 -30.95 -40.76
C PHE D 179 13.87 -31.59 -41.96
N ASP D 180 15.05 -32.13 -41.67
CA ASP D 180 15.88 -32.88 -42.65
C ASP D 180 15.56 -34.39 -42.67
N TYR D 181 14.72 -34.85 -41.74
CA TYR D 181 14.39 -36.25 -41.56
C TYR D 181 13.05 -36.35 -40.82
N ALA D 182 12.20 -37.27 -41.23
CA ALA D 182 11.00 -37.57 -40.44
C ALA D 182 10.63 -39.03 -40.64
N ASN D 183 10.37 -39.73 -39.56
CA ASN D 183 10.06 -41.14 -39.62
C ASN D 183 9.39 -41.57 -38.33
N GLY D 184 8.71 -42.72 -38.37
CA GLY D 184 7.99 -43.22 -37.20
C GLY D 184 6.92 -42.22 -36.75
N VAL D 185 6.15 -41.62 -37.68
CA VAL D 185 5.26 -40.50 -37.38
C VAL D 185 3.78 -40.90 -37.31
N TYR D 186 3.08 -40.07 -36.49
CA TYR D 186 1.65 -40.08 -36.46
C TYR D 186 1.17 -38.67 -36.74
N ALA D 187 0.15 -38.55 -37.59
CA ALA D 187 -0.35 -37.25 -37.95
C ALA D 187 -0.98 -36.54 -36.74
N ALA D 188 -1.64 -37.36 -35.91
CA ALA D 188 -2.31 -36.87 -34.69
C ALA D 188 -2.20 -37.96 -33.63
N ASN D 189 -3.30 -38.60 -33.22
CA ASN D 189 -3.30 -39.69 -32.26
C ASN D 189 -3.52 -41.04 -32.95
N LEU D 190 -3.51 -42.11 -32.18
CA LEU D 190 -3.80 -43.43 -32.71
C LEU D 190 -5.19 -43.45 -33.33
N ARG D 191 -6.13 -42.72 -32.75
CA ARG D 191 -7.51 -42.69 -33.23
C ARG D 191 -7.57 -42.39 -34.72
N GLU D 192 -6.76 -41.44 -35.20
CA GLU D 192 -6.94 -40.89 -36.54
C GLU D 192 -6.43 -41.83 -37.62
N LEU D 193 -5.87 -42.98 -37.23
CA LEU D 193 -5.58 -44.04 -38.18
C LEU D 193 -6.84 -44.84 -38.54
N PHE D 194 -7.86 -44.81 -37.67
CA PHE D 194 -9.10 -45.55 -37.90
C PHE D 194 -8.81 -46.99 -38.36
N ASN D 195 -8.00 -47.71 -37.58
CA ASN D 195 -7.80 -49.13 -37.77
C ASN D 195 -7.55 -49.80 -36.43
N ASP D 196 -8.37 -50.79 -36.11
CA ASP D 196 -8.34 -51.43 -34.80
C ASP D 196 -6.99 -52.12 -34.56
N SER D 197 -6.46 -52.83 -35.56
CA SER D 197 -5.23 -53.58 -35.37
C SER D 197 -4.06 -52.66 -34.98
N ILE D 198 -3.99 -51.49 -35.57
CA ILE D 198 -2.82 -50.62 -35.35
C ILE D 198 -3.13 -49.51 -34.34
N ASN D 199 -4.29 -49.63 -33.67
CA ASN D 199 -4.65 -48.73 -32.56
C ASN D 199 -3.93 -49.16 -31.29
N VAL D 200 -2.59 -49.23 -31.36
CA VAL D 200 -1.73 -49.77 -30.31
C VAL D 200 -0.51 -48.86 -30.25
N HIS D 201 0.03 -48.66 -29.05
CA HIS D 201 1.27 -47.91 -28.91
C HIS D 201 2.41 -48.80 -29.39
N ASN D 202 3.46 -48.20 -29.94
CA ASN D 202 4.65 -48.94 -30.33
C ASN D 202 5.90 -48.12 -30.04
N VAL D 203 6.46 -48.31 -28.84
CA VAL D 203 7.67 -47.59 -28.44
C VAL D 203 8.83 -47.90 -29.40
N GLU D 204 9.01 -49.18 -29.68
CA GLU D 204 10.15 -49.66 -30.43
C GLU D 204 10.22 -49.05 -31.82
N TRP D 205 9.09 -49.00 -32.51
CA TRP D 205 9.02 -48.50 -33.88
C TRP D 205 9.58 -47.09 -33.95
N LYS D 206 9.10 -46.20 -33.04
CA LYS D 206 9.58 -44.83 -33.04
C LYS D 206 11.03 -44.76 -32.60
N ASN D 207 11.42 -45.60 -31.63
CA ASN D 207 12.77 -45.60 -31.11
C ASN D 207 13.76 -45.96 -32.23
N LYS D 208 13.45 -46.96 -33.03
CA LYS D 208 14.35 -47.29 -34.11
C LYS D 208 14.47 -46.14 -35.11
N ALA D 209 13.38 -45.44 -35.37
CA ALA D 209 13.40 -44.27 -36.23
C ALA D 209 14.32 -43.18 -35.66
N ALA D 210 14.29 -43.00 -34.34
CA ALA D 210 15.17 -42.02 -33.70
C ALA D 210 16.63 -42.44 -33.82
N LEU D 211 16.92 -43.72 -33.55
CA LEU D 211 18.30 -44.23 -33.62
C LEU D 211 18.82 -44.16 -35.06
N ASP D 212 17.95 -44.30 -36.07
CA ASP D 212 18.35 -44.24 -37.47
C ASP D 212 18.76 -42.81 -37.81
N PHE D 213 18.10 -41.80 -37.21
CA PHE D 213 18.50 -40.41 -37.37
C PHE D 213 19.86 -40.18 -36.76
N ILE D 214 20.06 -40.64 -35.53
CA ILE D 214 21.31 -40.39 -34.84
C ILE D 214 22.47 -41.09 -35.56
N ASP D 215 22.20 -42.27 -36.14
CA ASP D 215 23.26 -43.01 -36.85
C ASP D 215 23.80 -42.22 -38.03
N GLN D 216 23.02 -41.33 -38.61
CA GLN D 216 23.45 -40.55 -39.76
C GLN D 216 23.90 -39.13 -39.45
N VAL D 217 24.04 -38.77 -38.17
CA VAL D 217 24.60 -37.48 -37.86
C VAL D 217 26.11 -37.52 -38.11
N ASP D 218 26.63 -36.32 -38.42
CA ASP D 218 28.06 -36.05 -38.41
C ASP D 218 28.44 -35.33 -37.11
N LYS D 219 29.45 -35.89 -36.40
CA LYS D 219 30.01 -35.37 -35.15
C LYS D 219 30.37 -33.88 -35.28
N GLU D 220 30.70 -33.42 -36.49
CA GLU D 220 31.13 -32.04 -36.71
C GLU D 220 29.98 -31.07 -37.02
N GLU D 221 28.74 -31.58 -37.03
CA GLU D 221 27.55 -30.87 -37.43
C GLU D 221 26.59 -31.04 -36.25
N PRO D 222 26.12 -29.95 -35.61
CA PRO D 222 25.14 -30.07 -34.54
C PRO D 222 23.86 -30.70 -35.08
N PHE D 223 23.09 -31.34 -34.19
CA PHE D 223 21.80 -31.86 -34.57
C PHE D 223 20.77 -31.59 -33.48
N PHE D 224 19.52 -31.59 -33.97
CA PHE D 224 18.34 -31.46 -33.10
C PHE D 224 17.39 -32.58 -33.50
N LEU D 225 16.98 -33.37 -32.51
CA LEU D 225 16.00 -34.45 -32.71
C LEU D 225 14.76 -34.16 -31.84
N TYR D 226 13.59 -34.09 -32.45
CA TYR D 226 12.31 -33.97 -31.71
C TYR D 226 11.71 -35.36 -31.66
N TYR D 227 11.65 -35.97 -30.49
CA TYR D 227 11.22 -37.38 -30.31
C TYR D 227 9.90 -37.34 -29.58
N SER D 228 8.81 -37.52 -30.29
CA SER D 228 7.46 -37.33 -29.72
C SER D 228 6.72 -38.66 -29.58
N GLU D 229 6.53 -39.06 -28.33
CA GLU D 229 5.82 -40.32 -28.10
C GLU D 229 4.30 -40.17 -28.19
N THR D 230 3.63 -41.30 -28.40
CA THR D 230 2.18 -41.36 -28.22
C THR D 230 1.82 -41.76 -26.79
N ILE D 231 2.69 -42.41 -26.05
CA ILE D 231 2.36 -42.88 -24.70
C ILE D 231 2.37 -41.70 -23.74
N PRO D 232 1.55 -41.73 -22.67
CA PRO D 232 0.46 -42.70 -22.46
C PRO D 232 -0.92 -42.23 -22.87
N HIS D 233 -1.02 -41.49 -23.97
CA HIS D 233 -2.28 -40.97 -24.46
C HIS D 233 -3.25 -42.11 -24.80
N GLY D 234 -4.55 -41.80 -24.65
CA GLY D 234 -5.59 -42.74 -24.99
C GLY D 234 -5.35 -43.34 -26.40
N PRO D 235 -5.56 -44.66 -26.61
CA PRO D 235 -5.96 -45.64 -25.60
C PRO D 235 -4.78 -45.93 -24.68
N ALA D 236 -4.96 -45.71 -23.38
CA ALA D 236 -3.83 -45.71 -22.49
C ALA D 236 -3.18 -47.08 -22.39
N PRO D 237 -1.83 -47.13 -22.33
CA PRO D 237 -1.14 -48.40 -22.26
C PRO D 237 -1.37 -49.23 -21.01
N TRP D 238 -1.88 -48.59 -19.95
CA TRP D 238 -2.14 -49.26 -18.69
C TRP D 238 -3.50 -49.96 -18.67
N ILE D 239 -4.31 -49.82 -19.74
CA ILE D 239 -5.61 -50.46 -19.72
C ILE D 239 -5.44 -51.97 -19.70
N ARG D 240 -6.11 -52.60 -18.75
CA ARG D 240 -5.98 -54.06 -18.56
C ARG D 240 -7.26 -54.78 -18.98
N ARG D 241 -7.11 -55.79 -19.81
CA ARG D 241 -8.26 -56.57 -20.34
C ARG D 241 -7.82 -58.04 -20.45
N GLY D 242 -8.50 -58.92 -19.74
CA GLY D 242 -8.18 -60.36 -19.79
C GLY D 242 -6.80 -60.65 -19.24
N GLY D 243 -6.34 -59.86 -18.27
CA GLY D 243 -5.05 -60.08 -17.67
C GLY D 243 -3.89 -59.56 -18.54
N LYS D 244 -4.24 -58.84 -19.61
CA LYS D 244 -3.26 -58.35 -20.57
C LYS D 244 -3.41 -56.84 -20.76
N TYR D 245 -2.41 -56.26 -21.45
CA TYR D 245 -2.38 -54.83 -21.71
C TYR D 245 -2.40 -54.61 -23.22
N PRO D 246 -3.59 -54.70 -23.87
CA PRO D 246 -3.65 -54.79 -25.32
C PRO D 246 -3.23 -53.58 -26.11
N TYR D 247 -3.18 -52.42 -25.44
CA TYR D 247 -2.80 -51.19 -26.13
C TYR D 247 -1.32 -50.89 -25.93
N GLY D 248 -0.64 -51.70 -25.15
CA GLY D 248 0.76 -51.45 -24.83
C GLY D 248 1.56 -52.73 -24.89
N LEU D 249 2.05 -53.19 -23.75
CA LEU D 249 3.05 -54.22 -23.73
C LEU D 249 2.56 -55.58 -24.25
N ASP D 250 1.25 -55.83 -24.28
CA ASP D 250 0.78 -57.10 -24.83
C ASP D 250 0.34 -56.98 -26.27
N SER D 251 0.46 -55.79 -26.90
CA SER D 251 0.17 -55.63 -28.30
C SER D 251 1.28 -56.28 -29.13
N ASN D 252 0.99 -56.46 -30.42
CA ASN D 252 1.91 -57.10 -31.36
C ASN D 252 2.93 -56.05 -31.83
N PRO D 253 4.26 -56.27 -31.64
CA PRO D 253 5.27 -55.29 -32.05
C PRO D 253 5.35 -55.05 -33.55
N SER D 254 4.71 -55.92 -34.33
CA SER D 254 4.71 -55.77 -35.77
C SER D 254 3.71 -54.72 -36.21
N PHE D 255 2.80 -54.26 -35.33
CA PHE D 255 1.80 -53.28 -35.71
C PHE D 255 2.27 -51.87 -35.29
N ASN D 256 2.14 -50.90 -36.19
CA ASN D 256 2.71 -49.58 -36.00
C ASN D 256 1.95 -48.57 -36.84
N GLY D 257 2.42 -47.32 -36.83
CA GLY D 257 1.80 -46.21 -37.51
C GLY D 257 1.87 -46.28 -39.04
N GLU D 258 2.67 -47.20 -39.57
CA GLU D 258 2.77 -47.36 -41.02
C GLU D 258 2.14 -48.69 -41.46
N GLY D 259 1.62 -49.51 -40.51
CA GLY D 259 0.93 -50.75 -40.80
C GLY D 259 1.55 -51.95 -40.09
N TYR D 260 2.02 -52.90 -40.90
CA TYR D 260 2.63 -54.13 -40.40
C TYR D 260 4.04 -54.28 -40.91
N ASP D 261 4.98 -54.52 -40.02
CA ASP D 261 6.36 -54.84 -40.45
C ASP D 261 7.08 -55.60 -39.35
N ASN D 262 7.78 -56.66 -39.72
CA ASN D 262 8.54 -57.50 -38.77
C ASN D 262 9.93 -56.91 -38.59
N ASN D 263 10.03 -55.82 -37.86
CA ASN D 263 11.33 -55.14 -37.66
C ASN D 263 12.08 -55.81 -36.50
N ASP D 264 13.40 -55.65 -36.48
CA ASP D 264 14.27 -56.21 -35.47
C ASP D 264 14.46 -55.20 -34.33
N TYR D 265 13.83 -55.51 -33.19
CA TYR D 265 13.97 -54.68 -32.00
C TYR D 265 14.70 -55.43 -30.90
N SER D 266 15.58 -56.36 -31.28
CA SER D 266 16.22 -57.21 -30.28
C SER D 266 17.25 -56.45 -29.43
N TYR D 267 17.55 -55.18 -29.77
CA TYR D 267 18.44 -54.34 -28.98
C TYR D 267 17.71 -53.76 -27.77
N LEU D 268 16.38 -54.00 -27.70
CA LEU D 268 15.59 -53.70 -26.51
C LEU D 268 15.13 -55.01 -25.88
N PRO D 269 14.79 -55.04 -24.58
CA PRO D 269 14.17 -56.24 -24.00
C PRO D 269 12.89 -56.58 -24.75
N SER D 270 12.52 -57.86 -24.79
CA SER D 270 11.19 -58.20 -25.24
C SER D 270 10.17 -57.56 -24.31
N ARG D 271 8.95 -57.43 -24.80
CA ARG D 271 7.89 -56.83 -24.02
C ARG D 271 7.59 -57.69 -22.79
N ASP D 272 7.60 -59.02 -22.97
CA ASP D 272 7.35 -59.92 -21.86
C ASP D 272 8.40 -59.72 -20.77
N LYS D 273 9.67 -59.51 -21.15
CA LYS D 273 10.75 -59.33 -20.20
C LYS D 273 10.59 -58.02 -19.42
N ILE D 274 10.04 -57.00 -20.06
CA ILE D 274 9.77 -55.74 -19.37
C ILE D 274 8.74 -55.96 -18.27
N LYS D 275 7.63 -56.62 -18.64
CA LYS D 275 6.58 -56.86 -17.67
C LYS D 275 7.13 -57.65 -16.49
N GLU D 276 7.94 -58.65 -16.77
CA GLU D 276 8.38 -59.53 -15.71
C GLU D 276 9.36 -58.79 -14.81
N GLU D 277 10.19 -57.91 -15.39
CA GLU D 277 11.10 -57.15 -14.54
C GLU D 277 10.33 -56.29 -13.53
N VAL D 278 9.28 -55.59 -13.98
CA VAL D 278 8.49 -54.73 -13.12
C VAL D 278 7.83 -55.55 -12.01
N LYS D 279 7.33 -56.73 -12.37
CA LYS D 279 6.70 -57.63 -11.41
C LYS D 279 7.71 -58.02 -10.32
N ARG D 280 8.88 -58.46 -10.77
CA ARG D 280 9.94 -58.93 -9.90
C ARG D 280 10.37 -57.87 -8.90
N LEU D 281 10.39 -56.59 -9.32
CA LEU D 281 10.81 -55.47 -8.49
C LEU D 281 9.69 -54.94 -7.62
N ASN D 282 8.54 -55.63 -7.60
CA ASN D 282 7.40 -55.25 -6.76
C ASN D 282 6.95 -53.83 -7.09
N LYS D 283 7.04 -53.49 -8.37
CA LYS D 283 6.48 -52.24 -8.84
C LYS D 283 5.13 -52.47 -9.51
N ASP D 284 4.49 -51.36 -9.91
CA ASP D 284 3.15 -51.42 -10.43
C ASP D 284 3.14 -51.93 -11.88
N VAL D 285 2.62 -53.15 -12.05
CA VAL D 285 2.64 -53.75 -13.37
C VAL D 285 1.77 -52.97 -14.35
N ASP D 286 0.74 -52.25 -13.90
CA ASP D 286 -0.11 -51.50 -14.80
C ASP D 286 0.72 -50.46 -15.57
N HIS D 287 1.80 -49.99 -14.94
CA HIS D 287 2.60 -48.90 -15.50
C HIS D 287 3.98 -49.38 -15.91
N ALA D 288 4.10 -50.67 -16.26
CA ALA D 288 5.31 -51.19 -16.88
C ALA D 288 5.64 -50.47 -18.19
N TRP D 289 4.66 -49.83 -18.85
CA TRP D 289 4.91 -49.03 -20.03
C TRP D 289 6.01 -47.98 -19.79
N LEU D 290 6.16 -47.52 -18.55
CA LEU D 290 7.23 -46.56 -18.25
C LEU D 290 8.61 -47.19 -18.32
N THR D 291 8.73 -48.48 -17.94
CA THR D 291 9.98 -49.22 -18.05
C THR D 291 10.30 -49.51 -19.52
N TRP D 292 9.25 -49.82 -20.29
CA TRP D 292 9.32 -49.96 -21.74
C TRP D 292 9.97 -48.74 -22.40
N PHE D 293 9.47 -47.55 -22.03
CA PHE D 293 9.99 -46.27 -22.48
C PHE D 293 11.41 -46.06 -21.96
N ASP D 294 11.64 -46.38 -20.67
CA ASP D 294 12.98 -46.20 -20.06
C ASP D 294 14.07 -46.92 -20.86
N TYR D 295 13.86 -48.17 -21.28
CA TYR D 295 14.85 -48.85 -22.10
C TYR D 295 15.08 -48.13 -23.44
N ALA D 296 14.02 -47.61 -24.04
CA ALA D 296 14.11 -46.84 -25.27
C ALA D 296 15.02 -45.61 -25.09
N VAL D 297 14.83 -44.88 -23.98
CA VAL D 297 15.69 -43.73 -23.72
C VAL D 297 17.11 -44.26 -23.54
N GLY D 298 17.26 -45.42 -22.87
CA GLY D 298 18.60 -45.92 -22.65
C GLY D 298 19.33 -46.22 -23.97
N ALA D 299 18.59 -46.69 -24.98
CA ALA D 299 19.16 -47.00 -26.28
C ALA D 299 19.61 -45.69 -26.97
N VAL D 300 18.87 -44.59 -26.78
CA VAL D 300 19.30 -43.31 -27.33
C VAL D 300 20.63 -42.92 -26.69
N VAL D 301 20.76 -43.00 -25.37
CA VAL D 301 21.98 -42.61 -24.68
C VAL D 301 23.13 -43.47 -25.19
N LYS D 302 22.89 -44.79 -25.28
CA LYS D 302 23.92 -45.71 -25.79
C LYS D 302 24.37 -45.28 -27.18
N LYS D 303 23.45 -44.88 -28.06
CA LYS D 303 23.81 -44.47 -29.41
C LYS D 303 24.59 -43.15 -29.40
N LEU D 304 24.18 -42.19 -28.57
CA LEU D 304 24.91 -40.94 -28.45
C LEU D 304 26.37 -41.20 -28.07
N LYS D 305 26.60 -42.11 -27.11
CA LYS D 305 27.93 -42.45 -26.62
C LYS D 305 28.71 -43.14 -27.75
N GLU D 306 28.05 -44.02 -28.49
CA GLU D 306 28.67 -44.73 -29.60
C GLU D 306 29.13 -43.79 -30.71
N LYS D 307 28.38 -42.70 -30.95
CA LYS D 307 28.70 -41.71 -31.97
C LYS D 307 29.71 -40.68 -31.49
N GLY D 308 30.07 -40.67 -30.20
CA GLY D 308 31.01 -39.73 -29.59
C GLY D 308 30.41 -38.35 -29.33
N VAL D 309 29.07 -38.25 -29.22
CA VAL D 309 28.43 -36.95 -29.16
C VAL D 309 27.70 -36.74 -27.84
N TYR D 310 27.83 -37.66 -26.88
CA TYR D 310 27.00 -37.64 -25.69
C TYR D 310 27.26 -36.43 -24.78
N GLU D 311 28.52 -36.13 -24.52
CA GLU D 311 28.84 -35.08 -23.52
C GLU D 311 28.35 -33.71 -23.99
N ASN D 312 28.25 -33.52 -25.30
CA ASN D 312 27.83 -32.20 -25.82
C ASN D 312 26.39 -32.28 -26.32
N THR D 313 25.58 -33.17 -25.75
CA THR D 313 24.15 -33.30 -26.10
C THR D 313 23.27 -32.93 -24.92
N LEU D 314 22.38 -31.96 -25.12
CA LEU D 314 21.34 -31.60 -24.17
C LEU D 314 20.11 -32.49 -24.44
N ILE D 315 19.83 -33.35 -23.50
CA ILE D 315 18.66 -34.23 -23.49
C ILE D 315 17.62 -33.58 -22.58
N VAL D 316 16.44 -33.41 -23.14
CA VAL D 316 15.31 -32.87 -22.38
C VAL D 316 14.21 -33.94 -22.31
N ILE D 317 13.67 -34.20 -21.12
CA ILE D 317 12.57 -35.16 -20.98
C ILE D 317 11.40 -34.44 -20.31
N THR D 318 10.26 -34.43 -20.99
CA THR D 318 9.09 -33.70 -20.52
C THR D 318 7.83 -34.31 -21.13
N SER D 319 6.68 -33.70 -20.83
CA SER D 319 5.42 -34.11 -21.46
C SER D 319 4.75 -32.86 -22.00
N ASP D 320 3.75 -33.05 -22.88
CA ASP D 320 3.10 -31.90 -23.49
C ASP D 320 2.13 -31.18 -22.52
N HIS D 321 1.53 -31.94 -21.60
CA HIS D 321 0.65 -31.38 -20.58
C HIS D 321 0.22 -32.57 -19.73
N GLY D 322 -0.44 -32.25 -18.63
CA GLY D 322 -0.99 -33.29 -17.76
C GLY D 322 -2.41 -33.73 -18.11
N ASN D 323 -2.81 -34.85 -17.54
CA ASN D 323 -4.20 -35.28 -17.56
C ASN D 323 -4.52 -35.99 -16.25
N PHE D 324 -4.14 -35.35 -15.15
CA PHE D 324 -4.45 -35.89 -13.83
C PHE D 324 -5.85 -35.44 -13.45
N ASP D 325 -6.66 -36.39 -12.97
CA ASP D 325 -8.06 -36.12 -12.59
C ASP D 325 -8.84 -35.43 -13.71
N TYR D 326 -8.57 -35.84 -14.95
CA TYR D 326 -9.27 -35.35 -16.13
C TYR D 326 -9.11 -33.84 -16.27
N GLU D 327 -7.94 -33.30 -15.86
CA GLU D 327 -7.75 -31.87 -15.92
C GLU D 327 -7.06 -31.35 -17.20
N LYS D 328 -6.82 -32.28 -18.14
CA LYS D 328 -6.48 -31.84 -19.48
C LYS D 328 -7.49 -30.80 -19.97
N ALA D 329 -7.02 -29.78 -20.68
CA ALA D 329 -7.89 -28.75 -21.25
C ALA D 329 -8.63 -27.97 -20.18
N THR D 330 -8.07 -27.93 -18.98
CA THR D 330 -8.52 -27.01 -17.94
C THR D 330 -7.32 -26.21 -17.52
N LEU D 331 -7.53 -25.19 -16.68
CA LEU D 331 -6.43 -24.46 -16.07
C LEU D 331 -6.16 -24.90 -14.62
N TYR D 332 -6.56 -26.12 -14.30
CA TYR D 332 -6.21 -26.71 -13.01
C TYR D 332 -4.85 -27.42 -13.09
N GLU D 333 -4.27 -27.79 -11.92
CA GLU D 333 -2.89 -28.21 -11.86
C GLU D 333 -2.67 -29.54 -12.60
N GLY D 334 -3.70 -30.39 -12.70
CA GLY D 334 -3.55 -31.67 -13.36
C GLY D 334 -3.50 -31.59 -14.89
N GLY D 335 -3.69 -30.39 -15.43
CA GLY D 335 -3.40 -30.09 -16.82
C GLY D 335 -2.10 -29.33 -16.96
N LEU D 336 -1.81 -28.39 -16.08
CA LEU D 336 -0.77 -27.40 -16.32
C LEU D 336 0.63 -27.94 -16.02
N GLU D 337 0.74 -28.80 -15.01
CA GLU D 337 2.06 -29.24 -14.50
C GLU D 337 2.61 -30.46 -15.25
N VAL D 338 3.87 -30.36 -15.66
CA VAL D 338 4.50 -31.45 -16.44
C VAL D 338 5.85 -31.81 -15.84
N PRO D 339 6.33 -33.04 -16.07
CA PRO D 339 7.68 -33.39 -15.67
C PRO D 339 8.63 -32.62 -16.55
N LEU D 340 9.79 -32.30 -16.02
CA LEU D 340 10.85 -31.66 -16.83
C LEU D 340 12.20 -31.96 -16.23
N ALA D 341 13.06 -32.64 -16.96
CA ALA D 341 14.46 -32.82 -16.56
C ALA D 341 15.33 -32.50 -17.76
N MET D 342 16.51 -31.98 -17.50
CA MET D 342 17.48 -31.71 -18.54
C MET D 342 18.80 -32.34 -18.15
N HIS D 343 19.46 -32.93 -19.12
CA HIS D 343 20.74 -33.60 -18.92
C HIS D 343 21.71 -33.15 -20.00
N TRP D 344 22.91 -32.66 -19.60
CA TRP D 344 23.87 -32.13 -20.56
C TRP D 344 25.26 -32.18 -19.89
N PRO D 345 26.04 -33.26 -20.08
CA PRO D 345 27.23 -33.41 -19.21
C PRO D 345 28.16 -32.19 -19.25
N ASN D 346 28.27 -31.56 -20.40
CA ASN D 346 29.16 -30.41 -20.48
C ASN D 346 28.60 -29.14 -19.82
N GLY D 347 27.27 -28.95 -19.85
CA GLY D 347 26.67 -27.69 -19.47
C GLY D 347 25.89 -27.66 -18.18
N ILE D 348 25.40 -28.81 -17.66
CA ILE D 348 24.55 -28.83 -16.48
C ILE D 348 25.22 -29.70 -15.42
N LYS D 349 25.44 -29.11 -14.23
CA LYS D 349 26.06 -29.82 -13.14
C LYS D 349 25.09 -30.87 -12.63
N PRO D 350 25.58 -32.05 -12.22
CA PRO D 350 24.69 -33.01 -11.59
C PRO D 350 24.06 -32.57 -10.29
N ASN D 351 22.96 -33.24 -9.92
CA ASN D 351 22.28 -33.06 -8.64
C ASN D 351 21.69 -31.67 -8.54
N SER D 352 21.31 -31.12 -9.69
CA SER D 352 20.80 -29.77 -9.77
C SER D 352 19.27 -29.76 -9.74
N THR D 353 18.71 -28.68 -9.19
CA THR D 353 17.27 -28.45 -9.17
C THR D 353 17.02 -26.98 -9.41
N TYR D 354 15.85 -26.68 -9.99
CA TYR D 354 15.37 -25.30 -10.16
C TYR D 354 13.89 -25.34 -9.83
N ASP D 355 13.45 -24.52 -8.89
CA ASP D 355 12.04 -24.53 -8.43
C ASP D 355 11.29 -23.30 -8.93
N GLY D 356 11.93 -22.49 -9.77
CA GLY D 356 11.25 -21.33 -10.34
C GLY D 356 10.20 -21.70 -11.37
N MET D 357 9.24 -20.81 -11.60
CA MET D 357 8.22 -20.99 -12.63
C MET D 357 8.89 -21.01 -14.01
N VAL D 358 8.69 -22.13 -14.76
CA VAL D 358 9.15 -22.23 -16.14
C VAL D 358 8.01 -22.78 -16.97
N GLN D 359 8.08 -22.58 -18.30
CA GLN D 359 6.94 -22.88 -19.14
C GLN D 359 7.42 -23.36 -20.52
N ASN D 360 6.55 -24.09 -21.20
CA ASN D 360 6.90 -24.70 -22.49
C ASN D 360 7.36 -23.67 -23.51
N ILE D 361 6.93 -22.42 -23.39
CA ILE D 361 7.39 -21.33 -24.26
C ILE D 361 8.88 -21.03 -24.10
N ASP D 362 9.54 -21.51 -23.06
CA ASP D 362 10.93 -21.26 -22.74
C ASP D 362 11.90 -22.14 -23.55
N PHE D 363 11.44 -23.29 -24.06
CA PHE D 363 12.38 -24.21 -24.72
C PHE D 363 13.03 -23.58 -25.96
N THR D 364 12.23 -23.04 -26.86
CA THR D 364 12.73 -22.46 -28.11
C THR D 364 13.80 -21.39 -27.82
N PRO D 365 13.55 -20.32 -27.04
CA PRO D 365 14.58 -19.32 -26.74
C PRO D 365 15.83 -19.88 -26.07
N THR D 366 15.70 -20.93 -25.24
CA THR D 366 16.85 -21.56 -24.59
C THR D 366 17.70 -22.18 -25.68
N PHE D 367 17.08 -22.97 -26.56
CA PHE D 367 17.84 -23.72 -27.56
C PHE D 367 18.45 -22.75 -28.58
N LEU D 368 17.73 -21.69 -28.93
CA LEU D 368 18.25 -20.71 -29.88
C LEU D 368 19.49 -20.03 -29.32
N GLU D 369 19.46 -19.64 -28.04
CA GLU D 369 20.62 -19.04 -27.42
C GLU D 369 21.81 -20.00 -27.46
N LEU D 370 21.58 -21.29 -27.18
CA LEU D 370 22.66 -22.25 -27.15
C LEU D 370 23.23 -22.45 -28.56
N ALA D 371 22.41 -22.28 -29.56
CA ALA D 371 22.76 -22.42 -30.97
C ALA D 371 23.42 -21.16 -31.55
N GLY D 372 23.50 -20.09 -30.73
CA GLY D 372 24.10 -18.82 -31.11
C GLY D 372 23.22 -17.92 -31.97
N VAL D 373 21.89 -18.15 -31.98
CA VAL D 373 20.94 -17.40 -32.79
C VAL D 373 20.63 -16.10 -32.05
N THR D 374 20.60 -14.96 -32.74
CA THR D 374 20.25 -13.73 -32.04
C THR D 374 19.17 -12.98 -32.82
N LYS D 375 18.56 -13.68 -33.78
CA LYS D 375 17.82 -13.06 -34.87
C LYS D 375 16.63 -13.93 -35.28
N VAL D 376 15.40 -13.40 -35.09
CA VAL D 376 14.18 -14.11 -35.45
C VAL D 376 13.19 -13.13 -36.09
N LYS D 377 12.26 -13.66 -36.92
CA LYS D 377 11.18 -12.85 -37.50
C LYS D 377 10.02 -12.78 -36.51
N ASP D 378 9.50 -13.93 -36.05
CA ASP D 378 8.32 -13.95 -35.20
C ASP D 378 8.76 -13.74 -33.74
N SER D 379 8.11 -12.82 -33.01
CA SER D 379 8.52 -12.52 -31.64
C SER D 379 8.31 -13.75 -30.73
N ILE D 380 9.17 -13.89 -29.74
CA ILE D 380 9.16 -15.02 -28.80
C ILE D 380 8.60 -14.53 -27.47
N ASP D 381 7.69 -15.33 -26.90
CA ASP D 381 7.13 -15.05 -25.57
C ASP D 381 7.99 -15.60 -24.44
N GLY D 382 8.55 -16.79 -24.64
CA GLY D 382 9.36 -17.45 -23.62
C GLY D 382 10.63 -16.69 -23.22
N LEU D 383 11.32 -17.23 -22.19
CA LEU D 383 12.57 -16.74 -21.67
C LEU D 383 13.63 -17.82 -21.80
N SER D 384 14.84 -17.42 -22.21
CA SER D 384 15.94 -18.35 -22.24
C SER D 384 16.28 -18.82 -20.83
N LEU D 385 16.45 -20.13 -20.69
CA LEU D 385 16.84 -20.76 -19.42
C LEU D 385 18.34 -20.97 -19.28
N THR D 386 19.17 -20.40 -20.17
CA THR D 386 20.57 -20.76 -20.14
C THR D 386 21.25 -20.34 -18.83
N ASN D 387 20.88 -19.22 -18.18
CA ASN D 387 21.51 -18.88 -16.91
C ASN D 387 21.06 -19.80 -15.78
N VAL D 388 19.81 -20.31 -15.88
CA VAL D 388 19.32 -21.31 -14.95
C VAL D 388 20.09 -22.63 -15.09
N LEU D 389 20.25 -23.08 -16.34
CA LEU D 389 20.96 -24.30 -16.67
C LEU D 389 22.39 -24.28 -16.14
N ALA D 390 23.03 -23.11 -16.21
CA ALA D 390 24.39 -22.92 -15.72
C ALA D 390 24.49 -22.86 -14.20
N GLY D 391 23.38 -22.77 -13.47
CA GLY D 391 23.43 -22.64 -12.04
C GLY D 391 23.72 -21.22 -11.59
N LYS D 392 23.65 -20.27 -12.54
CA LYS D 392 23.93 -18.87 -12.23
C LYS D 392 22.69 -18.21 -11.67
N GLU D 393 21.55 -18.45 -12.32
CA GLU D 393 20.29 -17.90 -11.85
C GLU D 393 19.61 -18.89 -10.91
N LYS D 394 19.33 -18.46 -9.67
CA LYS D 394 18.61 -19.30 -8.73
C LYS D 394 17.27 -18.68 -8.32
N LYS D 395 17.03 -17.41 -8.67
CA LYS D 395 15.78 -16.70 -8.40
C LYS D 395 14.75 -17.03 -9.48
N GLU D 396 13.51 -16.63 -9.23
CA GLU D 396 12.48 -16.61 -10.27
C GLU D 396 12.96 -15.75 -11.41
N ILE D 397 12.57 -16.11 -12.64
CA ILE D 397 12.89 -15.31 -13.86
C ILE D 397 11.61 -14.59 -14.36
N ARG D 398 10.46 -14.86 -13.75
CA ARG D 398 9.21 -14.15 -14.11
C ARG D 398 8.37 -13.94 -12.84
N ASP D 399 7.50 -12.93 -12.87
CA ASP D 399 6.62 -12.60 -11.72
C ASP D 399 5.39 -13.50 -11.78
N TYR D 400 4.97 -13.86 -12.98
CA TYR D 400 3.77 -14.70 -13.15
C TYR D 400 3.75 -15.40 -14.50
N LEU D 401 3.00 -16.48 -14.56
CA LEU D 401 2.76 -17.24 -15.78
C LEU D 401 1.38 -16.93 -16.34
N PHE D 402 1.25 -16.99 -17.65
CA PHE D 402 0.03 -16.84 -18.39
C PHE D 402 -0.42 -18.18 -18.97
N PHE D 403 -1.73 -18.40 -19.06
CA PHE D 403 -2.36 -19.60 -19.56
C PHE D 403 -3.58 -19.25 -20.38
N GLU D 404 -3.92 -20.13 -21.32
CA GLU D 404 -5.13 -19.99 -22.12
C GLU D 404 -5.62 -21.35 -22.54
N ILE D 405 -6.91 -21.59 -22.50
CA ILE D 405 -7.48 -22.79 -23.08
C ILE D 405 -8.92 -22.46 -23.44
N GLY D 406 -9.30 -22.62 -24.71
CA GLY D 406 -10.68 -22.35 -25.03
C GLY D 406 -11.14 -20.95 -24.57
N LEU D 407 -12.30 -20.93 -23.90
CA LEU D 407 -12.88 -19.69 -23.37
C LEU D 407 -12.24 -19.17 -22.08
N ALA D 408 -11.27 -19.92 -21.53
CA ALA D 408 -10.58 -19.55 -20.29
C ALA D 408 -9.24 -18.89 -20.55
N ARG D 409 -8.90 -17.95 -19.68
CA ARG D 409 -7.56 -17.39 -19.60
C ARG D 409 -7.18 -17.40 -18.14
N GLY D 410 -5.90 -17.47 -17.85
CA GLY D 410 -5.47 -17.44 -16.47
C GLY D 410 -4.07 -16.89 -16.25
N VAL D 411 -3.77 -16.56 -14.99
CA VAL D 411 -2.43 -16.27 -14.54
C VAL D 411 -2.13 -16.95 -13.22
N ARG D 412 -0.86 -17.26 -12.96
CA ARG D 412 -0.52 -17.60 -11.60
C ARG D 412 0.81 -16.98 -11.21
N THR D 413 0.91 -16.60 -9.92
CA THR D 413 2.15 -16.37 -9.22
C THR D 413 2.54 -17.60 -8.40
N LYS D 414 3.55 -17.47 -7.52
CA LYS D 414 3.90 -18.55 -6.62
C LYS D 414 2.74 -18.94 -5.70
N ASP D 415 1.97 -17.96 -5.24
CA ASP D 415 0.98 -18.20 -4.20
C ASP D 415 -0.48 -18.08 -4.66
N TRP D 416 -0.76 -17.53 -5.85
CA TRP D 416 -2.12 -17.35 -6.28
C TRP D 416 -2.34 -17.77 -7.73
N LYS D 417 -3.54 -18.19 -8.04
CA LYS D 417 -4.00 -18.48 -9.41
C LYS D 417 -5.34 -17.81 -9.67
N TYR D 418 -5.47 -17.12 -10.79
CA TYR D 418 -6.71 -16.49 -11.23
C TYR D 418 -7.08 -17.03 -12.59
N ILE D 419 -8.35 -17.40 -12.76
CA ILE D 419 -8.92 -17.90 -13.99
C ILE D 419 -10.13 -17.04 -14.33
N ALA D 420 -10.24 -16.63 -15.60
CA ALA D 420 -11.39 -15.92 -16.12
C ALA D 420 -11.93 -16.70 -17.30
N VAL D 421 -13.24 -16.91 -17.36
CA VAL D 421 -13.91 -17.58 -18.44
C VAL D 421 -14.87 -16.56 -19.07
N ARG D 422 -14.75 -16.29 -20.38
CA ARG D 422 -15.64 -15.33 -21.04
C ARG D 422 -16.15 -15.95 -22.33
N TYR D 423 -17.43 -15.74 -22.68
CA TYR D 423 -18.04 -16.56 -23.70
C TYR D 423 -17.90 -15.96 -25.10
N ASP D 424 -17.75 -16.83 -26.10
CA ASP D 424 -17.87 -16.44 -27.50
C ASP D 424 -19.34 -16.14 -27.83
N GLU D 425 -19.56 -15.54 -29.01
CA GLU D 425 -20.90 -15.14 -29.44
C GLU D 425 -21.84 -16.33 -29.59
N ALA D 426 -21.38 -17.42 -30.23
CA ALA D 426 -22.22 -18.58 -30.46
C ALA D 426 -22.70 -19.15 -29.13
N SER D 427 -21.77 -19.26 -28.17
CA SER D 427 -22.10 -19.83 -26.86
C SER D 427 -23.12 -18.96 -26.12
N GLN D 428 -22.89 -17.65 -26.13
CA GLN D 428 -23.76 -16.69 -25.46
C GLN D 428 -25.19 -16.71 -26.02
N ARG D 429 -25.35 -16.89 -27.33
CA ARG D 429 -26.67 -17.00 -27.96
C ARG D 429 -27.41 -18.24 -27.44
N ILE D 430 -26.72 -19.39 -27.35
CA ILE D 430 -27.34 -20.60 -26.85
C ILE D 430 -27.73 -20.41 -25.37
N VAL D 431 -26.88 -19.70 -24.61
CA VAL D 431 -27.19 -19.47 -23.20
C VAL D 431 -28.44 -18.60 -23.14
N ASP D 432 -28.50 -17.57 -23.99
CA ASP D 432 -29.61 -16.61 -24.00
C ASP D 432 -30.90 -17.27 -24.49
N SER D 433 -30.77 -18.26 -25.38
CA SER D 433 -31.91 -19.04 -25.85
C SER D 433 -32.54 -19.84 -24.72
N GLY D 434 -31.80 -20.10 -23.64
CA GLY D 434 -32.27 -20.92 -22.53
C GLY D 434 -32.16 -22.41 -22.83
N LYS D 435 -31.84 -22.78 -24.07
CA LYS D 435 -31.64 -24.17 -24.44
C LYS D 435 -30.29 -24.61 -23.88
N MET D 436 -30.20 -25.88 -23.50
CA MET D 436 -28.93 -26.44 -23.07
C MET D 436 -28.07 -26.79 -24.28
N PHE D 437 -26.77 -26.94 -24.02
CA PHE D 437 -25.85 -27.46 -25.02
C PHE D 437 -26.05 -28.96 -25.12
N LYS D 438 -25.93 -29.47 -26.36
CA LYS D 438 -25.91 -30.89 -26.64
C LYS D 438 -24.53 -31.47 -26.28
N GLY D 439 -24.50 -32.35 -25.26
CA GLY D 439 -23.23 -32.84 -24.75
C GLY D 439 -22.96 -34.30 -25.10
N TYR D 440 -21.67 -34.67 -24.93
CA TYR D 440 -21.16 -36.01 -25.16
C TYR D 440 -22.11 -37.03 -24.53
N LYS D 441 -22.46 -38.07 -25.31
CA LYS D 441 -23.22 -39.21 -24.83
C LYS D 441 -24.45 -38.78 -24.02
N GLY D 442 -25.15 -37.75 -24.50
CA GLY D 442 -26.43 -37.37 -23.92
C GLY D 442 -26.31 -36.36 -22.78
N HIS D 443 -25.07 -36.06 -22.32
CA HIS D 443 -24.86 -35.22 -21.14
C HIS D 443 -24.92 -33.74 -21.51
N ASP D 444 -26.14 -33.22 -21.58
CA ASP D 444 -26.39 -31.84 -21.94
C ASP D 444 -26.06 -30.94 -20.75
N HIS D 445 -25.72 -29.68 -21.03
CA HIS D 445 -25.21 -28.78 -20.01
C HIS D 445 -25.73 -27.37 -20.29
N LYS D 446 -25.95 -26.62 -19.21
CA LYS D 446 -26.49 -25.26 -19.29
C LYS D 446 -25.46 -24.24 -19.79
N LEU D 447 -24.19 -24.38 -19.35
CA LEU D 447 -23.18 -23.38 -19.66
C LEU D 447 -22.13 -24.02 -20.55
N PRO D 448 -21.41 -23.24 -21.38
CA PRO D 448 -20.47 -23.84 -22.33
C PRO D 448 -19.25 -24.43 -21.61
N HIS D 449 -18.64 -25.44 -22.22
CA HIS D 449 -17.31 -25.88 -21.77
C HIS D 449 -16.26 -24.92 -22.30
N TYR D 450 -15.01 -25.01 -21.79
CA TYR D 450 -13.98 -24.10 -22.29
C TYR D 450 -13.75 -24.38 -23.79
N VAL D 451 -13.79 -25.66 -24.14
CA VAL D 451 -13.44 -26.13 -25.47
C VAL D 451 -14.68 -26.68 -26.17
N ARG D 452 -14.61 -26.68 -27.51
CA ARG D 452 -15.68 -27.25 -28.33
C ARG D 452 -15.78 -28.77 -28.19
N ASN D 453 -14.65 -29.44 -27.98
CA ASN D 453 -14.64 -30.88 -27.88
C ASN D 453 -15.46 -31.32 -26.68
N GLY D 454 -16.64 -31.92 -26.96
CA GLY D 454 -17.58 -32.38 -25.95
C GLY D 454 -17.02 -33.47 -25.04
N HIS D 455 -16.10 -34.30 -25.54
CA HIS D 455 -15.49 -35.37 -24.77
C HIS D 455 -14.61 -34.78 -23.67
N LEU D 456 -13.72 -33.88 -24.08
CA LEU D 456 -12.81 -33.22 -23.15
C LEU D 456 -13.62 -32.41 -22.15
N GLY D 457 -14.64 -31.71 -22.64
CA GLY D 457 -15.46 -30.86 -21.79
C GLY D 457 -16.19 -31.66 -20.70
N TYR D 458 -16.83 -32.77 -21.13
CA TYR D 458 -17.61 -33.60 -20.22
C TYR D 458 -16.69 -34.12 -19.12
N TYR D 459 -15.52 -34.62 -19.48
CA TYR D 459 -14.68 -35.28 -18.48
C TYR D 459 -14.04 -34.22 -17.58
N GLY D 460 -13.76 -33.05 -18.14
CA GLY D 460 -13.10 -31.98 -17.40
C GLY D 460 -14.02 -31.41 -16.34
N ALA D 461 -15.32 -31.37 -16.65
CA ALA D 461 -16.30 -30.77 -15.75
C ALA D 461 -16.89 -31.78 -14.78
N LYS D 462 -16.85 -33.07 -15.11
CA LYS D 462 -17.63 -34.08 -14.37
C LYS D 462 -17.43 -34.02 -12.86
N ASP D 463 -16.18 -34.02 -12.40
CA ASP D 463 -15.94 -34.02 -10.96
C ASP D 463 -15.33 -32.71 -10.51
N HIS D 464 -15.60 -31.62 -11.22
CA HIS D 464 -15.05 -30.28 -10.91
C HIS D 464 -16.19 -29.28 -10.68
N PRO D 465 -16.64 -29.11 -9.42
CA PRO D 465 -17.72 -28.19 -9.10
C PRO D 465 -17.50 -26.74 -9.48
N LEU D 466 -16.26 -26.30 -9.58
CA LEU D 466 -15.93 -24.88 -9.90
C LEU D 466 -15.64 -24.70 -11.39
N TYR D 467 -15.75 -25.76 -12.19
CA TYR D 467 -15.37 -25.68 -13.59
C TYR D 467 -16.00 -24.50 -14.32
N PHE D 468 -17.30 -24.27 -14.12
CA PHE D 468 -18.02 -23.28 -14.89
C PHE D 468 -18.02 -21.90 -14.22
N ASP D 469 -17.37 -21.77 -13.06
CA ASP D 469 -17.26 -20.48 -12.43
C ASP D 469 -16.53 -19.51 -13.34
N LYS D 470 -17.11 -18.33 -13.57
CA LYS D 470 -16.51 -17.45 -14.56
C LYS D 470 -15.28 -16.70 -14.05
N ASN D 471 -15.12 -16.57 -12.73
CA ASN D 471 -13.97 -15.94 -12.12
C ASN D 471 -13.59 -16.82 -10.95
N GLN D 472 -12.35 -17.33 -10.97
CA GLN D 472 -11.87 -18.26 -9.97
C GLN D 472 -10.56 -17.73 -9.45
N LEU D 473 -10.41 -17.69 -8.11
CA LEU D 473 -9.18 -17.29 -7.44
C LEU D 473 -8.81 -18.33 -6.41
N PHE D 474 -7.59 -18.84 -6.48
CA PHE D 474 -7.10 -19.85 -5.55
C PHE D 474 -5.83 -19.41 -4.87
N ASN D 475 -5.75 -19.66 -3.54
CA ASN D 475 -4.53 -19.52 -2.81
C ASN D 475 -3.83 -20.85 -2.78
N ARG D 476 -2.63 -20.88 -3.35
CA ARG D 476 -1.92 -22.11 -3.61
C ARG D 476 -1.31 -22.69 -2.34
N VAL D 477 -1.19 -21.86 -1.29
CA VAL D 477 -0.72 -22.29 0.02
C VAL D 477 -1.82 -22.89 0.87
N THR D 478 -2.95 -22.21 1.04
CA THR D 478 -4.04 -22.74 1.86
C THR D 478 -4.83 -23.80 1.09
N ASP D 479 -4.75 -23.80 -0.24
CA ASP D 479 -5.65 -24.64 -1.05
C ASP D 479 -4.95 -25.21 -2.29
N PRO D 480 -3.97 -26.09 -2.09
CA PRO D 480 -3.28 -26.70 -3.21
C PRO D 480 -4.16 -27.52 -4.15
N GLU D 481 -5.31 -28.01 -3.67
CA GLU D 481 -6.22 -28.85 -4.48
C GLU D 481 -7.23 -27.98 -5.27
N GLU D 482 -7.20 -26.67 -5.07
CA GLU D 482 -8.05 -25.72 -5.83
C GLU D 482 -9.52 -26.09 -5.64
N THR D 483 -9.93 -26.22 -4.37
CA THR D 483 -11.31 -26.55 -4.09
C THR D 483 -12.15 -25.36 -3.60
N LYS D 484 -11.52 -24.20 -3.35
CA LYS D 484 -12.24 -23.09 -2.71
C LYS D 484 -12.00 -21.78 -3.48
N ASN D 485 -13.04 -21.30 -4.10
CA ASN D 485 -12.96 -20.10 -4.91
C ASN D 485 -12.95 -18.87 -3.98
N LEU D 486 -11.89 -18.06 -4.03
CA LEU D 486 -11.74 -16.87 -3.20
C LEU D 486 -12.05 -15.58 -3.95
N TYR D 487 -12.69 -15.67 -5.13
CA TYR D 487 -12.88 -14.49 -5.94
C TYR D 487 -13.62 -13.39 -5.16
N ASN D 488 -14.65 -13.76 -4.40
CA ASN D 488 -15.43 -12.75 -3.66
C ASN D 488 -14.94 -12.58 -2.23
N ILE D 489 -13.97 -13.37 -1.78
CA ILE D 489 -13.42 -13.36 -0.42
C ILE D 489 -12.22 -12.43 -0.36
N ASN D 490 -11.41 -12.39 -1.43
CA ASN D 490 -10.20 -11.62 -1.53
C ASN D 490 -10.28 -10.75 -2.78
N SER D 491 -11.15 -9.74 -2.77
CA SER D 491 -11.50 -8.98 -3.94
C SER D 491 -10.35 -8.09 -4.40
N LYS D 492 -9.58 -7.54 -3.47
CA LYS D 492 -8.41 -6.73 -3.84
C LYS D 492 -7.34 -7.61 -4.52
N LYS D 493 -7.16 -8.84 -4.02
CA LYS D 493 -6.20 -9.74 -4.64
C LYS D 493 -6.68 -10.10 -6.02
N ALA D 494 -7.98 -10.34 -6.19
CA ALA D 494 -8.51 -10.64 -7.50
C ALA D 494 -8.18 -9.51 -8.47
N ASP D 495 -8.36 -8.27 -8.03
CA ASP D 495 -8.12 -7.12 -8.91
C ASP D 495 -6.64 -7.06 -9.30
N GLU D 496 -5.74 -7.40 -8.39
CA GLU D 496 -4.30 -7.44 -8.63
C GLU D 496 -3.99 -8.49 -9.73
N MET D 497 -4.64 -9.65 -9.65
CA MET D 497 -4.38 -10.72 -10.60
C MET D 497 -4.96 -10.35 -11.96
N LYS D 498 -6.10 -9.65 -12.00
CA LYS D 498 -6.68 -9.21 -13.24
C LYS D 498 -5.72 -8.26 -13.98
N LYS D 499 -4.98 -7.44 -13.25
CA LYS D 499 -4.08 -6.49 -13.88
C LYS D 499 -2.98 -7.26 -14.61
N LYS D 500 -2.50 -8.35 -13.99
CA LYS D 500 -1.47 -9.22 -14.57
C LYS D 500 -2.01 -9.89 -15.81
N LEU D 501 -3.24 -10.40 -15.74
CA LEU D 501 -3.90 -10.98 -16.88
C LEU D 501 -3.97 -9.96 -18.03
N LEU D 502 -4.48 -8.76 -17.73
CA LEU D 502 -4.65 -7.74 -18.76
C LEU D 502 -3.33 -7.44 -19.47
N GLU D 503 -2.24 -7.38 -18.73
CA GLU D 503 -0.92 -7.09 -19.25
C GLU D 503 -0.56 -8.10 -20.35
N LYS D 504 -0.88 -9.39 -20.15
CA LYS D 504 -0.69 -10.37 -21.21
C LYS D 504 -1.70 -10.18 -22.35
N LEU D 505 -2.99 -10.01 -22.02
CA LEU D 505 -4.05 -10.00 -23.01
C LEU D 505 -3.81 -8.91 -24.07
N VAL D 506 -3.30 -7.74 -23.62
CA VAL D 506 -3.16 -6.61 -24.55
C VAL D 506 -2.02 -6.86 -25.54
N THR D 507 -1.23 -7.92 -25.34
CA THR D 507 -0.10 -8.18 -26.25
C THR D 507 -0.55 -8.96 -27.47
N PHE D 508 -1.85 -9.30 -27.58
CA PHE D 508 -2.46 -10.06 -28.64
C PHE D 508 -3.34 -9.11 -29.46
N PRO D 509 -2.77 -8.51 -30.52
CA PRO D 509 -3.54 -7.54 -31.34
C PRO D 509 -4.81 -8.12 -31.91
N ASP D 510 -5.89 -7.31 -31.89
CA ASP D 510 -7.19 -7.63 -32.47
C ASP D 510 -7.85 -8.87 -31.85
N ARG D 511 -7.54 -9.11 -30.55
CA ARG D 511 -8.12 -10.21 -29.81
C ARG D 511 -8.78 -9.70 -28.53
N PRO D 512 -10.12 -9.55 -28.56
CA PRO D 512 -10.82 -9.08 -27.39
C PRO D 512 -10.97 -10.23 -26.41
N PHE D 513 -11.34 -9.88 -25.17
CA PHE D 513 -11.69 -10.89 -24.19
C PHE D 513 -12.55 -10.25 -23.09
N GLY D 514 -13.82 -10.60 -23.14
CA GLY D 514 -14.81 -10.06 -22.20
C GLY D 514 -14.66 -8.56 -22.00
N GLU D 515 -14.71 -8.14 -20.74
CA GLU D 515 -14.59 -6.74 -20.35
C GLU D 515 -13.13 -6.28 -20.23
N PHE D 516 -12.17 -7.21 -20.32
CA PHE D 516 -10.78 -6.86 -20.20
C PHE D 516 -10.38 -5.99 -21.41
N ILE D 517 -10.78 -6.48 -22.59
CA ILE D 517 -10.52 -5.82 -23.86
C ILE D 517 -11.80 -5.98 -24.66
N ASN D 518 -12.53 -4.86 -24.84
CA ASN D 518 -13.86 -4.94 -25.43
C ASN D 518 -13.71 -5.02 -26.95
N LYS D 519 -14.59 -5.78 -27.62
CA LYS D 519 -14.63 -5.81 -29.07
C LYS D 519 -14.90 -4.39 -29.60
MG MG E . 26.03 3.00 17.64
MG MG F . -10.96 29.93 -16.75
MG MG G . -25.77 -9.81 20.27
MG MG H . -1.30 -34.43 -25.12
#